data_5JD4
#
_entry.id   5JD4
#
_cell.length_a   90.275
_cell.length_b   90.098
_cell.length_c   110.760
_cell.angle_alpha   68.02
_cell.angle_beta   79.60
_cell.angle_gamma   67.57
#
_symmetry.space_group_name_H-M   'P 1'
#
loop_
_entity.id
_entity.type
_entity.pdbx_description
1 polymer LAE6
2 non-polymer 'SULFATE ION'
3 non-polymer GLYCEROL
4 non-polymer 'CHLORIDE ION'
5 non-polymer 3,6,9,12,15,18,21,24,27,30,33,36,39-TRIDECAOXAHENTETRACONTANE-1,41-DIOL
6 non-polymer BENZAMIDINE
7 water water
#
_entity_poly.entity_id   1
_entity_poly.type   'polypeptide(L)'
_entity_poly.pdbx_seq_one_letter_code
;MGSSHHHHHHSSGRENLYFQGMLLPETRNLLDLMDAATRGGRPRLETLPHAVGRKAVDKMSEDGEADPPEVAEVANGGFA
GPASEIRFRRYRPLGEAAGLLPTLIYYHGGGFVIGNIETHDSTCRRLANKSRCQVISIDYRLAPEHPFPAPIDDGIAAFR
HIRDNAESFGADAARLAVGGDAAGGAMAAVVCQACRDAGETGPAFQMLIYPATDSSRESASRVAFAEGYFLSKALMDWFW
EAYVPEDTDLTDLRLSPLLATDFTGLPPAFVLTAGYDPLRDEGRAYADRLIEAGIKTTYVNYPGTIHGFFSLTRFLSQGL
KANDEAAAVMGAHFGT
;
_entity_poly.pdbx_strand_id   A,B,C,D,E,F,G,H
#
# COMPACT_ATOMS: atom_id res chain seq x y z
N GLN A 20 7.08 -11.53 3.04
CA GLN A 20 6.25 -12.70 2.79
C GLN A 20 7.07 -13.99 2.73
N GLY A 21 8.31 -13.87 2.23
CA GLY A 21 9.16 -15.03 2.07
C GLY A 21 9.61 -15.64 3.39
N MET A 22 9.79 -14.80 4.39
CA MET A 22 10.28 -15.25 5.70
C MET A 22 9.16 -15.81 6.56
N LEU A 23 7.93 -15.76 6.04
CA LEU A 23 6.76 -16.25 6.75
C LEU A 23 6.80 -17.77 6.93
N LEU A 24 6.60 -18.23 8.18
CA LEU A 24 6.58 -19.66 8.46
C LEU A 24 5.32 -20.30 7.85
N PRO A 25 5.42 -21.58 7.44
CA PRO A 25 4.29 -22.31 6.89
C PRO A 25 3.05 -22.27 7.79
N GLU A 26 3.24 -22.38 9.10
CA GLU A 26 2.12 -22.37 10.03
C GLU A 26 1.50 -20.98 10.11
N THR A 27 2.31 -19.95 9.92
CA THR A 27 1.83 -18.58 9.96
C THR A 27 1.03 -18.27 8.70
N ARG A 28 1.60 -18.63 7.56
CA ARG A 28 0.93 -18.45 6.28
C ARG A 28 -0.38 -19.22 6.24
N ASN A 29 -0.37 -20.44 6.78
CA ASN A 29 -1.56 -21.28 6.81
C ASN A 29 -2.71 -20.61 7.56
N LEU A 30 -2.41 -20.06 8.73
CA LEU A 30 -3.43 -19.40 9.55
C LEU A 30 -3.98 -18.15 8.86
N LEU A 31 -3.08 -17.38 8.25
CA LEU A 31 -3.50 -16.19 7.51
C LEU A 31 -4.37 -16.57 6.32
N ASP A 32 -4.04 -17.69 5.67
CA ASP A 32 -4.84 -18.17 4.54
C ASP A 32 -6.23 -18.58 5.01
N LEU A 33 -6.30 -19.29 6.13
CA LEU A 33 -7.57 -19.69 6.72
C LEU A 33 -8.41 -18.46 7.07
N MET A 34 -7.77 -17.46 7.67
CA MET A 34 -8.44 -16.22 8.02
C MET A 34 -8.95 -15.49 6.78
N ASP A 35 -8.12 -15.41 5.74
CA ASP A 35 -8.50 -14.75 4.50
CA ASP A 35 -8.51 -14.75 4.49
C ASP A 35 -9.67 -15.47 3.83
N ALA A 36 -9.65 -16.80 3.88
CA ALA A 36 -10.71 -17.61 3.31
C ALA A 36 -12.02 -17.37 4.04
N ALA A 37 -11.93 -17.20 5.36
CA ALA A 37 -13.10 -16.95 6.19
C ALA A 37 -13.73 -15.59 5.85
N THR A 38 -12.88 -14.57 5.71
CA THR A 38 -13.34 -13.22 5.39
C THR A 38 -14.07 -13.19 4.05
N ARG A 39 -13.47 -13.81 3.04
CA ARG A 39 -14.08 -13.88 1.72
C ARG A 39 -15.32 -14.77 1.74
N GLY A 40 -15.38 -15.66 2.72
CA GLY A 40 -16.54 -16.52 2.90
C GLY A 40 -17.75 -15.73 3.36
N GLY A 41 -17.51 -14.70 4.17
CA GLY A 41 -18.57 -13.85 4.65
C GLY A 41 -18.38 -13.34 6.07
N ARG A 42 -17.32 -13.78 6.72
CA ARG A 42 -17.03 -13.35 8.09
C ARG A 42 -16.65 -11.88 8.14
N PRO A 43 -17.45 -11.08 8.86
CA PRO A 43 -17.23 -9.62 8.95
C PRO A 43 -15.98 -9.25 9.73
N ARG A 44 -15.21 -8.31 9.21
CA ARG A 44 -14.04 -7.81 9.91
C ARG A 44 -14.47 -7.08 11.18
N LEU A 45 -13.65 -7.21 12.22
CA LEU A 45 -13.99 -6.67 13.53
C LEU A 45 -14.21 -5.15 13.50
N GLU A 46 -13.49 -4.44 12.63
CA GLU A 46 -13.56 -3.00 12.60
C GLU A 46 -14.85 -2.46 11.98
N THR A 47 -15.65 -3.36 11.41
CA THR A 47 -16.91 -2.97 10.79
C THR A 47 -18.09 -3.11 11.75
N LEU A 48 -17.81 -3.50 12.99
CA LEU A 48 -18.86 -3.75 13.98
C LEU A 48 -18.83 -2.73 15.11
N PRO A 49 -19.97 -2.52 15.77
CA PRO A 49 -19.98 -1.77 17.02
C PRO A 49 -19.08 -2.47 18.04
N HIS A 50 -18.41 -1.71 18.90
CA HIS A 50 -17.38 -2.26 19.77
C HIS A 50 -17.89 -3.37 20.70
N ALA A 51 -19.00 -3.12 21.40
CA ALA A 51 -19.54 -4.09 22.34
C ALA A 51 -20.00 -5.35 21.61
N VAL A 52 -20.64 -5.16 20.46
CA VAL A 52 -21.08 -6.28 19.62
C VAL A 52 -19.89 -7.10 19.15
N GLY A 53 -18.92 -6.40 18.54
CA GLY A 53 -17.72 -7.05 18.04
C GLY A 53 -16.94 -7.77 19.12
N ARG A 54 -16.89 -7.15 20.30
CA ARG A 54 -16.16 -7.72 21.43
C ARG A 54 -16.62 -9.13 21.76
N LYS A 55 -17.94 -9.31 21.88
CA LYS A 55 -18.50 -10.60 22.25
C LYS A 55 -18.14 -11.68 21.23
N ALA A 56 -18.22 -11.32 19.96
CA ALA A 56 -17.94 -12.26 18.88
C ALA A 56 -16.45 -12.66 18.83
N VAL A 57 -15.56 -11.68 18.94
CA VAL A 57 -14.14 -11.95 18.78
C VAL A 57 -13.53 -12.62 20.01
N ASP A 58 -14.09 -12.36 21.19
CA ASP A 58 -13.58 -12.95 22.41
C ASP A 58 -13.73 -14.48 22.40
N LYS A 59 -14.85 -14.95 21.85
CA LYS A 59 -15.05 -16.39 21.73
C LYS A 59 -14.05 -16.98 20.76
N MET A 60 -13.76 -16.26 19.68
CA MET A 60 -12.77 -16.69 18.71
C MET A 60 -11.38 -16.73 19.34
N SER A 61 -11.08 -15.73 20.15
CA SER A 61 -9.81 -15.69 20.88
C SER A 61 -9.69 -16.89 21.82
N GLU A 62 -10.78 -17.25 22.48
CA GLU A 62 -10.78 -18.43 23.34
C GLU A 62 -10.49 -19.69 22.53
N ASP A 63 -11.17 -19.84 21.40
CA ASP A 63 -10.98 -20.99 20.54
C ASP A 63 -9.60 -21.01 19.89
N GLY A 64 -8.95 -19.85 19.85
CA GLY A 64 -7.66 -19.72 19.23
C GLY A 64 -6.51 -20.22 20.10
N GLU A 65 -6.78 -20.39 21.39
CA GLU A 65 -5.80 -20.91 22.32
C GLU A 65 -5.71 -22.44 22.25
N ALA A 66 -4.55 -22.98 22.58
CA ALA A 66 -4.40 -24.42 22.71
C ALA A 66 -5.24 -24.91 23.89
N ASP A 67 -5.45 -26.21 23.98
CA ASP A 67 -6.20 -26.79 25.09
C ASP A 67 -5.58 -26.40 26.42
N PRO A 68 -6.41 -26.05 27.40
CA PRO A 68 -5.89 -25.59 28.69
C PRO A 68 -5.25 -26.73 29.49
N PRO A 69 -3.96 -26.61 29.81
CA PRO A 69 -3.31 -27.63 30.62
C PRO A 69 -3.79 -27.58 32.07
N GLU A 70 -3.77 -28.72 32.75
CA GLU A 70 -4.10 -28.75 34.16
C GLU A 70 -3.04 -28.01 34.97
N VAL A 71 -3.48 -27.29 35.99
CA VAL A 71 -2.58 -26.71 36.97
C VAL A 71 -2.96 -27.22 38.36
N ALA A 72 -2.20 -26.84 39.38
CA ALA A 72 -2.47 -27.31 40.73
C ALA A 72 -3.77 -26.74 41.29
N GLU A 73 -4.02 -25.47 41.01
CA GLU A 73 -5.20 -24.80 41.54
C GLU A 73 -5.55 -23.53 40.76
N VAL A 74 -6.84 -23.30 40.56
CA VAL A 74 -7.32 -22.07 39.95
C VAL A 74 -8.28 -21.36 40.90
N ALA A 75 -8.00 -20.09 41.17
CA ALA A 75 -8.83 -19.31 42.08
C ALA A 75 -9.46 -18.12 41.37
N ASN A 76 -10.72 -17.87 41.65
CA ASN A 76 -11.44 -16.73 41.09
C ASN A 76 -11.97 -15.81 42.18
N GLY A 77 -11.75 -14.51 42.01
CA GLY A 77 -12.26 -13.54 42.96
C GLY A 77 -12.19 -12.13 42.40
N GLY A 78 -12.53 -11.16 43.25
CA GLY A 78 -12.43 -9.75 42.87
C GLY A 78 -12.08 -8.87 44.06
N PHE A 79 -11.58 -7.67 43.77
CA PHE A 79 -11.32 -6.68 44.81
C PHE A 79 -11.72 -5.28 44.32
N ALA A 80 -11.82 -4.33 45.25
CA ALA A 80 -12.25 -2.98 44.89
C ALA A 80 -11.15 -2.21 44.16
N GLY A 81 -11.42 -1.87 42.90
CA GLY A 81 -10.54 -1.00 42.14
C GLY A 81 -10.91 0.45 42.37
N PRO A 82 -10.26 1.37 41.63
CA PRO A 82 -10.47 2.81 41.74
C PRO A 82 -11.92 3.26 41.55
N ALA A 83 -12.66 2.57 40.69
CA ALA A 83 -14.03 2.99 40.37
C ALA A 83 -14.96 1.80 40.10
N SER A 84 -14.45 0.60 40.31
CA SER A 84 -15.23 -0.62 40.09
C SER A 84 -14.56 -1.82 40.72
N GLU A 85 -15.19 -2.98 40.63
CA GLU A 85 -14.56 -4.22 41.07
C GLU A 85 -13.61 -4.72 40.00
N ILE A 86 -12.42 -5.16 40.42
CA ILE A 86 -11.47 -5.76 39.50
C ILE A 86 -11.39 -7.27 39.76
N ARG A 87 -11.85 -8.05 38.79
CA ARG A 87 -11.82 -9.51 38.88
C ARG A 87 -10.44 -10.06 38.55
N PHE A 88 -10.03 -11.11 39.24
CA PHE A 88 -8.74 -11.74 38.97
C PHE A 88 -8.87 -13.27 38.94
N ARG A 89 -7.87 -13.92 38.34
CA ARG A 89 -7.80 -15.37 38.35
C ARG A 89 -6.38 -15.81 38.65
N ARG A 90 -6.22 -16.60 39.70
CA ARG A 90 -4.90 -17.08 40.10
C ARG A 90 -4.66 -18.48 39.58
N TYR A 91 -3.45 -18.72 39.10
CA TYR A 91 -3.05 -20.04 38.62
C TYR A 91 -1.86 -20.56 39.42
N ARG A 92 -2.06 -21.65 40.14
CA ARG A 92 -0.98 -22.27 40.90
C ARG A 92 -0.32 -23.37 40.07
N PRO A 93 1.00 -23.29 39.88
CA PRO A 93 1.74 -24.25 39.05
C PRO A 93 1.81 -25.65 39.65
N LEU A 94 1.75 -26.66 38.79
CA LEU A 94 1.92 -28.05 39.21
C LEU A 94 3.28 -28.25 39.88
N GLY A 95 3.30 -29.08 40.92
CA GLY A 95 4.54 -29.49 41.56
C GLY A 95 5.10 -28.52 42.60
N GLU A 96 4.46 -27.37 42.76
CA GLU A 96 4.94 -26.36 43.70
C GLU A 96 4.08 -26.34 44.97
N ALA A 97 4.72 -26.58 46.11
CA ALA A 97 4.00 -26.75 47.37
C ALA A 97 4.16 -25.56 48.32
N ALA A 98 5.04 -24.62 47.97
CA ALA A 98 5.31 -23.48 48.85
C ALA A 98 4.08 -22.59 49.01
N GLY A 99 3.92 -22.01 50.18
CA GLY A 99 2.79 -21.15 50.47
C GLY A 99 2.83 -19.84 49.69
N LEU A 100 4.00 -19.20 49.68
CA LEU A 100 4.17 -17.94 48.96
C LEU A 100 5.06 -18.15 47.75
N LEU A 101 4.48 -18.00 46.56
CA LEU A 101 5.19 -18.27 45.31
C LEU A 101 5.62 -17.00 44.61
N PRO A 102 6.73 -17.08 43.84
CA PRO A 102 7.00 -15.99 42.90
C PRO A 102 5.80 -15.87 41.98
N THR A 103 5.39 -14.63 41.69
CA THR A 103 4.10 -14.42 41.06
C THR A 103 4.16 -13.42 39.91
N LEU A 104 3.55 -13.78 38.79
CA LEU A 104 3.42 -12.91 37.65
C LEU A 104 2.00 -12.36 37.55
N ILE A 105 1.87 -11.04 37.66
CA ILE A 105 0.60 -10.39 37.40
C ILE A 105 0.48 -10.18 35.89
N TYR A 106 -0.53 -10.80 35.28
CA TYR A 106 -0.64 -10.81 33.82
C TYR A 106 -1.81 -9.97 33.31
N TYR A 107 -1.54 -9.17 32.28
CA TYR A 107 -2.56 -8.34 31.65
C TYR A 107 -2.79 -8.77 30.21
N HIS A 108 -4.00 -9.28 29.93
CA HIS A 108 -4.34 -9.73 28.58
C HIS A 108 -4.26 -8.59 27.57
N GLY A 109 -4.09 -8.96 26.29
CA GLY A 109 -4.10 -7.98 25.22
C GLY A 109 -5.48 -7.80 24.61
N GLY A 110 -5.57 -6.91 23.62
CA GLY A 110 -6.83 -6.64 22.96
C GLY A 110 -7.13 -5.17 22.79
N GLY A 111 -6.08 -4.34 22.70
CA GLY A 111 -6.22 -2.93 22.40
C GLY A 111 -7.01 -2.13 23.43
N PHE A 112 -7.02 -2.63 24.66
CA PHE A 112 -7.80 -2.02 25.76
C PHE A 112 -9.29 -1.97 25.45
N VAL A 113 -9.73 -2.81 24.50
CA VAL A 113 -11.15 -2.85 24.11
C VAL A 113 -11.71 -4.26 24.25
N ILE A 114 -10.96 -5.24 23.78
CA ILE A 114 -11.41 -6.63 23.79
C ILE A 114 -10.48 -7.51 24.62
N GLY A 115 -10.83 -8.79 24.72
CA GLY A 115 -10.07 -9.73 25.51
C GLY A 115 -10.51 -9.72 26.97
N ASN A 116 -10.20 -10.80 27.67
CA ASN A 116 -10.51 -10.92 29.09
C ASN A 116 -9.71 -12.07 29.70
N ILE A 117 -10.09 -12.49 30.89
CA ILE A 117 -9.36 -13.57 31.55
C ILE A 117 -9.50 -14.87 30.75
N GLU A 118 -10.70 -15.11 30.22
CA GLU A 118 -10.96 -16.35 29.48
C GLU A 118 -10.19 -16.43 28.15
N THR A 119 -9.90 -15.29 27.53
CA THR A 119 -9.24 -15.31 26.21
C THR A 119 -7.76 -15.66 26.33
N HIS A 120 -7.21 -15.56 27.53
CA HIS A 120 -5.80 -15.86 27.75
C HIS A 120 -5.61 -16.91 28.85
N ASP A 121 -6.67 -17.66 29.13
CA ASP A 121 -6.65 -18.63 30.23
C ASP A 121 -5.66 -19.78 30.01
N SER A 122 -5.69 -20.39 28.83
CA SER A 122 -4.75 -21.47 28.51
C SER A 122 -3.31 -20.98 28.54
N THR A 123 -3.08 -19.77 28.07
CA THR A 123 -1.74 -19.21 28.03
C THR A 123 -1.19 -18.99 29.43
N CYS A 124 -2.01 -18.42 30.30
CA CYS A 124 -1.63 -18.22 31.70
C CYS A 124 -1.36 -19.54 32.40
N ARG A 125 -2.17 -20.55 32.10
CA ARG A 125 -1.99 -21.88 32.68
C ARG A 125 -0.62 -22.44 32.32
N ARG A 126 -0.26 -22.37 31.04
CA ARG A 126 1.02 -22.90 30.59
C ARG A 126 2.18 -22.09 31.17
N LEU A 127 2.03 -20.77 31.19
CA LEU A 127 3.08 -19.91 31.76
C LEU A 127 3.35 -20.28 33.21
N ALA A 128 2.29 -20.54 33.96
CA ALA A 128 2.41 -20.92 35.36
C ALA A 128 3.22 -22.22 35.52
N ASN A 129 2.79 -23.27 34.82
CA ASN A 129 3.45 -24.56 34.93
C ASN A 129 4.91 -24.53 34.50
N LYS A 130 5.18 -23.83 33.40
CA LYS A 130 6.53 -23.80 32.82
C LYS A 130 7.50 -22.94 33.63
N SER A 131 7.00 -21.86 34.22
CA SER A 131 7.85 -20.97 35.00
C SER A 131 7.96 -21.42 36.45
N ARG A 132 7.04 -22.29 36.86
CA ARG A 132 6.87 -22.66 38.26
C ARG A 132 6.57 -21.44 39.11
N CYS A 133 5.93 -20.45 38.49
CA CYS A 133 5.47 -19.25 39.19
C CYS A 133 3.95 -19.22 39.21
N GLN A 134 3.38 -18.63 40.24
CA GLN A 134 1.96 -18.32 40.23
C GLN A 134 1.69 -17.26 39.16
N VAL A 135 0.58 -17.41 38.45
CA VAL A 135 0.15 -16.36 37.53
C VAL A 135 -1.20 -15.84 37.98
N ILE A 136 -1.35 -14.51 37.99
CA ILE A 136 -2.61 -13.88 38.35
C ILE A 136 -3.08 -12.99 37.22
N SER A 137 -4.12 -13.42 36.52
CA SER A 137 -4.63 -12.68 35.37
C SER A 137 -5.65 -11.64 35.81
N ILE A 138 -5.54 -10.43 35.25
CA ILE A 138 -6.34 -9.29 35.70
C ILE A 138 -7.40 -8.87 34.68
N ASP A 139 -8.64 -8.71 35.15
CA ASP A 139 -9.73 -8.27 34.31
C ASP A 139 -10.00 -6.78 34.50
N TYR A 140 -9.27 -5.96 33.75
CA TYR A 140 -9.37 -4.50 33.89
C TYR A 140 -10.49 -3.91 33.03
N ARG A 141 -10.91 -2.70 33.36
CA ARG A 141 -11.98 -2.03 32.60
C ARG A 141 -11.58 -1.80 31.15
N LEU A 142 -12.56 -1.89 30.26
CA LEU A 142 -12.31 -1.80 28.83
C LEU A 142 -12.97 -0.59 28.18
N ALA A 143 -12.39 -0.14 27.08
CA ALA A 143 -12.97 0.90 26.24
C ALA A 143 -13.94 0.27 25.25
N PRO A 144 -14.88 1.05 24.68
CA PRO A 144 -15.12 2.49 24.87
C PRO A 144 -15.87 2.83 26.15
N GLU A 145 -16.39 1.83 26.85
CA GLU A 145 -17.16 2.06 28.07
C GLU A 145 -16.32 2.79 29.12
N HIS A 146 -15.05 2.41 29.20
CA HIS A 146 -14.12 3.04 30.13
C HIS A 146 -12.83 3.39 29.41
N PRO A 147 -12.81 4.55 28.73
CA PRO A 147 -11.67 4.96 27.92
C PRO A 147 -10.45 5.33 28.75
N PHE A 148 -9.33 5.57 28.07
CA PHE A 148 -8.10 6.09 28.68
C PHE A 148 -8.42 7.24 29.63
N PRO A 149 -7.82 7.24 30.83
CA PRO A 149 -6.81 6.30 31.33
C PRO A 149 -7.35 5.19 32.22
N ALA A 150 -8.64 4.89 32.13
CA ALA A 150 -9.24 3.88 33.01
C ALA A 150 -8.59 2.49 32.95
N PRO A 151 -8.29 1.95 31.75
CA PRO A 151 -7.71 0.61 31.75
C PRO A 151 -6.35 0.50 32.46
N ILE A 152 -5.43 1.42 32.16
CA ILE A 152 -4.11 1.37 32.76
C ILE A 152 -4.18 1.73 34.25
N ASP A 153 -5.18 2.53 34.62
CA ASP A 153 -5.40 2.84 36.03
C ASP A 153 -5.76 1.59 36.84
N ASP A 154 -6.57 0.72 36.25
CA ASP A 154 -6.92 -0.54 36.90
C ASP A 154 -5.68 -1.43 37.01
N GLY A 155 -4.88 -1.46 35.95
CA GLY A 155 -3.68 -2.27 35.94
C GLY A 155 -2.70 -1.89 37.03
N ILE A 156 -2.51 -0.59 37.21
CA ILE A 156 -1.65 -0.07 38.27
C ILE A 156 -2.24 -0.39 39.64
N ALA A 157 -3.53 -0.14 39.79
CA ALA A 157 -4.23 -0.44 41.04
C ALA A 157 -4.15 -1.93 41.38
N ALA A 158 -4.25 -2.77 40.36
CA ALA A 158 -4.17 -4.22 40.55
C ALA A 158 -2.80 -4.63 41.10
N PHE A 159 -1.73 -4.07 40.53
CA PHE A 159 -0.40 -4.36 41.04
C PHE A 159 -0.23 -3.87 42.47
N ARG A 160 -0.67 -2.63 42.71
CA ARG A 160 -0.58 -2.03 44.03
C ARG A 160 -1.35 -2.85 45.07
N HIS A 161 -2.56 -3.28 44.73
CA HIS A 161 -3.38 -4.03 45.66
C HIS A 161 -2.76 -5.38 46.00
N ILE A 162 -2.31 -6.09 44.96
CA ILE A 162 -1.72 -7.41 45.14
C ILE A 162 -0.40 -7.28 45.92
N ARG A 163 0.38 -6.26 45.62
CA ARG A 163 1.62 -6.00 46.34
C ARG A 163 1.36 -5.75 47.83
N ASP A 164 0.39 -4.88 48.12
CA ASP A 164 0.05 -4.55 49.50
C ASP A 164 -0.51 -5.77 50.24
N ASN A 165 -1.10 -6.70 49.48
CA ASN A 165 -1.71 -7.88 50.07
C ASN A 165 -1.14 -9.17 49.51
N ALA A 166 0.19 -9.22 49.37
CA ALA A 166 0.85 -10.32 48.67
C ALA A 166 0.53 -11.69 49.28
N GLU A 167 0.60 -11.78 50.60
CA GLU A 167 0.36 -13.05 51.26
C GLU A 167 -1.08 -13.52 51.10
N SER A 168 -2.00 -12.57 50.96
CA SER A 168 -3.40 -12.86 50.73
C SER A 168 -3.60 -13.49 49.34
N PHE A 169 -2.72 -13.15 48.41
CA PHE A 169 -2.76 -13.68 47.06
C PHE A 169 -1.74 -14.80 46.86
N GLY A 170 -1.23 -15.33 47.98
CA GLY A 170 -0.26 -16.40 47.95
C GLY A 170 1.01 -16.05 47.19
N ALA A 171 1.40 -14.78 47.28
CA ALA A 171 2.54 -14.28 46.51
C ALA A 171 3.75 -13.92 47.38
N ASP A 172 4.94 -14.16 46.85
CA ASP A 172 6.17 -13.68 47.45
C ASP A 172 6.40 -12.23 47.04
N ALA A 173 6.25 -11.32 48.00
CA ALA A 173 6.34 -9.88 47.72
C ALA A 173 7.70 -9.46 47.15
N ALA A 174 8.73 -10.27 47.39
CA ALA A 174 10.06 -9.97 46.89
C ALA A 174 10.21 -10.36 45.43
N ARG A 175 9.30 -11.20 44.94
CA ARG A 175 9.35 -11.69 43.56
C ARG A 175 8.01 -11.54 42.87
N LEU A 176 7.51 -10.31 42.81
CA LEU A 176 6.24 -10.02 42.18
C LEU A 176 6.47 -9.34 40.83
N ALA A 177 6.15 -10.06 39.77
CA ALA A 177 6.39 -9.57 38.41
C ALA A 177 5.11 -9.07 37.76
N VAL A 178 5.26 -8.24 36.73
CA VAL A 178 4.12 -7.86 35.90
C VAL A 178 4.42 -8.21 34.44
N GLY A 179 3.37 -8.46 33.67
CA GLY A 179 3.56 -8.83 32.28
C GLY A 179 2.26 -8.84 31.51
N GLY A 180 2.38 -8.97 30.20
CA GLY A 180 1.20 -8.98 29.35
C GLY A 180 1.57 -8.97 27.89
N ASP A 181 0.57 -9.18 27.05
CA ASP A 181 0.78 -9.22 25.61
C ASP A 181 0.12 -8.02 24.96
N ALA A 182 0.85 -7.38 24.04
CA ALA A 182 0.34 -6.28 23.24
C ALA A 182 -0.07 -5.09 24.11
N ALA A 183 -1.36 -4.80 24.16
CA ALA A 183 -1.88 -3.75 25.03
C ALA A 183 -1.55 -4.08 26.48
N GLY A 184 -1.60 -5.36 26.83
CA GLY A 184 -1.27 -5.80 28.17
C GLY A 184 0.20 -5.64 28.44
N GLY A 185 1.00 -5.74 27.38
CA GLY A 185 2.44 -5.51 27.48
C GLY A 185 2.70 -4.05 27.75
N ALA A 186 1.94 -3.19 27.09
CA ALA A 186 2.00 -1.75 27.34
C ALA A 186 1.67 -1.46 28.80
N MET A 187 0.60 -2.08 29.30
CA MET A 187 0.15 -1.87 30.66
C MET A 187 1.23 -2.25 31.67
N ALA A 188 1.81 -3.43 31.50
CA ALA A 188 2.90 -3.89 32.35
C ALA A 188 4.07 -2.90 32.34
N ALA A 189 4.41 -2.42 31.16
CA ALA A 189 5.51 -1.47 31.02
C ALA A 189 5.22 -0.16 31.74
N VAL A 190 3.97 0.29 31.64
CA VAL A 190 3.57 1.56 32.25
C VAL A 190 3.49 1.44 33.77
N VAL A 191 3.03 0.28 34.25
CA VAL A 191 2.98 0.02 35.68
C VAL A 191 4.35 0.21 36.32
N CYS A 192 5.38 -0.33 35.67
CA CYS A 192 6.75 -0.18 36.15
C CYS A 192 7.19 1.28 36.19
N GLN A 193 6.88 2.03 35.13
CA GLN A 193 7.23 3.43 35.07
C GLN A 193 6.47 4.26 36.10
N ALA A 194 5.18 3.96 36.26
CA ALA A 194 4.32 4.70 37.17
C ALA A 194 4.81 4.55 38.62
N CYS A 195 5.18 3.32 38.99
CA CYS A 195 5.66 3.06 40.33
C CYS A 195 7.00 3.77 40.59
N ARG A 196 7.92 3.69 39.64
CA ARG A 196 9.20 4.34 39.80
C ARG A 196 9.06 5.85 39.90
N ASP A 197 8.23 6.43 39.03
CA ASP A 197 8.00 7.87 39.03
C ASP A 197 7.30 8.34 40.29
N ALA A 198 6.44 7.49 40.84
CA ALA A 198 5.74 7.82 42.08
C ALA A 198 6.65 7.65 43.29
N GLY A 199 7.78 6.98 43.09
CA GLY A 199 8.74 6.76 44.15
C GLY A 199 8.34 5.63 45.08
N GLU A 200 7.57 4.68 44.56
CA GLU A 200 7.14 3.53 45.34
C GLU A 200 7.76 2.24 44.83
N THR A 201 7.68 1.19 45.63
CA THR A 201 8.20 -0.12 45.25
C THR A 201 7.44 -0.68 44.07
N GLY A 202 8.16 -0.97 42.99
CA GLY A 202 7.54 -1.51 41.79
C GLY A 202 7.80 -3.00 41.64
N PRO A 203 7.39 -3.58 40.51
CA PRO A 203 7.55 -4.99 40.18
C PRO A 203 9.01 -5.41 40.15
N ALA A 204 9.28 -6.70 40.40
CA ALA A 204 10.64 -7.20 40.43
C ALA A 204 11.10 -7.65 39.05
N PHE A 205 10.17 -7.68 38.10
CA PHE A 205 10.40 -8.23 36.78
C PHE A 205 9.26 -7.81 35.87
N GLN A 206 9.57 -7.60 34.59
CA GLN A 206 8.51 -7.27 33.63
C GLN A 206 8.60 -8.16 32.39
N MET A 207 7.50 -8.81 32.06
CA MET A 207 7.44 -9.68 30.88
C MET A 207 6.63 -9.01 29.80
N LEU A 208 7.32 -8.47 28.80
CA LEU A 208 6.65 -7.70 27.75
C LEU A 208 6.54 -8.51 26.46
N ILE A 209 5.34 -8.99 26.19
CA ILE A 209 5.09 -9.79 25.00
C ILE A 209 4.52 -8.93 23.88
N TYR A 210 5.32 -8.74 22.83
CA TYR A 210 5.10 -7.72 21.80
C TYR A 210 4.25 -6.54 22.28
N PRO A 211 4.82 -5.71 23.15
CA PRO A 211 4.06 -4.59 23.73
C PRO A 211 3.92 -3.43 22.75
N ALA A 212 2.85 -2.66 22.88
CA ALA A 212 2.79 -1.37 22.22
C ALA A 212 3.47 -0.36 23.13
N THR A 213 4.46 0.36 22.61
CA THR A 213 5.24 1.25 23.46
C THR A 213 5.27 2.70 22.96
N ASP A 214 4.79 2.92 21.73
CA ASP A 214 4.84 4.26 21.15
C ASP A 214 3.60 4.55 20.31
N SER A 215 2.79 5.47 20.79
CA SER A 215 1.59 5.90 20.07
C SER A 215 1.81 7.24 19.36
N SER A 216 3.02 7.77 19.48
CA SER A 216 3.33 9.11 18.99
C SER A 216 3.81 9.13 17.55
N ARG A 217 4.36 8.02 17.08
CA ARG A 217 4.87 7.95 15.72
C ARG A 217 4.83 6.55 15.14
N GLU A 218 4.87 6.47 13.81
CA GLU A 218 4.79 5.19 13.12
C GLU A 218 6.16 4.67 12.71
N SER A 219 6.55 3.54 13.30
CA SER A 219 7.79 2.89 12.96
C SER A 219 7.72 2.25 11.58
N ALA A 220 8.85 1.76 11.10
CA ALA A 220 8.91 1.07 9.82
C ALA A 220 8.03 -0.18 9.81
N SER A 221 8.06 -0.94 10.89
CA SER A 221 7.25 -2.15 10.97
C SER A 221 5.76 -1.80 11.03
N ARG A 222 5.44 -0.68 11.68
CA ARG A 222 4.06 -0.23 11.77
C ARG A 222 3.47 0.03 10.40
N VAL A 223 4.28 0.61 9.51
CA VAL A 223 3.84 0.91 8.16
C VAL A 223 3.88 -0.33 7.27
N ALA A 224 4.97 -1.07 7.36
CA ALA A 224 5.20 -2.22 6.48
C ALA A 224 4.20 -3.35 6.71
N PHE A 225 3.75 -3.51 7.95
CA PHE A 225 2.85 -4.61 8.29
C PHE A 225 1.44 -4.12 8.61
N ALA A 226 1.02 -3.06 7.94
CA ALA A 226 -0.28 -2.46 8.19
C ALA A 226 -1.44 -3.31 7.66
N GLU A 227 -1.17 -4.16 6.68
CA GLU A 227 -2.20 -5.00 6.10
C GLU A 227 -1.73 -6.43 5.83
N GLY A 228 -2.62 -7.40 6.06
CA GLY A 228 -2.36 -8.78 5.70
C GLY A 228 -1.74 -9.64 6.78
N TYR A 229 -1.52 -9.06 7.96
CA TYR A 229 -0.84 -9.78 9.03
C TYR A 229 -1.64 -9.78 10.34
N PHE A 230 -2.91 -10.15 10.24
CA PHE A 230 -3.81 -10.29 11.38
C PHE A 230 -4.13 -8.95 12.04
N LEU A 231 -3.12 -8.32 12.65
CA LEU A 231 -3.32 -7.00 13.24
C LEU A 231 -3.14 -5.91 12.19
N SER A 232 -4.25 -5.33 11.75
CA SER A 232 -4.23 -4.34 10.68
C SER A 232 -4.36 -2.91 11.20
N LYS A 233 -3.98 -1.95 10.35
CA LYS A 233 -4.08 -0.53 10.69
C LYS A 233 -5.54 -0.12 10.88
N ALA A 234 -6.43 -0.68 10.07
CA ALA A 234 -7.85 -0.38 10.19
C ALA A 234 -8.39 -0.85 11.54
N LEU A 235 -7.89 -1.98 12.02
CA LEU A 235 -8.30 -2.50 13.32
C LEU A 235 -7.69 -1.67 14.45
N MET A 236 -6.43 -1.27 14.27
CA MET A 236 -5.74 -0.44 15.26
C MET A 236 -6.43 0.91 15.42
N ASP A 237 -6.97 1.43 14.32
CA ASP A 237 -7.74 2.66 14.34
C ASP A 237 -9.06 2.43 15.10
N TRP A 238 -9.66 1.28 14.86
CA TRP A 238 -10.90 0.88 15.52
C TRP A 238 -10.69 0.82 17.04
N PHE A 239 -9.58 0.22 17.46
CA PHE A 239 -9.20 0.17 18.87
C PHE A 239 -9.03 1.58 19.43
N TRP A 240 -8.25 2.38 18.72
CA TRP A 240 -7.86 3.71 19.18
C TRP A 240 -9.06 4.63 19.37
N GLU A 241 -10.03 4.53 18.46
CA GLU A 241 -11.19 5.42 18.51
C GLU A 241 -12.03 5.16 19.75
N ALA A 242 -11.90 3.98 20.34
CA ALA A 242 -12.65 3.65 21.55
C ALA A 242 -11.83 3.97 22.80
N TYR A 243 -10.53 3.72 22.72
CA TYR A 243 -9.61 3.86 23.84
C TYR A 243 -9.31 5.32 24.18
N VAL A 244 -9.02 6.11 23.15
CA VAL A 244 -8.48 7.44 23.36
C VAL A 244 -9.45 8.56 22.99
N PRO A 245 -9.78 9.41 23.98
CA PRO A 245 -10.63 10.57 23.76
C PRO A 245 -10.04 11.51 22.72
N GLU A 246 -10.89 12.31 22.10
CA GLU A 246 -10.45 13.24 21.07
C GLU A 246 -9.46 14.18 21.75
N ASP A 247 -8.39 14.52 21.04
CA ASP A 247 -7.44 15.55 21.46
C ASP A 247 -6.64 15.16 22.70
N THR A 248 -5.97 14.01 22.63
CA THR A 248 -5.15 13.55 23.75
C THR A 248 -3.68 13.58 23.33
N ASP A 249 -2.81 14.06 24.23
CA ASP A 249 -1.37 14.11 23.95
C ASP A 249 -0.83 12.71 23.65
N LEU A 250 -0.42 12.49 22.39
CA LEU A 250 0.08 11.20 21.98
C LEU A 250 1.42 10.84 22.62
N THR A 251 2.10 11.85 23.16
CA THR A 251 3.39 11.62 23.79
C THR A 251 3.25 11.31 25.28
N ASP A 252 2.01 11.25 25.76
CA ASP A 252 1.74 10.87 27.14
C ASP A 252 2.36 9.51 27.45
N LEU A 253 3.18 9.46 28.50
CA LEU A 253 3.95 8.26 28.80
C LEU A 253 3.10 7.04 29.13
N ARG A 254 1.82 7.25 29.41
CA ARG A 254 0.89 6.14 29.62
C ARG A 254 0.44 5.57 28.27
N LEU A 255 0.57 6.38 27.22
CA LEU A 255 0.28 5.94 25.87
C LEU A 255 1.56 5.55 25.14
N SER A 256 2.66 6.20 25.52
CA SER A 256 3.93 6.00 24.84
C SER A 256 5.09 5.87 25.82
N PRO A 257 5.15 4.75 26.55
CA PRO A 257 6.21 4.54 27.55
C PRO A 257 7.62 4.55 26.95
N LEU A 258 7.72 4.29 25.64
CA LEU A 258 9.01 4.32 24.95
C LEU A 258 9.67 5.70 25.06
N LEU A 259 8.84 6.75 25.14
CA LEU A 259 9.32 8.12 25.16
C LEU A 259 9.86 8.57 26.52
N ALA A 260 9.92 7.65 27.48
CA ALA A 260 10.41 7.97 28.82
C ALA A 260 11.84 8.52 28.77
N THR A 261 12.07 9.58 29.53
CA THR A 261 13.38 10.23 29.58
C THR A 261 14.37 9.40 30.39
N ASP A 262 13.86 8.68 31.38
CA ASP A 262 14.67 7.88 32.28
C ASP A 262 14.22 6.43 32.28
N PHE A 263 15.14 5.52 31.97
CA PHE A 263 14.84 4.09 32.00
C PHE A 263 15.56 3.39 33.16
N THR A 264 16.36 4.15 33.91
CA THR A 264 17.03 3.60 35.09
C THR A 264 16.01 3.39 36.20
N GLY A 265 16.21 2.35 36.99
CA GLY A 265 15.33 2.04 38.10
C GLY A 265 14.18 1.13 37.73
N LEU A 266 14.10 0.75 36.46
CA LEU A 266 13.08 -0.18 36.01
C LEU A 266 13.57 -1.62 36.23
N PRO A 267 12.63 -2.56 36.46
CA PRO A 267 13.01 -3.93 36.79
C PRO A 267 13.56 -4.71 35.60
N PRO A 268 14.34 -5.79 35.88
CA PRO A 268 14.82 -6.71 34.84
C PRO A 268 13.70 -7.15 33.92
N ALA A 269 13.99 -7.31 32.64
CA ALA A 269 12.92 -7.45 31.65
C ALA A 269 13.13 -8.60 30.66
N PHE A 270 12.01 -9.20 30.26
CA PHE A 270 11.96 -10.09 29.11
C PHE A 270 11.09 -9.41 28.05
N VAL A 271 11.66 -9.16 26.89
CA VAL A 271 10.95 -8.48 25.80
C VAL A 271 10.94 -9.33 24.54
N LEU A 272 9.74 -9.68 24.07
CA LEU A 272 9.59 -10.52 22.89
C LEU A 272 8.88 -9.75 21.79
N THR A 273 9.37 -9.90 20.55
CA THR A 273 8.68 -9.34 19.39
C THR A 273 8.40 -10.41 18.34
N ALA A 274 7.48 -10.12 17.44
CA ALA A 274 7.17 -11.02 16.32
C ALA A 274 7.62 -10.38 15.02
N GLY A 275 8.19 -11.19 14.14
CA GLY A 275 8.79 -10.70 12.91
C GLY A 275 7.89 -9.90 11.98
N TYR A 276 6.61 -10.25 11.93
CA TYR A 276 5.68 -9.56 11.05
C TYR A 276 4.66 -8.72 11.82
N ASP A 277 5.03 -8.34 13.04
CA ASP A 277 4.20 -7.53 13.91
C ASP A 277 4.44 -6.05 13.65
N PRO A 278 3.38 -5.28 13.40
CA PRO A 278 3.49 -3.82 13.34
C PRO A 278 4.23 -3.24 14.55
N LEU A 279 4.02 -3.85 15.72
CA LEU A 279 4.60 -3.36 16.98
C LEU A 279 6.04 -3.81 17.18
N ARG A 280 6.58 -4.56 16.23
CA ARG A 280 7.92 -5.16 16.38
C ARG A 280 9.00 -4.13 16.71
N ASP A 281 9.15 -3.12 15.87
CA ASP A 281 10.24 -2.15 16.02
C ASP A 281 10.19 -1.40 17.34
N GLU A 282 9.01 -0.98 17.77
CA GLU A 282 8.88 -0.21 19.00
C GLU A 282 9.07 -1.09 20.23
N GLY A 283 8.81 -2.38 20.08
CA GLY A 283 9.10 -3.34 21.13
C GLY A 283 10.61 -3.48 21.29
N ARG A 284 11.29 -3.70 20.17
CA ARG A 284 12.74 -3.84 20.17
C ARG A 284 13.42 -2.55 20.64
N ALA A 285 12.85 -1.41 20.28
CA ALA A 285 13.40 -0.13 20.70
C ALA A 285 13.27 0.03 22.22
N TYR A 286 12.17 -0.46 22.78
CA TYR A 286 11.98 -0.42 24.22
C TYR A 286 13.04 -1.27 24.91
N ALA A 287 13.29 -2.46 24.36
CA ALA A 287 14.37 -3.31 24.86
C ALA A 287 15.72 -2.60 24.78
N ASP A 288 15.96 -1.88 23.70
CA ASP A 288 17.21 -1.13 23.53
C ASP A 288 17.40 -0.09 24.63
N ARG A 289 16.35 0.66 24.95
CA ARG A 289 16.42 1.67 26.00
C ARG A 289 16.75 1.05 27.36
N LEU A 290 16.16 -0.10 27.65
CA LEU A 290 16.40 -0.80 28.91
C LEU A 290 17.85 -1.26 29.02
N ILE A 291 18.35 -1.87 27.94
CA ILE A 291 19.73 -2.35 27.88
C ILE A 291 20.73 -1.21 28.09
N GLU A 292 20.52 -0.12 27.38
CA GLU A 292 21.47 1.00 27.43
C GLU A 292 21.41 1.73 28.77
N ALA A 293 20.30 1.59 29.47
CA ALA A 293 20.15 2.19 30.79
C ALA A 293 20.79 1.32 31.86
N GLY A 294 21.30 0.15 31.46
CA GLY A 294 21.96 -0.75 32.39
C GLY A 294 21.00 -1.67 33.14
N ILE A 295 19.81 -1.87 32.58
CA ILE A 295 18.85 -2.81 33.14
C ILE A 295 19.05 -4.19 32.55
N LYS A 296 19.04 -5.22 33.40
CA LYS A 296 19.13 -6.59 32.93
C LYS A 296 17.96 -6.87 32.00
N THR A 297 18.25 -7.14 30.74
CA THR A 297 17.21 -7.26 29.74
C THR A 297 17.44 -8.44 28.82
N THR A 298 16.40 -9.25 28.66
CA THR A 298 16.43 -10.35 27.72
C THR A 298 15.50 -10.03 26.55
N TYR A 299 16.07 -9.89 25.35
CA TYR A 299 15.27 -9.62 24.17
C TYR A 299 15.29 -10.81 23.20
N VAL A 300 14.13 -11.13 22.65
CA VAL A 300 14.05 -12.16 21.62
C VAL A 300 13.06 -11.77 20.52
N ASN A 301 13.44 -12.03 19.27
CA ASN A 301 12.53 -11.83 18.16
C ASN A 301 12.18 -13.16 17.52
N TYR A 302 10.88 -13.41 17.33
CA TYR A 302 10.41 -14.60 16.66
C TYR A 302 10.05 -14.25 15.22
N PRO A 303 10.97 -14.52 14.28
CA PRO A 303 10.76 -14.16 12.88
C PRO A 303 9.72 -15.06 12.22
N GLY A 304 9.08 -14.55 11.17
CA GLY A 304 8.14 -15.36 10.42
C GLY A 304 6.85 -15.69 11.13
N THR A 305 6.56 -15.00 12.23
CA THR A 305 5.27 -15.14 12.89
C THR A 305 4.61 -13.77 13.09
N ILE A 306 3.36 -13.77 13.52
CA ILE A 306 2.56 -12.55 13.57
C ILE A 306 2.20 -12.10 14.98
N HIS A 307 1.75 -10.85 15.07
CA HIS A 307 1.12 -10.33 16.27
C HIS A 307 0.03 -11.29 16.73
N GLY A 308 0.02 -11.61 18.02
CA GLY A 308 -1.00 -12.48 18.57
C GLY A 308 -0.63 -13.95 18.71
N PHE A 309 0.51 -14.35 18.16
CA PHE A 309 0.88 -15.77 18.11
C PHE A 309 1.07 -16.37 19.50
N PHE A 310 1.37 -15.53 20.48
CA PHE A 310 1.62 -15.95 21.85
C PHE A 310 0.40 -16.67 22.45
N SER A 311 -0.79 -16.35 21.95
CA SER A 311 -2.00 -16.98 22.46
C SER A 311 -2.87 -17.58 21.35
N LEU A 312 -2.32 -17.63 20.14
CA LEU A 312 -2.98 -18.33 19.04
C LEU A 312 -2.44 -19.75 18.93
N THR A 313 -2.30 -20.40 20.08
CA THR A 313 -1.51 -21.63 20.17
C THR A 313 -2.26 -22.89 19.75
N ARG A 314 -3.49 -22.74 19.27
CA ARG A 314 -4.19 -23.86 18.68
C ARG A 314 -3.73 -24.02 17.22
N PHE A 315 -3.20 -22.94 16.67
CA PHE A 315 -2.81 -22.92 15.25
C PHE A 315 -1.31 -22.78 15.06
N LEU A 316 -0.64 -22.14 16.02
CA LEU A 316 0.76 -21.78 15.88
C LEU A 316 1.63 -22.38 16.97
N SER A 317 2.47 -23.34 16.61
CA SER A 317 3.38 -23.98 17.55
C SER A 317 4.41 -22.99 18.10
N GLN A 318 4.80 -22.02 17.29
CA GLN A 318 5.74 -20.98 17.74
C GLN A 318 5.26 -20.29 19.01
N GLY A 319 3.94 -20.13 19.14
CA GLY A 319 3.36 -19.52 20.31
C GLY A 319 3.65 -20.30 21.58
N LEU A 320 3.57 -21.63 21.47
CA LEU A 320 3.88 -22.51 22.60
C LEU A 320 5.36 -22.42 22.94
N LYS A 321 6.20 -22.34 21.91
CA LYS A 321 7.63 -22.15 22.13
C LYS A 321 7.91 -20.81 22.80
N ALA A 322 7.19 -19.78 22.37
CA ALA A 322 7.34 -18.46 22.98
C ALA A 322 6.84 -18.46 24.42
N ASN A 323 5.71 -19.14 24.66
CA ASN A 323 5.23 -19.33 26.03
C ASN A 323 6.33 -19.91 26.90
N ASP A 324 6.95 -20.97 26.41
CA ASP A 324 7.94 -21.72 27.17
C ASP A 324 9.19 -20.89 27.44
N GLU A 325 9.69 -20.16 26.43
CA GLU A 325 10.89 -19.37 26.64
C GLU A 325 10.64 -18.24 27.64
N ALA A 326 9.52 -17.54 27.49
CA ALA A 326 9.16 -16.45 28.40
C ALA A 326 9.06 -16.95 29.84
N ALA A 327 8.37 -18.07 30.02
CA ALA A 327 8.23 -18.68 31.34
C ALA A 327 9.57 -19.13 31.89
N ALA A 328 10.39 -19.72 31.03
CA ALA A 328 11.69 -20.25 31.43
C ALA A 328 12.63 -19.14 31.89
N VAL A 329 12.62 -18.02 31.15
CA VAL A 329 13.46 -16.88 31.50
C VAL A 329 13.04 -16.27 32.83
N MET A 330 11.73 -16.13 33.04
CA MET A 330 11.23 -15.61 34.31
C MET A 330 11.54 -16.58 35.44
N GLY A 331 11.32 -17.87 35.18
CA GLY A 331 11.61 -18.90 36.15
C GLY A 331 13.05 -18.91 36.58
N ALA A 332 13.96 -18.80 35.62
CA ALA A 332 15.39 -18.75 35.92
C ALA A 332 15.74 -17.49 36.72
N HIS A 333 15.11 -16.37 36.37
CA HIS A 333 15.37 -15.12 37.07
C HIS A 333 14.99 -15.21 38.54
N PHE A 334 13.86 -15.86 38.82
CA PHE A 334 13.37 -15.98 40.18
C PHE A 334 13.92 -17.22 40.89
N GLY A 335 14.72 -18.01 40.16
CA GLY A 335 15.36 -19.18 40.74
C GLY A 335 14.40 -20.29 41.15
N THR A 336 13.40 -20.55 40.31
CA THR A 336 12.45 -21.63 40.57
C THR A 336 12.95 -22.96 40.04
N GLN B 20 5.11 -37.85 0.07
CA GLN B 20 4.09 -36.99 0.63
C GLN B 20 4.24 -35.55 0.14
N GLY B 21 4.85 -35.39 -1.03
CA GLY B 21 5.05 -34.08 -1.61
C GLY B 21 3.75 -33.47 -2.08
N MET B 22 2.74 -34.31 -2.30
CA MET B 22 1.45 -33.86 -2.78
C MET B 22 0.55 -33.34 -1.66
N LEU B 23 1.04 -33.42 -0.43
CA LEU B 23 0.31 -32.88 0.71
C LEU B 23 0.11 -31.37 0.58
N LEU B 24 -1.12 -30.92 0.73
CA LEU B 24 -1.41 -29.48 0.76
C LEU B 24 -0.80 -28.87 2.01
N PRO B 25 -0.34 -27.61 1.90
CA PRO B 25 0.24 -26.90 3.04
C PRO B 25 -0.64 -26.94 4.30
N GLU B 26 -1.95 -26.79 4.12
CA GLU B 26 -2.87 -26.81 5.26
C GLU B 26 -2.96 -28.21 5.89
N THR B 27 -2.81 -29.23 5.05
CA THR B 27 -2.84 -30.60 5.53
C THR B 27 -1.57 -30.92 6.31
N ARG B 28 -0.42 -30.59 5.71
CA ARG B 28 0.87 -30.80 6.34
C ARG B 28 0.96 -30.05 7.66
N ASN B 29 0.45 -28.83 7.67
CA ASN B 29 0.46 -28.02 8.89
C ASN B 29 -0.34 -28.65 10.02
N LEU B 30 -1.51 -29.19 9.71
CA LEU B 30 -2.35 -29.83 10.72
C LEU B 30 -1.68 -31.09 11.28
N LEU B 31 -1.06 -31.86 10.40
CA LEU B 31 -0.34 -33.06 10.81
C LEU B 31 0.89 -32.72 11.66
N ASP B 32 1.55 -31.61 11.32
CA ASP B 32 2.68 -31.15 12.11
C ASP B 32 2.23 -30.71 13.51
N LEU B 33 1.11 -29.98 13.55
CA LEU B 33 0.53 -29.55 14.82
C LEU B 33 0.16 -30.75 15.69
N MET B 34 -0.41 -31.77 15.06
CA MET B 34 -0.80 -32.99 15.77
C MET B 34 0.40 -33.77 16.29
N ASP B 35 1.43 -33.89 15.46
CA ASP B 35 2.65 -34.58 15.86
CA ASP B 35 2.64 -34.59 15.87
C ASP B 35 3.37 -33.84 16.98
N ALA B 36 3.30 -32.52 16.94
CA ALA B 36 3.92 -31.70 17.97
C ALA B 36 3.20 -31.91 19.30
N ALA B 37 1.88 -32.02 19.23
CA ALA B 37 1.07 -32.30 20.41
C ALA B 37 1.42 -33.66 21.00
N THR B 38 1.61 -34.65 20.14
CA THR B 38 1.97 -36.00 20.56
C THR B 38 3.34 -36.02 21.25
N ARG B 39 4.30 -35.31 20.66
CA ARG B 39 5.62 -35.17 21.25
C ARG B 39 5.56 -34.41 22.57
N GLY B 40 4.54 -33.58 22.73
CA GLY B 40 4.34 -32.84 23.96
C GLY B 40 3.92 -33.75 25.10
N GLY B 41 3.02 -34.68 24.81
CA GLY B 41 2.54 -35.62 25.80
C GLY B 41 1.09 -36.02 25.61
N ARG B 42 0.47 -35.51 24.55
CA ARG B 42 -0.91 -35.86 24.24
C ARG B 42 -0.99 -37.34 23.87
N PRO B 43 -1.69 -38.13 24.70
CA PRO B 43 -1.76 -39.58 24.51
C PRO B 43 -2.53 -39.96 23.24
N ARG B 44 -1.98 -40.87 22.46
CA ARG B 44 -2.68 -41.39 21.29
C ARG B 44 -3.94 -42.12 21.76
N LEU B 45 -5.01 -41.97 20.99
CA LEU B 45 -6.32 -42.50 21.36
C LEU B 45 -6.31 -44.01 21.60
N GLU B 46 -5.51 -44.74 20.82
CA GLU B 46 -5.50 -46.20 20.88
C GLU B 46 -4.83 -46.73 22.14
N THR B 47 -4.24 -45.85 22.94
CA THR B 47 -3.59 -46.26 24.18
C THR B 47 -4.52 -46.09 25.39
N LEU B 48 -5.75 -45.65 25.12
CA LEU B 48 -6.71 -45.38 26.18
C LEU B 48 -7.87 -46.38 26.16
N PRO B 49 -8.49 -46.62 27.33
CA PRO B 49 -9.74 -47.37 27.36
C PRO B 49 -10.79 -46.69 26.49
N HIS B 50 -11.70 -47.47 25.91
CA HIS B 50 -12.60 -46.95 24.88
C HIS B 50 -13.49 -45.81 25.37
N ALA B 51 -14.17 -46.01 26.50
CA ALA B 51 -15.07 -45.00 27.02
C ALA B 51 -14.31 -43.78 27.50
N VAL B 52 -13.11 -44.00 28.02
CA VAL B 52 -12.26 -42.91 28.48
C VAL B 52 -11.78 -42.07 27.30
N GLY B 53 -11.27 -42.74 26.28
CA GLY B 53 -10.78 -42.07 25.09
C GLY B 53 -11.89 -41.33 24.35
N ARG B 54 -13.08 -41.94 24.31
CA ARG B 54 -14.23 -41.37 23.62
C ARG B 54 -14.55 -39.96 24.10
N LYS B 55 -14.64 -39.78 25.41
CA LYS B 55 -14.97 -38.49 25.99
C LYS B 55 -13.93 -37.43 25.61
N ALA B 56 -12.67 -37.83 25.63
CA ALA B 56 -11.57 -36.93 25.33
C ALA B 56 -11.47 -36.58 23.85
N VAL B 57 -11.72 -37.55 22.98
CA VAL B 57 -11.57 -37.32 21.54
C VAL B 57 -12.80 -36.61 20.96
N ASP B 58 -13.97 -36.84 21.53
CA ASP B 58 -15.19 -36.20 21.04
C ASP B 58 -15.13 -34.69 21.25
N LYS B 59 -14.54 -34.26 22.35
CA LYS B 59 -14.35 -32.83 22.60
C LYS B 59 -13.42 -32.23 21.55
N MET B 60 -12.32 -32.92 21.28
CA MET B 60 -11.39 -32.48 20.24
C MET B 60 -12.06 -32.43 18.87
N SER B 61 -12.89 -33.44 18.58
CA SER B 61 -13.62 -33.48 17.32
C SER B 61 -14.56 -32.29 17.19
N GLU B 62 -15.25 -31.94 18.27
CA GLU B 62 -16.11 -30.77 18.30
C GLU B 62 -15.31 -29.50 18.00
N ASP B 63 -14.18 -29.34 18.69
CA ASP B 63 -13.32 -28.18 18.52
C ASP B 63 -12.69 -28.13 17.13
N GLY B 64 -12.65 -29.27 16.45
CA GLY B 64 -12.02 -29.36 15.14
C GLY B 64 -12.91 -28.90 14.00
N GLU B 65 -14.21 -28.79 14.26
CA GLU B 65 -15.13 -28.25 13.27
C GLU B 65 -15.02 -26.74 13.19
N ALA B 66 -15.37 -26.18 12.04
CA ALA B 66 -15.47 -24.73 11.91
C ALA B 66 -16.60 -24.22 12.79
N ASP B 67 -16.65 -22.91 13.03
CA ASP B 67 -17.75 -22.33 13.79
C ASP B 67 -19.08 -22.72 13.16
N PRO B 68 -20.09 -23.02 13.99
CA PRO B 68 -21.39 -23.45 13.49
C PRO B 68 -22.17 -22.32 12.84
N PRO B 69 -22.51 -22.47 11.55
CA PRO B 69 -23.32 -21.45 10.89
C PRO B 69 -24.75 -21.47 11.39
N GLU B 70 -25.40 -20.30 11.39
CA GLU B 70 -26.81 -20.22 11.75
C GLU B 70 -27.66 -20.96 10.71
N VAL B 71 -28.69 -21.65 11.20
CA VAL B 71 -29.68 -22.24 10.32
C VAL B 71 -31.06 -21.72 10.72
N ALA B 72 -32.09 -22.14 10.01
CA ALA B 72 -33.44 -21.65 10.27
C ALA B 72 -33.99 -22.22 11.57
N GLU B 73 -33.70 -23.49 11.84
CA GLU B 73 -34.22 -24.16 13.02
C GLU B 73 -33.42 -25.43 13.34
N VAL B 74 -33.18 -25.66 14.62
CA VAL B 74 -32.57 -26.90 15.08
C VAL B 74 -33.51 -27.61 16.04
N ALA B 75 -33.84 -28.86 15.76
CA ALA B 75 -34.73 -29.63 16.62
C ALA B 75 -34.00 -30.83 17.21
N ASN B 76 -34.26 -31.09 18.49
CA ASN B 76 -33.70 -32.25 19.17
C ASN B 76 -34.79 -33.13 19.73
N GLY B 77 -34.71 -34.42 19.44
CA GLY B 77 -35.68 -35.38 19.94
C GLY B 77 -35.16 -36.79 19.85
N GLY B 78 -36.02 -37.76 20.16
CA GLY B 78 -35.66 -39.15 20.07
C GLY B 78 -36.86 -40.01 19.74
N PHE B 79 -36.60 -41.24 19.29
CA PHE B 79 -37.67 -42.19 19.03
C PHE B 79 -37.20 -43.60 19.40
N ALA B 80 -38.15 -44.51 19.55
CA ALA B 80 -37.85 -45.88 19.95
C ALA B 80 -37.16 -46.65 18.83
N GLY B 81 -35.91 -47.03 19.08
CA GLY B 81 -35.17 -47.88 18.16
C GLY B 81 -35.36 -49.34 18.52
N PRO B 82 -34.58 -50.23 17.88
CA PRO B 82 -34.66 -51.68 18.09
C PRO B 82 -34.50 -52.10 19.54
N ALA B 83 -33.53 -51.51 20.25
CA ALA B 83 -33.24 -51.93 21.62
C ALA B 83 -32.95 -50.75 22.55
N SER B 84 -33.16 -49.53 22.05
CA SER B 84 -32.92 -48.33 22.85
C SER B 84 -33.57 -47.12 22.20
N GLU B 85 -33.50 -45.99 22.86
CA GLU B 85 -33.93 -44.74 22.25
C GLU B 85 -32.87 -44.29 21.26
N ILE B 86 -33.30 -43.80 20.11
CA ILE B 86 -32.36 -43.24 19.14
C ILE B 86 -32.56 -41.73 19.06
N ARG B 87 -31.54 -40.99 19.51
CA ARG B 87 -31.60 -39.53 19.50
C ARG B 87 -31.34 -38.99 18.10
N PHE B 88 -31.95 -37.86 17.78
CA PHE B 88 -31.72 -37.22 16.49
C PHE B 88 -31.71 -35.71 16.59
N ARG B 89 -31.08 -35.07 15.61
CA ARG B 89 -31.09 -33.62 15.52
C ARG B 89 -31.40 -33.19 14.09
N ARG B 90 -32.41 -32.35 13.95
CA ARG B 90 -32.84 -31.88 12.64
C ARG B 90 -32.39 -30.44 12.40
N TYR B 91 -31.91 -30.19 11.20
CA TYR B 91 -31.48 -28.84 10.80
C TYR B 91 -32.31 -28.36 9.62
N ARG B 92 -33.05 -27.27 9.81
CA ARG B 92 -33.77 -26.63 8.72
C ARG B 92 -32.90 -25.56 8.08
N PRO B 93 -32.74 -25.62 6.75
CA PRO B 93 -31.90 -24.67 6.02
C PRO B 93 -32.48 -23.26 5.98
N LEU B 94 -31.61 -22.25 5.99
CA LEU B 94 -32.02 -20.87 5.84
C LEU B 94 -32.71 -20.62 4.50
N GLY B 95 -33.81 -19.88 4.53
CA GLY B 95 -34.47 -19.45 3.32
C GLY B 95 -35.51 -20.40 2.75
N GLU B 96 -35.65 -21.56 3.38
CA GLU B 96 -36.60 -22.58 2.92
C GLU B 96 -37.82 -22.64 3.83
N ALA B 97 -38.96 -22.20 3.31
CA ALA B 97 -40.17 -22.09 4.12
C ALA B 97 -41.21 -23.18 3.82
N ALA B 98 -40.81 -24.16 3.03
CA ALA B 98 -41.73 -25.26 2.69
C ALA B 98 -41.95 -26.15 3.90
N GLY B 99 -43.16 -26.70 4.01
CA GLY B 99 -43.50 -27.57 5.12
C GLY B 99 -42.69 -28.85 5.11
N LEU B 100 -42.68 -29.54 3.97
CA LEU B 100 -41.92 -30.76 3.82
C LEU B 100 -40.75 -30.55 2.87
N LEU B 101 -39.55 -30.82 3.37
CA LEU B 101 -38.32 -30.55 2.63
C LEU B 101 -37.62 -31.82 2.18
N PRO B 102 -36.84 -31.74 1.09
CA PRO B 102 -35.91 -32.83 0.79
C PRO B 102 -34.97 -33.00 1.96
N THR B 103 -34.66 -34.24 2.32
CA THR B 103 -34.01 -34.49 3.60
C THR B 103 -32.87 -35.50 3.51
N LEU B 104 -31.74 -35.14 4.13
CA LEU B 104 -30.59 -36.02 4.23
C LEU B 104 -30.46 -36.56 5.65
N ILE B 105 -30.69 -37.87 5.80
CA ILE B 105 -30.41 -38.54 7.06
C ILE B 105 -28.90 -38.81 7.14
N TYR B 106 -28.26 -38.23 8.15
CA TYR B 106 -26.80 -38.26 8.23
C TYR B 106 -26.28 -39.10 9.40
N TYR B 107 -25.26 -39.90 9.11
CA TYR B 107 -24.62 -40.72 10.13
C TYR B 107 -23.17 -40.30 10.34
N HIS B 108 -22.85 -39.81 11.53
CA HIS B 108 -21.49 -39.36 11.84
C HIS B 108 -20.49 -40.52 11.75
N GLY B 109 -19.21 -40.17 11.60
CA GLY B 109 -18.15 -41.15 11.60
C GLY B 109 -17.49 -41.29 12.97
N GLY B 110 -16.58 -42.25 13.08
CA GLY B 110 -15.89 -42.49 14.34
C GLY B 110 -15.68 -43.97 14.63
N GLY B 111 -15.65 -44.77 13.56
CA GLY B 111 -15.36 -46.19 13.66
C GLY B 111 -16.38 -46.99 14.45
N PHE B 112 -17.61 -46.48 14.52
CA PHE B 112 -18.69 -47.07 15.30
C PHE B 112 -18.34 -47.13 16.79
N VAL B 113 -17.37 -46.31 17.21
CA VAL B 113 -16.91 -46.30 18.60
C VAL B 113 -16.99 -44.89 19.20
N ILE B 114 -16.59 -43.89 18.43
CA ILE B 114 -16.59 -42.51 18.90
C ILE B 114 -17.44 -41.62 18.00
N GLY B 115 -17.48 -40.32 18.32
CA GLY B 115 -18.28 -39.38 17.56
C GLY B 115 -19.74 -39.40 17.98
N ASN B 116 -20.43 -38.30 17.71
CA ASN B 116 -21.86 -38.18 18.00
C ASN B 116 -22.47 -37.01 17.24
N ILE B 117 -23.67 -36.60 17.64
CA ILE B 117 -24.34 -35.48 16.97
C ILE B 117 -23.55 -34.19 17.12
N GLU B 118 -22.94 -34.00 18.30
CA GLU B 118 -22.18 -32.77 18.55
C GLU B 118 -20.89 -32.66 17.73
N THR B 119 -20.24 -33.79 17.46
CA THR B 119 -18.96 -33.77 16.75
C THR B 119 -19.11 -33.40 15.28
N HIS B 120 -20.32 -33.52 14.74
CA HIS B 120 -20.56 -33.22 13.33
C HIS B 120 -21.64 -32.16 13.16
N ASP B 121 -21.90 -31.40 14.22
CA ASP B 121 -22.99 -30.43 14.22
C ASP B 121 -22.77 -29.28 13.23
N SER B 122 -21.59 -28.66 13.27
CA SER B 122 -21.28 -27.56 12.37
C SER B 122 -21.33 -28.02 10.91
N THR B 123 -20.82 -29.23 10.67
CA THR B 123 -20.80 -29.79 9.33
C THR B 123 -22.21 -30.00 8.80
N CYS B 124 -23.09 -30.58 9.63
CA CYS B 124 -24.47 -30.80 9.24
C CYS B 124 -25.19 -29.50 8.96
N ARG B 125 -24.90 -28.48 9.77
CA ARG B 125 -25.49 -27.15 9.59
C ARG B 125 -25.14 -26.59 8.20
N ARG B 126 -23.88 -26.68 7.83
CA ARG B 126 -23.44 -26.14 6.54
C ARG B 126 -24.02 -26.94 5.38
N LEU B 127 -24.07 -28.27 5.54
CA LEU B 127 -24.68 -29.13 4.54
C LEU B 127 -26.13 -28.77 4.29
N ALA B 128 -26.86 -28.48 5.37
CA ALA B 128 -28.25 -28.07 5.26
C ALA B 128 -28.40 -26.77 4.48
N ASN B 129 -27.63 -25.76 4.88
CA ASN B 129 -27.72 -24.45 4.24
C ASN B 129 -27.33 -24.47 2.76
N LYS B 130 -26.23 -25.15 2.46
CA LYS B 130 -25.70 -25.19 1.10
C LYS B 130 -26.58 -26.01 0.15
N SER B 131 -27.10 -27.13 0.65
CA SER B 131 -27.92 -28.01 -0.19
C SER B 131 -29.37 -27.55 -0.26
N ARG B 132 -29.75 -26.69 0.68
CA ARG B 132 -31.14 -26.26 0.86
C ARG B 132 -32.04 -27.46 1.15
N CYS B 133 -31.45 -28.45 1.82
CA CYS B 133 -32.17 -29.64 2.29
C CYS B 133 -32.15 -29.71 3.81
N GLN B 134 -33.18 -30.31 4.40
CA GLN B 134 -33.14 -30.62 5.82
C GLN B 134 -32.08 -31.69 6.06
N VAL B 135 -31.34 -31.55 7.15
CA VAL B 135 -30.41 -32.59 7.56
C VAL B 135 -30.83 -33.14 8.92
N ILE B 136 -30.91 -34.46 9.02
CA ILE B 136 -31.24 -35.13 10.28
C ILE B 136 -30.10 -36.03 10.72
N SER B 137 -29.37 -35.60 11.74
CA SER B 137 -28.22 -36.35 12.23
C SER B 137 -28.66 -37.40 13.25
N ILE B 138 -28.12 -38.60 13.13
CA ILE B 138 -28.58 -39.73 13.94
C ILE B 138 -27.55 -40.15 15.00
N ASP B 139 -28.01 -40.27 16.24
CA ASP B 139 -27.17 -40.72 17.34
C ASP B 139 -27.35 -42.22 17.57
N TYR B 140 -26.64 -43.04 16.81
CA TYR B 140 -26.77 -44.50 16.91
C TYR B 140 -25.92 -45.08 18.04
N ARG B 141 -26.25 -46.30 18.46
CA ARG B 141 -25.50 -46.98 19.51
C ARG B 141 -24.06 -47.25 19.11
N LEU B 142 -23.15 -47.17 20.08
CA LEU B 142 -21.73 -47.28 19.83
C LEU B 142 -21.09 -48.48 20.52
N ALA B 143 -20.04 -48.99 19.89
CA ALA B 143 -19.18 -50.02 20.48
C ALA B 143 -18.17 -49.35 21.42
N PRO B 144 -17.61 -50.11 22.38
CA PRO B 144 -17.77 -51.55 22.65
C PRO B 144 -19.03 -51.90 23.43
N GLU B 145 -19.73 -50.89 23.96
CA GLU B 145 -20.95 -51.14 24.72
C GLU B 145 -21.99 -51.86 23.88
N HIS B 146 -22.10 -51.46 22.62
CA HIS B 146 -23.04 -52.07 21.69
C HIS B 146 -22.35 -52.41 20.37
N PRO B 147 -21.65 -53.56 20.34
CA PRO B 147 -20.87 -53.96 19.17
C PRO B 147 -21.73 -54.37 17.98
N PHE B 148 -21.07 -54.64 16.85
CA PHE B 148 -21.71 -55.14 15.64
C PHE B 148 -22.70 -56.26 15.97
N PRO B 149 -23.88 -56.26 15.34
CA PRO B 149 -24.36 -55.32 14.31
C PRO B 149 -25.25 -54.19 14.85
N ALA B 150 -25.14 -53.88 16.13
CA ALA B 150 -26.01 -52.88 16.75
C ALA B 150 -25.99 -51.49 16.08
N PRO B 151 -24.80 -50.94 15.77
CA PRO B 151 -24.82 -49.57 15.23
C PRO B 151 -25.55 -49.44 13.89
N ILE B 152 -25.30 -50.36 12.97
CA ILE B 152 -25.92 -50.29 11.66
C ILE B 152 -27.40 -50.66 11.75
N ASP B 153 -27.74 -51.56 12.68
CA ASP B 153 -29.13 -51.86 12.97
C ASP B 153 -29.90 -50.58 13.32
N ASP B 154 -29.26 -49.71 14.09
CA ASP B 154 -29.87 -48.43 14.45
C ASP B 154 -30.03 -47.52 13.23
N GLY B 155 -29.00 -47.48 12.40
CA GLY B 155 -29.02 -46.66 11.20
C GLY B 155 -30.13 -47.04 10.25
N ILE B 156 -30.30 -48.34 10.04
CA ILE B 156 -31.37 -48.86 9.20
C ILE B 156 -32.73 -48.52 9.82
N ALA B 157 -32.84 -48.77 11.12
CA ALA B 157 -34.08 -48.48 11.85
C ALA B 157 -34.41 -46.99 11.79
N ALA B 158 -33.38 -46.15 11.88
CA ALA B 158 -33.57 -44.70 11.79
C ALA B 158 -34.14 -44.31 10.44
N PHE B 159 -33.58 -44.84 9.36
CA PHE B 159 -34.09 -44.51 8.03
C PHE B 159 -35.51 -45.01 7.84
N ARG B 160 -35.77 -46.24 8.28
CA ARG B 160 -37.09 -46.83 8.14
C ARG B 160 -38.13 -46.03 8.92
N HIS B 161 -37.77 -45.61 10.12
CA HIS B 161 -38.69 -44.87 10.97
C HIS B 161 -39.00 -43.50 10.39
N ILE B 162 -37.97 -42.83 9.87
CA ILE B 162 -38.15 -41.51 9.30
C ILE B 162 -38.90 -41.60 7.98
N ARG B 163 -38.61 -42.64 7.20
CA ARG B 163 -39.32 -42.89 5.95
C ARG B 163 -40.81 -43.10 6.18
N ASP B 164 -41.14 -43.85 7.23
CA ASP B 164 -42.53 -44.19 7.52
C ASP B 164 -43.23 -43.09 8.31
N ASN B 165 -42.47 -42.12 8.78
CA ASN B 165 -43.02 -40.97 9.50
C ASN B 165 -42.49 -39.66 8.97
N ALA B 166 -42.38 -39.56 7.65
CA ALA B 166 -41.74 -38.43 6.98
C ALA B 166 -42.31 -37.07 7.37
N GLU B 167 -43.64 -36.99 7.41
CA GLU B 167 -44.32 -35.72 7.69
C GLU B 167 -44.03 -35.21 9.09
N SER B 168 -43.89 -36.12 10.05
CA SER B 168 -43.61 -35.73 11.43
C SER B 168 -42.16 -35.29 11.57
N PHE B 169 -41.33 -35.65 10.60
CA PHE B 169 -39.95 -35.21 10.55
C PHE B 169 -39.78 -34.07 9.54
N GLY B 170 -40.88 -33.56 9.04
CA GLY B 170 -40.88 -32.46 8.09
C GLY B 170 -40.12 -32.80 6.82
N ALA B 171 -40.23 -34.05 6.38
CA ALA B 171 -39.47 -34.52 5.22
C ALA B 171 -40.37 -34.88 4.04
N ASP B 172 -39.86 -34.61 2.84
CA ASP B 172 -40.47 -35.07 1.61
C ASP B 172 -40.09 -36.53 1.38
N ALA B 173 -41.05 -37.43 1.53
CA ALA B 173 -40.79 -38.87 1.43
C ALA B 173 -40.22 -39.27 0.07
N ALA B 174 -40.50 -38.46 -0.95
CA ALA B 174 -40.03 -38.72 -2.31
C ALA B 174 -38.56 -38.35 -2.49
N ARG B 175 -38.04 -37.54 -1.58
CA ARG B 175 -36.65 -37.10 -1.67
C ARG B 175 -35.95 -37.27 -0.32
N LEU B 176 -35.78 -38.52 0.09
CA LEU B 176 -35.19 -38.85 1.37
C LEU B 176 -33.85 -39.56 1.17
N ALA B 177 -32.76 -38.85 1.47
CA ALA B 177 -31.43 -39.37 1.24
C ALA B 177 -30.78 -39.88 2.52
N VAL B 178 -29.76 -40.73 2.37
CA VAL B 178 -28.91 -41.11 3.48
C VAL B 178 -27.47 -40.75 3.15
N GLY B 179 -26.66 -40.54 4.19
CA GLY B 179 -25.27 -40.20 3.99
C GLY B 179 -24.49 -40.20 5.27
N GLY B 180 -23.17 -40.07 5.15
CA GLY B 180 -22.31 -39.99 6.31
C GLY B 180 -20.84 -40.08 5.96
N ASP B 181 -19.98 -39.86 6.95
CA ASP B 181 -18.55 -39.90 6.74
C ASP B 181 -17.93 -41.14 7.39
N ALA B 182 -17.00 -41.77 6.66
CA ALA B 182 -16.25 -42.92 7.14
C ALA B 182 -17.16 -44.07 7.57
N ALA B 183 -17.18 -44.37 8.86
CA ALA B 183 -18.07 -45.41 9.39
C ALA B 183 -19.52 -45.05 9.09
N GLY B 184 -19.84 -43.75 9.17
CA GLY B 184 -21.17 -43.28 8.87
C GLY B 184 -21.49 -43.42 7.39
N GLY B 185 -20.45 -43.35 6.57
CA GLY B 185 -20.58 -43.58 5.14
C GLY B 185 -20.83 -45.04 4.86
N ALA B 186 -20.12 -45.92 5.56
CA ALA B 186 -20.39 -47.35 5.51
C ALA B 186 -21.85 -47.61 5.86
N MET B 187 -22.31 -46.97 6.94
CA MET B 187 -23.68 -47.14 7.40
C MET B 187 -24.69 -46.78 6.31
N ALA B 188 -24.51 -45.60 5.72
CA ALA B 188 -25.41 -45.15 4.65
C ALA B 188 -25.42 -46.13 3.48
N ALA B 189 -24.24 -46.64 3.15
CA ALA B 189 -24.13 -47.59 2.04
C ALA B 189 -24.87 -48.88 2.35
N VAL B 190 -24.75 -49.36 3.58
CA VAL B 190 -25.37 -50.62 3.97
C VAL B 190 -26.89 -50.47 4.06
N VAL B 191 -27.34 -49.33 4.57
CA VAL B 191 -28.77 -49.04 4.63
C VAL B 191 -29.42 -49.19 3.26
N CYS B 192 -28.75 -48.67 2.23
CA CYS B 192 -29.27 -48.75 0.87
C CYS B 192 -29.33 -50.19 0.38
N GLN B 193 -28.28 -50.96 0.65
CA GLN B 193 -28.26 -52.38 0.26
C GLN B 193 -29.30 -53.18 1.05
N ALA B 194 -29.49 -52.81 2.32
CA ALA B 194 -30.44 -53.52 3.18
C ALA B 194 -31.87 -53.37 2.69
N CYS B 195 -32.24 -52.15 2.32
CA CYS B 195 -33.59 -51.87 1.83
C CYS B 195 -33.82 -52.52 0.47
N ARG B 196 -32.81 -52.48 -0.38
CA ARG B 196 -32.86 -53.11 -1.70
C ARG B 196 -33.04 -54.62 -1.55
N ASP B 197 -32.19 -55.25 -0.74
CA ASP B 197 -32.23 -56.70 -0.57
C ASP B 197 -33.54 -57.19 0.06
N ALA B 198 -34.16 -56.33 0.87
CA ALA B 198 -35.39 -56.70 1.55
C ALA B 198 -36.62 -56.38 0.70
N GLY B 199 -36.39 -55.71 -0.43
CA GLY B 199 -37.48 -55.35 -1.32
C GLY B 199 -38.28 -54.16 -0.82
N GLU B 200 -37.67 -53.36 0.05
CA GLU B 200 -38.31 -52.19 0.61
C GLU B 200 -38.07 -50.96 -0.26
N THR B 201 -38.76 -49.87 0.08
CA THR B 201 -38.45 -48.57 -0.49
C THR B 201 -37.20 -48.03 0.20
N GLY B 202 -36.16 -47.77 -0.58
CA GLY B 202 -34.91 -47.28 -0.01
C GLY B 202 -34.76 -45.78 -0.16
N PRO B 203 -33.61 -45.25 0.26
CA PRO B 203 -33.27 -43.83 0.11
C PRO B 203 -33.26 -43.41 -1.36
N ALA B 204 -33.53 -42.14 -1.64
CA ALA B 204 -33.55 -41.65 -3.01
C ALA B 204 -32.16 -41.22 -3.47
N PHE B 205 -31.21 -41.22 -2.53
CA PHE B 205 -29.88 -40.70 -2.79
C PHE B 205 -28.95 -41.13 -1.68
N GLN B 206 -27.68 -41.38 -2.02
CA GLN B 206 -26.70 -41.74 -0.99
C GLN B 206 -25.46 -40.86 -1.10
N MET B 207 -25.12 -40.20 0.01
CA MET B 207 -23.93 -39.35 0.06
C MET B 207 -22.84 -40.04 0.85
N LEU B 208 -21.86 -40.59 0.16
CA LEU B 208 -20.81 -41.36 0.82
C LEU B 208 -19.52 -40.55 0.90
N ILE B 209 -19.23 -40.07 2.10
CA ILE B 209 -18.03 -39.28 2.35
C ILE B 209 -16.93 -40.16 2.93
N TYR B 210 -15.86 -40.36 2.14
CA TYR B 210 -14.85 -41.40 2.36
C TYR B 210 -15.33 -42.57 3.23
N PRO B 211 -16.27 -43.36 2.70
CA PRO B 211 -16.81 -44.49 3.45
C PRO B 211 -15.81 -45.63 3.61
N ALA B 212 -15.96 -46.42 4.66
CA ALA B 212 -15.30 -47.71 4.73
C ALA B 212 -16.20 -48.72 4.03
N THR B 213 -15.67 -49.45 3.05
CA THR B 213 -16.53 -50.32 2.26
C THR B 213 -16.07 -51.78 2.22
N ASP B 214 -14.84 -52.03 2.67
CA ASP B 214 -14.31 -53.38 2.61
C ASP B 214 -13.41 -53.71 3.80
N SER B 215 -13.90 -54.60 4.67
CA SER B 215 -13.17 -55.02 5.84
C SER B 215 -12.44 -56.35 5.63
N SER B 216 -12.53 -56.88 4.41
CA SER B 216 -11.98 -58.21 4.12
C SER B 216 -10.55 -58.18 3.56
N ARG B 217 -10.17 -57.07 2.93
CA ARG B 217 -8.83 -56.95 2.36
C ARG B 217 -8.15 -55.61 2.68
N GLU B 218 -6.83 -55.61 2.59
CA GLU B 218 -6.04 -54.39 2.69
C GLU B 218 -5.77 -53.81 1.31
N SER B 219 -6.43 -52.70 0.98
CA SER B 219 -6.19 -52.02 -0.29
C SER B 219 -4.80 -51.41 -0.30
N ALA B 220 -4.37 -50.93 -1.46
CA ALA B 220 -3.09 -50.27 -1.58
C ALA B 220 -3.02 -49.03 -0.69
N SER B 221 -4.12 -48.29 -0.63
CA SER B 221 -4.15 -47.06 0.17
C SER B 221 -4.16 -47.39 1.67
N ARG B 222 -4.85 -48.46 2.05
CA ARG B 222 -4.88 -48.91 3.43
C ARG B 222 -3.48 -49.22 3.94
N VAL B 223 -2.65 -49.80 3.08
CA VAL B 223 -1.29 -50.13 3.48
C VAL B 223 -0.38 -48.90 3.40
N ALA B 224 -0.49 -48.14 2.32
CA ALA B 224 0.39 -47.01 2.09
C ALA B 224 0.20 -45.90 3.14
N PHE B 225 -1.04 -45.68 3.55
CA PHE B 225 -1.36 -44.57 4.43
C PHE B 225 -1.69 -45.04 5.84
N ALA B 226 -1.12 -46.17 6.23
CA ALA B 226 -1.40 -46.78 7.52
C ALA B 226 -0.79 -45.98 8.67
N GLU B 227 0.16 -45.10 8.36
CA GLU B 227 0.81 -44.28 9.39
C GLU B 227 1.04 -42.84 8.94
N GLY B 228 0.95 -41.91 9.90
CA GLY B 228 1.33 -40.53 9.67
C GLY B 228 0.28 -39.66 9.03
N TYR B 229 -0.91 -40.20 8.79
CA TYR B 229 -1.97 -39.43 8.16
C TYR B 229 -3.26 -39.45 8.97
N PHE B 230 -3.16 -39.03 10.24
CA PHE B 230 -4.30 -38.89 11.15
C PHE B 230 -4.94 -40.24 11.48
N LEU B 231 -5.57 -40.87 10.49
CA LEU B 231 -6.12 -42.20 10.68
C LEU B 231 -5.04 -43.26 10.52
N SER B 232 -4.60 -43.85 11.63
CA SER B 232 -3.53 -44.84 11.61
C SER B 232 -4.08 -46.26 11.74
N LYS B 233 -3.28 -47.24 11.32
CA LYS B 233 -3.67 -48.64 11.40
C LYS B 233 -3.89 -49.04 12.86
N ALA B 234 -3.03 -48.55 13.75
CA ALA B 234 -3.14 -48.86 15.17
C ALA B 234 -4.47 -48.40 15.75
N LEU B 235 -4.98 -47.27 15.26
CA LEU B 235 -6.26 -46.76 15.71
C LEU B 235 -7.41 -47.54 15.10
N MET B 236 -7.22 -47.99 13.87
CA MET B 236 -8.26 -48.75 13.17
C MET B 236 -8.46 -50.12 13.81
N ASP B 237 -7.39 -50.70 14.31
CA ASP B 237 -7.48 -51.95 15.07
C ASP B 237 -8.18 -51.70 16.39
N TRP B 238 -7.84 -50.59 17.02
CA TRP B 238 -8.49 -50.15 18.26
C TRP B 238 -9.99 -50.03 18.08
N PHE B 239 -10.40 -49.42 16.96
CA PHE B 239 -11.81 -49.36 16.58
C PHE B 239 -12.39 -50.77 16.41
N TRP B 240 -11.65 -51.61 15.71
CA TRP B 240 -12.11 -52.94 15.33
C TRP B 240 -12.34 -53.87 16.52
N GLU B 241 -11.46 -53.78 17.53
CA GLU B 241 -11.58 -54.63 18.72
C GLU B 241 -12.86 -54.35 19.50
N ALA B 242 -13.30 -53.11 19.47
CA ALA B 242 -14.54 -52.73 20.14
C ALA B 242 -15.76 -53.11 19.30
N TYR B 243 -15.66 -52.85 18.00
CA TYR B 243 -16.80 -52.98 17.11
C TYR B 243 -17.15 -54.43 16.75
N VAL B 244 -16.13 -55.23 16.44
CA VAL B 244 -16.39 -56.54 15.88
C VAL B 244 -16.00 -57.67 16.83
N PRO B 245 -17.00 -58.49 17.23
CA PRO B 245 -16.80 -59.66 18.08
C PRO B 245 -15.89 -60.67 17.40
N GLU B 246 -15.25 -61.54 18.17
CA GLU B 246 -14.32 -62.51 17.60
C GLU B 246 -15.06 -63.47 16.67
N ASP B 247 -14.33 -63.95 15.67
CA ASP B 247 -14.85 -64.91 14.70
C ASP B 247 -16.10 -64.41 13.99
N THR B 248 -16.02 -63.19 13.46
CA THR B 248 -17.07 -62.66 12.61
C THR B 248 -16.62 -62.69 11.15
N ASP B 249 -17.47 -63.21 10.28
CA ASP B 249 -17.19 -63.26 8.84
C ASP B 249 -16.89 -61.87 8.30
N LEU B 250 -15.65 -61.65 7.89
CA LEU B 250 -15.22 -60.35 7.39
C LEU B 250 -15.84 -60.01 6.04
N THR B 251 -16.41 -61.01 5.37
CA THR B 251 -17.03 -60.79 4.08
C THR B 251 -18.50 -60.39 4.22
N ASP B 252 -18.98 -60.35 5.46
CA ASP B 252 -20.36 -59.93 5.74
C ASP B 252 -20.64 -58.57 5.14
N LEU B 253 -21.72 -58.47 4.38
CA LEU B 253 -22.02 -57.27 3.60
C LEU B 253 -22.32 -56.04 4.46
N ARG B 254 -22.59 -56.24 5.74
CA ARG B 254 -22.76 -55.12 6.66
C ARG B 254 -21.40 -54.57 7.10
N LEU B 255 -20.37 -55.40 6.96
CA LEU B 255 -19.00 -54.99 7.26
C LEU B 255 -18.27 -54.62 5.98
N SER B 256 -18.64 -55.28 4.89
CA SER B 256 -17.98 -55.06 3.61
C SER B 256 -18.99 -54.95 2.46
N PRO B 257 -19.72 -53.81 2.41
CA PRO B 257 -20.73 -53.59 1.36
C PRO B 257 -20.16 -53.65 -0.05
N LEU B 258 -18.84 -53.43 -0.19
CA LEU B 258 -18.18 -53.49 -1.49
C LEU B 258 -18.27 -54.87 -2.12
N LEU B 259 -18.43 -55.90 -1.28
CA LEU B 259 -18.42 -57.28 -1.75
C LEU B 259 -19.78 -57.73 -2.29
N ALA B 260 -20.73 -56.81 -2.38
CA ALA B 260 -22.06 -57.13 -2.88
C ALA B 260 -22.00 -57.62 -4.33
N THR B 261 -22.76 -58.65 -4.65
CA THR B 261 -22.76 -59.21 -5.99
C THR B 261 -23.70 -58.44 -6.92
N ASP B 262 -24.54 -57.61 -6.35
CA ASP B 262 -25.52 -56.85 -7.12
C ASP B 262 -25.58 -55.39 -6.67
N PHE B 263 -25.28 -54.48 -7.58
CA PHE B 263 -25.31 -53.05 -7.29
C PHE B 263 -26.48 -52.34 -7.97
N THR B 264 -27.27 -53.10 -8.72
CA THR B 264 -28.46 -52.54 -9.35
C THR B 264 -29.53 -52.27 -8.30
N GLY B 265 -30.36 -51.27 -8.54
CA GLY B 265 -31.45 -50.94 -7.63
C GLY B 265 -31.03 -50.06 -6.47
N LEU B 266 -29.77 -49.66 -6.46
CA LEU B 266 -29.26 -48.74 -5.45
C LEU B 266 -29.44 -47.30 -5.94
N PRO B 267 -29.68 -46.36 -5.01
CA PRO B 267 -30.00 -44.98 -5.40
C PRO B 267 -28.81 -44.21 -5.97
N PRO B 268 -29.08 -43.12 -6.70
CA PRO B 268 -28.04 -42.20 -7.20
C PRO B 268 -27.08 -41.80 -6.08
N ALA B 269 -25.80 -41.66 -6.40
CA ALA B 269 -24.78 -41.58 -5.36
C ALA B 269 -23.81 -40.42 -5.54
N PHE B 270 -23.34 -39.90 -4.42
CA PHE B 270 -22.18 -39.02 -4.38
C PHE B 270 -21.13 -39.68 -3.51
N VAL B 271 -19.96 -39.95 -4.10
CA VAL B 271 -18.89 -40.62 -3.38
C VAL B 271 -17.63 -39.78 -3.40
N LEU B 272 -17.12 -39.45 -2.22
CA LEU B 272 -15.94 -38.61 -2.10
C LEU B 272 -14.81 -39.37 -1.39
N THR B 273 -13.59 -39.19 -1.87
CA THR B 273 -12.42 -39.77 -1.22
C THR B 273 -11.36 -38.70 -0.96
N ALA B 274 -10.43 -39.02 -0.08
CA ALA B 274 -9.32 -38.14 0.23
C ALA B 274 -8.01 -38.76 -0.23
N GLY B 275 -7.13 -37.95 -0.81
CA GLY B 275 -5.90 -38.43 -1.40
C GLY B 275 -4.99 -39.26 -0.52
N TYR B 276 -4.95 -38.94 0.78
CA TYR B 276 -4.07 -39.65 1.70
C TYR B 276 -4.84 -40.51 2.71
N ASP B 277 -6.07 -40.86 2.35
CA ASP B 277 -6.94 -41.65 3.22
C ASP B 277 -6.72 -43.15 2.96
N PRO B 278 -6.46 -43.93 4.03
CA PRO B 278 -6.42 -45.39 3.90
C PRO B 278 -7.65 -45.94 3.17
N LEU B 279 -8.80 -45.33 3.40
CA LEU B 279 -10.06 -45.78 2.81
C LEU B 279 -10.27 -45.31 1.37
N ARG B 280 -9.31 -44.56 0.81
CA ARG B 280 -9.44 -43.98 -0.52
C ARG B 280 -9.83 -45.01 -1.59
N ASP B 281 -8.99 -46.02 -1.77
CA ASP B 281 -9.18 -47.01 -2.84
C ASP B 281 -10.53 -47.74 -2.77
N GLU B 282 -10.96 -48.10 -1.56
CA GLU B 282 -12.18 -48.89 -1.43
C GLU B 282 -13.41 -48.01 -1.59
N GLY B 283 -13.25 -46.71 -1.35
CA GLY B 283 -14.29 -45.75 -1.64
C GLY B 283 -14.46 -45.58 -3.14
N ARG B 284 -13.33 -45.43 -3.84
CA ARG B 284 -13.38 -45.28 -5.29
C ARG B 284 -13.86 -46.57 -5.96
N ALA B 285 -13.48 -47.71 -5.39
CA ALA B 285 -13.93 -48.99 -5.94
C ALA B 285 -15.43 -49.13 -5.80
N TYR B 286 -15.98 -48.64 -4.69
CA TYR B 286 -17.43 -48.69 -4.48
C TYR B 286 -18.11 -47.85 -5.55
N ALA B 287 -17.58 -46.66 -5.80
CA ALA B 287 -18.08 -45.79 -6.85
C ALA B 287 -18.02 -46.48 -8.20
N ASP B 288 -16.93 -47.19 -8.47
CA ASP B 288 -16.76 -47.93 -9.71
C ASP B 288 -17.88 -48.96 -9.89
N ARG B 289 -18.13 -49.75 -8.84
CA ARG B 289 -19.17 -50.77 -8.88
C ARG B 289 -20.54 -50.17 -9.22
N LEU B 290 -20.86 -49.05 -8.58
CA LEU B 290 -22.11 -48.34 -8.85
C LEU B 290 -22.18 -47.89 -10.30
N ILE B 291 -21.08 -47.34 -10.80
CA ILE B 291 -21.00 -46.87 -12.18
C ILE B 291 -21.22 -48.00 -13.18
N GLU B 292 -20.56 -49.14 -12.98
CA GLU B 292 -20.72 -50.27 -13.92
C GLU B 292 -22.15 -50.79 -13.92
N ALA B 293 -22.82 -50.68 -12.77
CA ALA B 293 -24.16 -51.22 -12.62
C ALA B 293 -25.23 -50.30 -13.21
N GLY B 294 -24.79 -49.16 -13.75
CA GLY B 294 -25.71 -48.22 -14.38
C GLY B 294 -26.43 -47.33 -13.38
N ILE B 295 -25.83 -47.12 -12.22
CA ILE B 295 -26.36 -46.21 -11.22
C ILE B 295 -25.76 -44.82 -11.42
N LYS B 296 -26.60 -43.78 -11.36
CA LYS B 296 -26.10 -42.42 -11.46
C LYS B 296 -25.13 -42.15 -10.32
N THR B 297 -23.87 -41.94 -10.66
CA THR B 297 -22.84 -41.82 -9.64
C THR B 297 -21.94 -40.63 -9.90
N THR B 298 -21.78 -39.80 -8.87
CA THR B 298 -20.83 -38.69 -8.91
C THR B 298 -19.68 -39.01 -7.98
N TYR B 299 -18.49 -39.20 -8.56
CA TYR B 299 -17.30 -39.49 -7.77
C TYR B 299 -16.33 -38.32 -7.79
N VAL B 300 -15.75 -38.00 -6.64
CA VAL B 300 -14.72 -36.97 -6.58
C VAL B 300 -13.61 -37.33 -5.61
N ASN B 301 -12.37 -37.10 -6.02
CA ASN B 301 -11.24 -37.26 -5.13
C ASN B 301 -10.61 -35.93 -4.79
N TYR B 302 -10.45 -35.68 -3.49
CA TYR B 302 -9.75 -34.49 -3.01
C TYR B 302 -8.32 -34.88 -2.68
N PRO B 303 -7.38 -34.58 -3.60
CA PRO B 303 -5.98 -34.97 -3.38
C PRO B 303 -5.32 -34.09 -2.32
N GLY B 304 -4.22 -34.58 -1.75
CA GLY B 304 -3.43 -33.78 -0.84
C GLY B 304 -4.09 -33.47 0.49
N THR B 305 -5.18 -34.15 0.82
CA THR B 305 -5.81 -34.00 2.12
C THR B 305 -6.02 -35.35 2.79
N ILE B 306 -6.45 -35.33 4.04
CA ILE B 306 -6.50 -36.55 4.84
C ILE B 306 -7.90 -37.02 5.18
N HIS B 307 -7.98 -38.25 5.68
CA HIS B 307 -9.20 -38.77 6.26
C HIS B 307 -9.68 -37.84 7.36
N GLY B 308 -10.98 -37.58 7.39
CA GLY B 308 -11.55 -36.73 8.42
C GLY B 308 -11.68 -35.26 8.05
N PHE B 309 -11.11 -34.87 6.91
CA PHE B 309 -11.01 -33.44 6.56
C PHE B 309 -12.38 -32.79 6.37
N PHE B 310 -13.38 -33.59 6.06
CA PHE B 310 -14.77 -33.15 5.84
C PHE B 310 -15.34 -32.43 7.07
N SER B 311 -14.83 -32.76 8.26
CA SER B 311 -15.33 -32.14 9.49
C SER B 311 -14.19 -31.58 10.35
N LEU B 312 -12.98 -31.55 9.80
CA LEU B 312 -11.85 -30.87 10.45
C LEU B 312 -11.76 -29.44 9.92
N THR B 313 -12.91 -28.81 9.74
CA THR B 313 -13.00 -27.59 8.96
C THR B 313 -12.58 -26.32 9.71
N ARG B 314 -12.06 -26.48 10.92
CA ARG B 314 -11.44 -25.35 11.61
C ARG B 314 -10.01 -25.17 11.12
N PHE B 315 -9.43 -26.25 10.62
CA PHE B 315 -8.02 -26.24 10.20
C PHE B 315 -7.87 -26.40 8.70
N LEU B 316 -8.84 -27.04 8.06
CA LEU B 316 -8.72 -27.39 6.65
C LEU B 316 -9.84 -26.78 5.81
N SER B 317 -9.50 -25.80 4.99
CA SER B 317 -10.49 -25.14 4.16
C SER B 317 -11.01 -26.08 3.06
N GLN B 318 -10.22 -27.08 2.71
CA GLN B 318 -10.63 -28.07 1.73
C GLN B 318 -11.91 -28.80 2.18
N GLY B 319 -12.05 -28.96 3.49
CA GLY B 319 -13.22 -29.61 4.05
C GLY B 319 -14.49 -28.81 3.81
N LEU B 320 -14.37 -27.48 3.87
CA LEU B 320 -15.49 -26.60 3.58
C LEU B 320 -15.85 -26.68 2.10
N LYS B 321 -14.84 -26.75 1.24
CA LYS B 321 -15.07 -26.95 -0.18
C LYS B 321 -15.76 -28.29 -0.43
N ALA B 322 -15.31 -29.32 0.28
CA ALA B 322 -15.92 -30.65 0.16
C ALA B 322 -17.35 -30.63 0.67
N ASN B 323 -17.59 -29.94 1.78
CA ASN B 323 -18.96 -29.72 2.26
C ASN B 323 -19.82 -29.12 1.18
N ASP B 324 -19.30 -28.08 0.54
CA ASP B 324 -20.07 -27.32 -0.44
C ASP B 324 -20.34 -28.14 -1.69
N GLU B 325 -19.37 -28.94 -2.12
CA GLU B 325 -19.58 -29.75 -3.32
C GLU B 325 -20.61 -30.85 -3.07
N ALA B 326 -20.46 -31.56 -1.97
CA ALA B 326 -21.41 -32.61 -1.59
C ALA B 326 -22.82 -32.08 -1.51
N ALA B 327 -22.98 -30.95 -0.83
CA ALA B 327 -24.30 -30.32 -0.67
C ALA B 327 -24.84 -29.85 -2.00
N ALA B 328 -23.97 -29.27 -2.83
CA ALA B 328 -24.39 -28.75 -4.13
C ALA B 328 -24.89 -29.86 -5.04
N VAL B 329 -24.17 -30.96 -5.09
CA VAL B 329 -24.58 -32.11 -5.90
C VAL B 329 -25.93 -32.67 -5.44
N MET B 330 -26.11 -32.81 -4.13
CA MET B 330 -27.36 -33.32 -3.60
C MET B 330 -28.50 -32.35 -3.91
N GLY B 331 -28.25 -31.07 -3.66
CA GLY B 331 -29.21 -30.02 -3.99
C GLY B 331 -29.61 -30.03 -5.46
N ALA B 332 -28.63 -30.18 -6.33
CA ALA B 332 -28.91 -30.24 -7.77
C ALA B 332 -29.76 -31.47 -8.11
N HIS B 333 -29.46 -32.59 -7.47
CA HIS B 333 -30.19 -33.82 -7.73
C HIS B 333 -31.65 -33.70 -7.29
N PHE B 334 -31.87 -33.04 -6.17
CA PHE B 334 -33.22 -32.87 -5.65
C PHE B 334 -33.90 -31.63 -6.22
N GLY B 335 -33.17 -30.89 -7.05
CA GLY B 335 -33.69 -29.69 -7.67
C GLY B 335 -34.12 -28.61 -6.67
N THR B 336 -33.27 -28.36 -5.68
CA THR B 336 -33.55 -27.34 -4.67
C THR B 336 -33.09 -25.96 -5.13
N GLN C 20 -1.70 13.52 3.70
CA GLN C 20 -1.08 14.41 2.73
C GLN C 20 -1.49 15.87 2.96
N GLY C 21 -2.12 16.13 4.10
CA GLY C 21 -2.55 17.47 4.44
C GLY C 21 -1.39 18.40 4.73
N MET C 22 -0.24 17.81 5.06
CA MET C 22 0.94 18.60 5.37
C MET C 22 1.72 18.99 4.11
N LEU C 23 1.34 18.41 2.98
CA LEU C 23 1.91 18.79 1.69
C LEU C 23 1.62 20.25 1.37
N LEU C 24 2.65 20.98 0.97
CA LEU C 24 2.48 22.35 0.53
C LEU C 24 1.77 22.39 -0.81
N PRO C 25 0.99 23.45 -1.06
CA PRO C 25 0.29 23.62 -2.34
C PRO C 25 1.20 23.48 -3.57
N GLU C 26 2.42 23.99 -3.49
CA GLU C 26 3.33 23.91 -4.63
C GLU C 26 3.81 22.46 -4.84
N THR C 27 3.93 21.73 -3.73
CA THR C 27 4.36 20.34 -3.80
C THR C 27 3.25 19.48 -4.42
N ARG C 28 2.04 19.61 -3.88
CA ARG C 28 0.89 18.88 -4.39
C ARG C 28 0.64 19.19 -5.86
N ASN C 29 0.82 20.45 -6.22
CA ASN C 29 0.63 20.89 -7.60
C ASN C 29 1.59 20.19 -8.57
N LEU C 30 2.86 20.15 -8.20
CA LEU C 30 3.86 19.48 -9.03
C LEU C 30 3.57 18.00 -9.18
N LEU C 31 3.23 17.34 -8.08
CA LEU C 31 2.88 15.93 -8.11
C LEU C 31 1.63 15.69 -8.95
N ASP C 32 0.70 16.65 -8.92
CA ASP C 32 -0.51 16.56 -9.73
C ASP C 32 -0.18 16.71 -11.21
N LEU C 33 0.74 17.62 -11.52
CA LEU C 33 1.17 17.82 -12.90
C LEU C 33 1.89 16.56 -13.41
N MET C 34 2.69 15.96 -12.54
CA MET C 34 3.41 14.73 -12.88
C MET C 34 2.46 13.57 -13.12
N ASP C 35 1.45 13.45 -12.26
CA ASP C 35 0.46 12.39 -12.39
CA ASP C 35 0.46 12.39 -12.39
C ASP C 35 -0.35 12.53 -13.68
N ALA C 36 -0.65 13.78 -14.04
CA ALA C 36 -1.39 14.05 -15.25
C ALA C 36 -0.56 13.67 -16.48
N ALA C 37 0.75 13.84 -16.37
CA ALA C 37 1.67 13.48 -17.45
C ALA C 37 1.71 11.97 -17.63
N THR C 38 1.73 11.24 -16.52
CA THR C 38 1.80 9.78 -16.54
C THR C 38 0.56 9.17 -17.19
N ARG C 39 -0.61 9.70 -16.83
CA ARG C 39 -1.86 9.24 -17.43
C ARG C 39 -1.99 9.73 -18.87
N GLY C 40 -1.18 10.72 -19.22
CA GLY C 40 -1.19 11.27 -20.57
C GLY C 40 -0.40 10.41 -21.53
N GLY C 41 0.54 9.63 -21.01
CA GLY C 41 1.34 8.74 -21.83
C GLY C 41 2.82 8.77 -21.52
N ARG C 42 3.23 9.70 -20.66
CA ARG C 42 4.64 9.80 -20.26
C ARG C 42 5.08 8.52 -19.55
N PRO C 43 6.03 7.80 -20.16
CA PRO C 43 6.52 6.54 -19.61
C PRO C 43 7.28 6.73 -18.31
N ARG C 44 7.06 5.83 -17.35
CA ARG C 44 7.80 5.85 -16.10
C ARG C 44 9.26 5.46 -16.37
N LEU C 45 10.18 6.10 -15.64
CA LEU C 45 11.60 5.89 -15.88
C LEU C 45 12.04 4.45 -15.67
N GLU C 46 11.49 3.80 -14.64
CA GLU C 46 11.86 2.42 -14.32
C GLU C 46 11.36 1.42 -15.36
N THR C 47 10.52 1.91 -16.28
CA THR C 47 10.01 1.09 -17.38
C THR C 47 11.07 0.99 -18.49
N LEU C 48 11.84 2.05 -18.66
CA LEU C 48 12.82 2.13 -19.74
C LEU C 48 14.16 1.50 -19.37
N PRO C 49 14.92 1.07 -20.40
CA PRO C 49 16.33 0.69 -20.19
C PRO C 49 17.13 1.89 -19.70
N HIS C 50 18.24 1.62 -19.01
CA HIS C 50 18.94 2.67 -18.26
C HIS C 50 19.52 3.80 -19.12
N ALA C 51 20.29 3.45 -20.15
CA ALA C 51 20.90 4.45 -21.01
C ALA C 51 19.85 5.27 -21.74
N VAL C 52 18.81 4.60 -22.22
CA VAL C 52 17.73 5.27 -22.93
C VAL C 52 16.99 6.24 -22.02
N GLY C 53 16.61 5.74 -20.84
CA GLY C 53 15.89 6.55 -19.87
C GLY C 53 16.69 7.73 -19.37
N ARG C 54 17.99 7.51 -19.17
CA ARG C 54 18.89 8.56 -18.71
C ARG C 54 18.82 9.80 -19.58
N LYS C 55 18.89 9.62 -20.89
CA LYS C 55 18.86 10.72 -21.84
C LYS C 55 17.58 11.53 -21.68
N ALA C 56 16.45 10.83 -21.54
CA ALA C 56 15.14 11.48 -21.45
C ALA C 56 14.97 12.24 -20.13
N VAL C 57 15.39 11.63 -19.03
CA VAL C 57 15.16 12.21 -17.71
C VAL C 57 16.13 13.35 -17.43
N ASP C 58 17.34 13.26 -17.98
CA ASP C 58 18.32 14.32 -17.76
C ASP C 58 17.83 15.64 -18.36
N LYS C 59 17.17 15.55 -19.52
CA LYS C 59 16.60 16.74 -20.15
C LYS C 59 15.49 17.32 -19.28
N MET C 60 14.70 16.45 -18.66
CA MET C 60 13.63 16.89 -17.77
CA MET C 60 13.64 16.91 -17.78
C MET C 60 14.20 17.53 -16.51
N SER C 61 15.27 16.94 -15.99
CA SER C 61 15.93 17.47 -14.81
C SER C 61 16.50 18.87 -15.06
N GLU C 62 17.06 19.08 -16.24
CA GLU C 62 17.55 20.40 -16.61
C GLU C 62 16.41 21.41 -16.64
N ASP C 63 15.31 21.02 -17.26
CA ASP C 63 14.14 21.89 -17.38
C ASP C 63 13.44 22.10 -16.05
N GLY C 64 13.75 21.25 -15.07
CA GLY C 64 13.14 21.35 -13.76
C GLY C 64 13.81 22.36 -12.85
N GLU C 65 15.01 22.80 -13.23
CA GLU C 65 15.72 23.82 -12.48
C GLU C 65 15.18 25.21 -12.82
N ALA C 66 15.33 26.15 -11.89
CA ALA C 66 15.03 27.54 -12.17
C ALA C 66 16.01 28.08 -13.22
N ASP C 67 15.69 29.23 -13.79
CA ASP C 67 16.58 29.87 -14.75
C ASP C 67 17.95 30.11 -14.12
N PRO C 68 19.02 29.79 -14.85
CA PRO C 68 20.39 29.92 -14.34
C PRO C 68 20.78 31.36 -14.08
N PRO C 69 21.09 31.70 -12.82
CA PRO C 69 21.57 33.05 -12.51
C PRO C 69 22.97 33.26 -13.03
N GLU C 70 23.31 34.51 -13.36
CA GLU C 70 24.64 34.85 -13.80
C GLU C 70 25.65 34.72 -12.66
N VAL C 71 26.85 34.26 -12.99
CA VAL C 71 27.94 34.24 -12.03
C VAL C 71 29.12 35.00 -12.64
N ALA C 72 30.20 35.15 -11.88
CA ALA C 72 31.36 35.90 -12.36
C ALA C 72 32.08 35.15 -13.49
N GLU C 73 32.10 33.83 -13.41
CA GLU C 73 32.84 33.01 -14.38
C GLU C 73 32.45 31.54 -14.29
N VAL C 74 32.31 30.89 -15.45
CA VAL C 74 32.11 29.45 -15.50
C VAL C 74 33.25 28.80 -16.26
N ALA C 75 33.87 27.80 -15.66
CA ALA C 75 35.00 27.12 -16.28
C ALA C 75 34.71 25.63 -16.46
N ASN C 76 35.05 25.10 -17.62
CA ASN C 76 34.86 23.69 -17.91
C ASN C 76 36.18 23.02 -18.28
N GLY C 77 36.43 21.84 -17.70
CA GLY C 77 37.64 21.11 -17.99
C GLY C 77 37.60 19.69 -17.47
N GLY C 78 38.75 19.02 -17.48
CA GLY C 78 38.85 17.67 -16.98
C GLY C 78 40.23 17.32 -16.47
N PHE C 79 40.32 16.24 -15.71
CA PHE C 79 41.60 15.73 -15.24
C PHE C 79 41.56 14.21 -15.21
N ALA C 80 42.73 13.60 -15.02
CA ALA C 80 42.83 12.15 -15.03
C ALA C 80 42.32 11.55 -13.73
N GLY C 81 41.21 10.79 -13.83
CA GLY C 81 40.68 10.08 -12.69
C GLY C 81 41.26 8.67 -12.60
N PRO C 82 40.67 7.83 -11.75
CA PRO C 82 41.13 6.46 -11.51
C PRO C 82 41.22 5.61 -12.78
N ALA C 83 40.16 5.62 -13.59
CA ALA C 83 40.13 4.80 -14.80
C ALA C 83 39.45 5.52 -15.94
N SER C 84 39.36 6.85 -15.85
CA SER C 84 38.73 7.67 -16.88
C SER C 84 39.02 9.14 -16.65
N GLU C 85 38.66 9.97 -17.62
CA GLU C 85 38.72 11.41 -17.41
C GLU C 85 37.54 11.81 -16.53
N ILE C 86 37.78 12.71 -15.59
CA ILE C 86 36.70 13.24 -14.78
C ILE C 86 36.47 14.71 -15.12
N ARG C 87 35.31 15.00 -15.69
CA ARG C 87 34.98 16.37 -16.07
C ARG C 87 34.49 17.16 -14.88
N PHE C 88 34.77 18.46 -14.88
CA PHE C 88 34.32 19.33 -13.81
C PHE C 88 33.85 20.66 -14.36
N ARG C 89 33.05 21.38 -13.57
CA ARG C 89 32.64 22.73 -13.92
C ARG C 89 32.77 23.64 -12.70
N ARG C 90 33.52 24.71 -12.85
CA ARG C 90 33.77 25.64 -11.76
C ARG C 90 32.92 26.90 -11.91
N TYR C 91 32.32 27.33 -10.79
CA TYR C 91 31.50 28.53 -10.76
C TYR C 91 32.11 29.55 -9.81
N ARG C 92 32.53 30.70 -10.34
CA ARG C 92 33.01 31.78 -9.49
C ARG C 92 31.86 32.71 -9.13
N PRO C 93 31.65 32.92 -7.82
CA PRO C 93 30.54 33.75 -7.35
C PRO C 93 30.69 35.21 -7.73
N LEU C 94 29.56 35.89 -7.97
CA LEU C 94 29.56 37.32 -8.25
C LEU C 94 30.13 38.12 -7.08
N GLY C 95 30.91 39.14 -7.40
CA GLY C 95 31.40 40.08 -6.40
C GLY C 95 32.59 39.62 -5.58
N GLU C 96 33.10 38.42 -5.88
CA GLU C 96 34.26 37.91 -5.18
C GLU C 96 35.49 37.94 -6.07
N ALA C 97 36.50 38.72 -5.66
CA ALA C 97 37.65 39.00 -6.51
C ALA C 97 38.92 38.29 -6.05
N ALA C 98 38.87 37.64 -4.89
CA ALA C 98 40.05 36.95 -4.35
C ALA C 98 40.52 35.85 -5.29
N GLY C 99 41.84 35.64 -5.33
CA GLY C 99 42.41 34.60 -6.16
C GLY C 99 41.98 33.22 -5.73
N LEU C 100 42.26 32.88 -4.47
CA LEU C 100 41.88 31.59 -3.92
C LEU C 100 40.63 31.75 -3.07
N LEU C 101 39.59 31.01 -3.42
CA LEU C 101 38.28 31.14 -2.77
C LEU C 101 37.93 29.90 -1.95
N PRO C 102 37.15 30.10 -0.87
CA PRO C 102 36.55 28.94 -0.20
C PRO C 102 35.70 28.20 -1.23
N THR C 103 35.79 26.89 -1.24
CA THR C 103 35.27 26.12 -2.37
C THR C 103 34.46 24.91 -1.95
N LEU C 104 33.30 24.74 -2.57
CA LEU C 104 32.47 23.55 -2.38
C LEU C 104 32.57 22.62 -3.59
N ILE C 105 33.08 21.43 -3.36
CA ILE C 105 33.03 20.37 -4.38
C ILE C 105 31.64 19.73 -4.32
N TYR C 106 30.93 19.77 -5.44
CA TYR C 106 29.54 19.31 -5.45
C TYR C 106 29.35 18.06 -6.30
N TYR C 107 28.62 17.09 -5.75
CA TYR C 107 28.29 15.87 -6.48
C TYR C 107 26.80 15.76 -6.71
N HIS C 108 26.37 15.84 -7.96
CA HIS C 108 24.94 15.77 -8.29
C HIS C 108 24.33 14.45 -7.85
N GLY C 109 23.00 14.41 -7.80
CA GLY C 109 22.29 13.20 -7.44
C GLY C 109 21.66 12.53 -8.64
N GLY C 110 21.03 11.38 -8.42
CA GLY C 110 20.41 10.62 -9.48
C GLY C 110 20.68 9.13 -9.36
N GLY C 111 20.77 8.66 -8.12
CA GLY C 111 20.95 7.24 -7.84
C GLY C 111 22.20 6.60 -8.43
N PHE C 112 23.23 7.41 -8.67
CA PHE C 112 24.47 6.98 -9.29
C PHE C 112 24.25 6.43 -10.70
N VAL C 113 23.11 6.78 -11.30
CA VAL C 113 22.77 6.28 -12.63
C VAL C 113 22.49 7.43 -13.60
N ILE C 114 21.73 8.42 -13.15
CA ILE C 114 21.35 9.53 -13.99
C ILE C 114 21.89 10.86 -13.44
N GLY C 115 21.62 11.94 -14.17
CA GLY C 115 22.08 13.26 -13.75
C GLY C 115 23.50 13.55 -14.22
N ASN C 116 23.82 14.83 -14.31
CA ASN C 116 25.15 15.26 -14.70
C ASN C 116 25.38 16.71 -14.29
N ILE C 117 26.43 17.33 -14.84
CA ILE C 117 26.72 18.72 -14.50
C ILE C 117 25.58 19.63 -14.95
N GLU C 118 24.99 19.33 -16.11
CA GLU C 118 23.93 20.17 -16.66
C GLU C 118 22.64 20.12 -15.84
N THR C 119 22.36 18.97 -15.22
CA THR C 119 21.10 18.81 -14.50
C THR C 119 21.07 19.61 -13.20
N HIS C 120 22.25 20.01 -12.71
CA HIS C 120 22.34 20.73 -11.45
C HIS C 120 23.08 22.06 -11.61
N ASP C 121 23.16 22.55 -12.84
CA ASP C 121 23.90 23.75 -13.17
C ASP C 121 23.33 25.03 -12.51
N SER C 122 22.02 25.24 -12.64
CA SER C 122 21.39 26.43 -12.06
C SER C 122 21.51 26.42 -10.54
N THR C 123 21.41 25.23 -9.94
CA THR C 123 21.49 25.10 -8.50
C THR C 123 22.89 25.47 -8.01
N CYS C 124 23.91 24.96 -8.69
CA CYS C 124 25.30 25.24 -8.34
C CYS C 124 25.63 26.72 -8.48
N ARG C 125 25.11 27.35 -9.53
CA ARG C 125 25.27 28.78 -9.74
C ARG C 125 24.73 29.57 -8.55
N ARG C 126 23.50 29.27 -8.16
CA ARG C 126 22.88 29.97 -7.03
C ARG C 126 23.65 29.71 -5.75
N LEU C 127 24.03 28.45 -5.51
CA LEU C 127 24.81 28.09 -4.33
C LEU C 127 26.09 28.92 -4.25
N ALA C 128 26.75 29.11 -5.39
CA ALA C 128 27.98 29.89 -5.45
C ALA C 128 27.74 31.34 -5.06
N ASN C 129 26.76 31.97 -5.72
CA ASN C 129 26.48 33.38 -5.48
C ASN C 129 26.04 33.65 -4.04
N LYS C 130 25.16 32.79 -3.52
CA LYS C 130 24.59 32.98 -2.20
C LYS C 130 25.59 32.70 -1.08
N SER C 131 26.53 31.78 -1.33
CA SER C 131 27.50 31.42 -0.31
C SER C 131 28.77 32.23 -0.43
N ARG C 132 28.93 32.90 -1.56
CA ARG C 132 30.16 33.61 -1.91
C ARG C 132 31.35 32.65 -1.90
N CYS C 133 31.06 31.38 -2.18
CA CYS C 133 32.08 30.35 -2.33
C CYS C 133 32.12 29.88 -3.78
N GLN C 134 33.30 29.47 -4.24
CA GLN C 134 33.39 28.79 -5.52
C GLN C 134 32.69 27.45 -5.42
N VAL C 135 32.00 27.05 -6.48
CA VAL C 135 31.43 25.70 -6.56
C VAL C 135 32.06 24.95 -7.72
N ILE C 136 32.46 23.71 -7.46
CA ILE C 136 33.02 22.84 -8.50
C ILE C 136 32.18 21.57 -8.61
N SER C 137 31.43 21.46 -9.69
CA SER C 137 30.54 20.32 -9.90
C SER C 137 31.29 19.19 -10.61
N ILE C 138 31.13 17.97 -10.10
CA ILE C 138 31.90 16.83 -10.59
C ILE C 138 31.07 15.86 -11.45
N ASP C 139 31.59 15.55 -12.64
CA ASP C 139 30.95 14.60 -13.53
C ASP C 139 31.57 13.21 -13.35
N TYR C 140 31.11 12.48 -12.33
CA TYR C 140 31.66 11.16 -12.02
C TYR C 140 31.02 10.08 -12.90
N ARG C 141 31.71 8.94 -13.02
CA ARG C 141 31.20 7.81 -13.81
C ARG C 141 29.87 7.29 -13.26
N LEU C 142 29.03 6.81 -14.15
CA LEU C 142 27.67 6.37 -13.78
C LEU C 142 27.43 4.91 -14.08
N ALA C 143 26.54 4.30 -13.31
CA ALA C 143 26.08 2.93 -13.55
C ALA C 143 24.92 2.96 -14.54
N PRO C 144 24.62 1.83 -15.20
CA PRO C 144 25.21 0.49 -15.09
C PRO C 144 26.52 0.34 -15.84
N GLU C 145 26.93 1.34 -16.62
CA GLU C 145 28.17 1.26 -17.38
C GLU C 145 29.36 1.13 -16.43
N HIS C 146 29.29 1.83 -15.30
CA HIS C 146 30.35 1.78 -14.29
C HIS C 146 29.74 1.61 -12.90
N PRO C 147 29.38 0.38 -12.55
CA PRO C 147 28.71 0.10 -11.27
C PRO C 147 29.62 0.33 -10.06
N PHE C 148 29.02 0.26 -8.87
CA PHE C 148 29.72 0.33 -7.59
C PHE C 148 31.00 -0.52 -7.60
N PRO C 149 32.10 0.01 -7.06
CA PRO C 149 32.22 1.32 -6.41
C PRO C 149 32.82 2.42 -7.28
N ALA C 150 32.68 2.29 -8.60
CA ALA C 150 33.25 3.26 -9.53
C ALA C 150 32.81 4.72 -9.29
N PRO C 151 31.50 4.98 -9.09
CA PRO C 151 31.12 6.38 -8.89
C PRO C 151 31.70 6.98 -7.60
N ILE C 152 31.68 6.21 -6.53
CA ILE C 152 32.25 6.63 -5.26
C ILE C 152 33.73 6.92 -5.39
N ASP C 153 34.45 6.02 -6.07
CA ASP C 153 35.87 6.16 -6.29
C ASP C 153 36.22 7.46 -7.02
N ASP C 154 35.37 7.85 -7.97
CA ASP C 154 35.59 9.09 -8.72
C ASP C 154 35.38 10.31 -7.84
N GLY C 155 34.39 10.22 -6.95
CA GLY C 155 34.10 11.32 -6.03
C GLY C 155 35.27 11.58 -5.09
N ILE C 156 35.84 10.49 -4.58
CA ILE C 156 36.98 10.58 -3.69
C ILE C 156 38.21 11.10 -4.43
N ALA C 157 38.43 10.56 -5.62
CA ALA C 157 39.53 11.00 -6.48
C ALA C 157 39.39 12.49 -6.81
N ALA C 158 38.16 12.94 -7.05
CA ALA C 158 37.90 14.34 -7.34
C ALA C 158 38.36 15.22 -6.18
N PHE C 159 37.96 14.87 -4.96
CA PHE C 159 38.34 15.66 -3.80
C PHE C 159 39.84 15.68 -3.57
N ARG C 160 40.46 14.50 -3.66
CA ARG C 160 41.89 14.38 -3.42
C ARG C 160 42.70 15.16 -4.46
N HIS C 161 42.26 15.09 -5.71
CA HIS C 161 42.95 15.79 -6.80
C HIS C 161 42.87 17.31 -6.61
N ILE C 162 41.67 17.79 -6.33
CA ILE C 162 41.45 19.22 -6.14
C ILE C 162 42.17 19.71 -4.88
N ARG C 163 42.16 18.90 -3.83
CA ARG C 163 42.87 19.24 -2.59
C ARG C 163 44.37 19.38 -2.80
N ASP C 164 44.95 18.46 -3.57
CA ASP C 164 46.39 18.49 -3.81
C ASP C 164 46.77 19.51 -4.88
N ASN C 165 45.77 20.02 -5.59
CA ASN C 165 45.99 21.03 -6.61
C ASN C 165 45.03 22.21 -6.46
N ALA C 166 44.89 22.69 -5.22
CA ALA C 166 43.89 23.71 -4.88
C ALA C 166 44.09 25.02 -5.66
N GLU C 167 45.33 25.46 -5.75
CA GLU C 167 45.62 26.74 -6.36
C GLU C 167 45.30 26.74 -7.85
N SER C 168 45.50 25.61 -8.51
CA SER C 168 45.17 25.49 -9.92
C SER C 168 43.66 25.45 -10.13
N PHE C 169 42.93 25.11 -9.07
CA PHE C 169 41.48 25.11 -9.12
C PHE C 169 40.91 26.38 -8.48
N GLY C 170 41.79 27.35 -8.23
CA GLY C 170 41.39 28.62 -7.64
C GLY C 170 40.75 28.46 -6.28
N ALA C 171 41.16 27.42 -5.56
CA ALA C 171 40.53 27.09 -4.29
C ALA C 171 41.48 27.35 -3.11
N ASP C 172 40.89 27.75 -1.99
CA ASP C 172 41.60 27.88 -0.73
C ASP C 172 41.61 26.54 -0.01
N ALA C 173 42.77 25.91 0.06
CA ALA C 173 42.91 24.55 0.58
C ALA C 173 42.47 24.42 2.05
N ALA C 174 42.46 25.54 2.78
CA ALA C 174 42.08 25.52 4.19
C ALA C 174 40.57 25.49 4.34
N ARG C 175 39.85 25.86 3.29
CA ARG C 175 38.39 25.89 3.31
C ARG C 175 37.82 25.16 2.10
N LEU C 176 38.06 23.86 2.04
CA LEU C 176 37.59 23.04 0.93
C LEU C 176 36.49 22.10 1.39
N ALA C 177 35.27 22.36 0.94
CA ALA C 177 34.12 21.57 1.36
C ALA C 177 33.71 20.54 0.31
N VAL C 178 32.90 19.57 0.74
CA VAL C 178 32.27 18.64 -0.19
C VAL C 178 30.77 18.64 0.07
N GLY C 179 29.99 18.30 -0.96
CA GLY C 179 28.56 18.30 -0.81
C GLY C 179 27.86 17.66 -2.00
N GLY C 180 26.56 17.47 -1.87
CA GLY C 180 25.76 16.89 -2.93
C GLY C 180 24.35 16.58 -2.47
N ASP C 181 23.49 16.24 -3.42
CA ASP C 181 22.11 15.91 -3.12
C ASP C 181 21.83 14.44 -3.38
N ALA C 182 21.11 13.81 -2.47
CA ALA C 182 20.71 12.41 -2.59
C ALA C 182 21.92 11.49 -2.69
N ALA C 183 22.05 10.79 -3.82
CA ALA C 183 23.19 9.92 -4.04
C ALA C 183 24.49 10.73 -3.98
N GLY C 184 24.41 12.00 -4.37
CA GLY C 184 25.56 12.88 -4.31
C GLY C 184 25.87 13.29 -2.89
N GLY C 185 24.84 13.30 -2.05
CA GLY C 185 25.02 13.58 -0.63
C GLY C 185 25.69 12.40 0.05
N ALA C 186 25.29 11.20 -0.36
CA ALA C 186 25.95 9.97 0.08
C ALA C 186 27.43 10.03 -0.27
N MET C 187 27.72 10.45 -1.49
CA MET C 187 29.10 10.53 -1.99
C MET C 187 29.96 11.46 -1.12
N ALA C 188 29.44 12.64 -0.83
CA ALA C 188 30.15 13.60 0.02
C ALA C 188 30.41 13.01 1.40
N ALA C 189 29.38 12.35 1.95
CA ALA C 189 29.48 11.73 3.26
C ALA C 189 30.58 10.67 3.29
N VAL C 190 30.61 9.83 2.26
CA VAL C 190 31.58 8.74 2.17
C VAL C 190 33.01 9.28 1.97
N VAL C 191 33.14 10.35 1.18
CA VAL C 191 34.44 10.97 0.95
C VAL C 191 35.06 11.41 2.26
N CYS C 192 34.24 12.02 3.12
CA CYS C 192 34.68 12.45 4.44
C CYS C 192 35.14 11.27 5.29
N GLN C 193 34.36 10.19 5.29
CA GLN C 193 34.72 9.01 6.05
C GLN C 193 35.99 8.36 5.49
N ALA C 194 36.08 8.27 4.17
CA ALA C 194 37.23 7.64 3.52
C ALA C 194 38.52 8.38 3.86
N CYS C 195 38.49 9.71 3.79
CA CYS C 195 39.66 10.51 4.09
C CYS C 195 40.09 10.35 5.54
N ARG C 196 39.11 10.29 6.44
CA ARG C 196 39.37 10.15 7.86
C ARG C 196 39.91 8.77 8.20
N ASP C 197 39.30 7.74 7.62
CA ASP C 197 39.71 6.36 7.87
C ASP C 197 41.13 6.11 7.36
N ALA C 198 41.54 6.87 6.36
CA ALA C 198 42.86 6.75 5.78
C ALA C 198 43.88 7.63 6.50
N GLY C 199 43.43 8.36 7.52
CA GLY C 199 44.29 9.27 8.24
C GLY C 199 44.81 10.36 7.32
N GLU C 200 43.92 10.85 6.46
CA GLU C 200 44.28 11.79 5.42
C GLU C 200 43.59 13.12 5.64
N THR C 201 44.14 14.19 5.10
CA THR C 201 43.49 15.49 5.16
C THR C 201 42.17 15.42 4.42
N GLY C 202 41.06 15.63 5.14
CA GLY C 202 39.74 15.58 4.55
C GLY C 202 39.16 16.97 4.40
N PRO C 203 37.90 17.04 3.94
CA PRO C 203 37.18 18.30 3.73
C PRO C 203 37.00 19.09 5.02
N ALA C 204 36.81 20.40 4.90
CA ALA C 204 36.65 21.25 6.08
C ALA C 204 35.17 21.40 6.43
N PHE C 205 34.30 20.89 5.57
CA PHE C 205 32.87 21.07 5.70
C PHE C 205 32.16 20.08 4.79
N GLN C 206 30.97 19.62 5.19
CA GLN C 206 30.18 18.75 4.33
C GLN C 206 28.71 19.20 4.26
N MET C 207 28.23 19.40 3.04
CA MET C 207 26.85 19.81 2.82
C MET C 207 26.04 18.63 2.30
N LEU C 208 25.26 18.01 3.17
CA LEU C 208 24.51 16.82 2.80
C LEU C 208 23.04 17.15 2.54
N ILE C 209 22.65 17.18 1.27
CA ILE C 209 21.29 17.52 0.88
C ILE C 209 20.49 16.23 0.66
N TYR C 210 19.52 15.99 1.54
CA TYR C 210 18.84 14.69 1.67
C TYR C 210 19.65 13.49 1.17
N PRO C 211 20.75 13.19 1.86
CA PRO C 211 21.65 12.10 1.46
C PRO C 211 21.04 10.72 1.68
N ALA C 212 21.48 9.75 0.87
CA ALA C 212 21.17 8.35 1.13
C ALA C 212 22.28 7.78 2.00
N THR C 213 21.95 7.39 3.23
CA THR C 213 22.99 7.04 4.19
C THR C 213 22.95 5.59 4.62
N ASP C 214 21.86 4.90 4.35
CA ASP C 214 21.70 3.53 4.80
C ASP C 214 21.00 2.66 3.76
N SER C 215 21.76 1.72 3.19
CA SER C 215 21.23 0.78 2.22
C SER C 215 20.90 -0.57 2.86
N SER C 216 21.19 -0.70 4.15
CA SER C 216 21.08 -2.00 4.82
C SER C 216 19.67 -2.30 5.32
N ARG C 217 18.86 -1.27 5.52
CA ARG C 217 17.50 -1.49 6.00
C ARG C 217 16.55 -0.36 5.62
N GLU C 218 15.25 -0.62 5.75
CA GLU C 218 14.24 0.36 5.37
C GLU C 218 13.67 1.09 6.56
N SER C 219 13.96 2.38 6.65
CA SER C 219 13.41 3.23 7.69
C SER C 219 11.91 3.43 7.49
N ALA C 220 11.27 4.02 8.49
CA ALA C 220 9.84 4.29 8.42
C ALA C 220 9.47 5.18 7.24
N SER C 221 10.30 6.20 6.98
CA SER C 221 10.02 7.11 5.87
C SER C 221 10.23 6.41 4.52
N ARG C 222 11.18 5.48 4.49
CA ARG C 222 11.44 4.69 3.28
C ARG C 222 10.21 3.88 2.89
N VAL C 223 9.51 3.34 3.88
CA VAL C 223 8.32 2.56 3.64
C VAL C 223 7.10 3.45 3.41
N ALA C 224 6.95 4.47 4.23
CA ALA C 224 5.77 5.34 4.18
C ALA C 224 5.68 6.14 2.88
N PHE C 225 6.82 6.55 2.34
CA PHE C 225 6.83 7.41 1.17
C PHE C 225 7.34 6.66 -0.06
N ALA C 226 7.11 5.36 -0.08
CA ALA C 226 7.59 4.50 -1.17
C ALA C 226 6.87 4.78 -2.48
N GLU C 227 5.65 5.30 -2.41
CA GLU C 227 4.87 5.57 -3.62
C GLU C 227 4.13 6.90 -3.55
N GLY C 228 4.10 7.62 -4.68
CA GLY C 228 3.30 8.81 -4.81
C GLY C 228 3.99 10.11 -4.44
N TYR C 229 5.31 10.06 -4.22
CA TYR C 229 6.06 11.25 -3.84
C TYR C 229 7.34 11.39 -4.66
N PHE C 230 7.19 11.40 -5.98
CA PHE C 230 8.29 11.58 -6.93
C PHE C 230 9.35 10.48 -6.94
N LEU C 231 10.14 10.39 -5.89
CA LEU C 231 11.06 9.27 -5.70
C LEU C 231 10.31 8.05 -5.17
N SER C 232 10.16 7.02 -6.01
CA SER C 232 9.40 5.84 -5.63
C SER C 232 10.28 4.62 -5.41
N LYS C 233 9.71 3.63 -4.71
CA LYS C 233 10.42 2.39 -4.43
C LYS C 233 10.79 1.64 -5.70
N ALA C 234 9.90 1.64 -6.68
CA ALA C 234 10.13 0.96 -7.94
C ALA C 234 11.31 1.60 -8.69
N LEU C 235 11.43 2.92 -8.57
CA LEU C 235 12.51 3.65 -9.20
C LEU C 235 13.83 3.41 -8.48
N MET C 236 13.78 3.34 -7.15
CA MET C 236 14.97 3.10 -6.35
C MET C 236 15.53 1.71 -6.61
N ASP C 237 14.63 0.75 -6.86
CA ASP C 237 15.05 -0.59 -7.24
C ASP C 237 15.72 -0.57 -8.62
N TRP C 238 15.16 0.25 -9.51
CA TRP C 238 15.68 0.42 -10.87
C TRP C 238 17.10 0.99 -10.83
N PHE C 239 17.31 1.98 -9.96
CA PHE C 239 18.64 2.53 -9.72
C PHE C 239 19.57 1.46 -9.19
N TRP C 240 19.08 0.68 -8.22
CA TRP C 240 19.90 -0.26 -7.47
C TRP C 240 20.44 -1.40 -8.33
N GLU C 241 19.62 -1.90 -9.24
CA GLU C 241 20.02 -3.03 -10.09
C GLU C 241 21.11 -2.61 -11.08
N ALA C 242 21.20 -1.32 -11.34
CA ALA C 242 22.24 -0.78 -12.20
C ALA C 242 23.52 -0.50 -11.40
N TYR C 243 23.34 0.06 -10.22
CA TYR C 243 24.45 0.53 -9.39
C TYR C 243 25.18 -0.59 -8.68
N VAL C 244 24.42 -1.48 -8.06
CA VAL C 244 25.01 -2.49 -7.20
C VAL C 244 24.98 -3.84 -7.86
N PRO C 245 26.17 -4.41 -8.12
CA PRO C 245 26.19 -5.79 -8.59
C PRO C 245 25.47 -6.66 -7.61
N GLU C 246 25.08 -7.86 -8.02
CA GLU C 246 24.50 -8.83 -7.09
C GLU C 246 25.55 -9.26 -6.10
N ASP C 247 25.12 -9.70 -4.92
CA ASP C 247 26.04 -10.20 -3.88
C ASP C 247 26.79 -9.22 -2.97
N THR C 248 26.60 -7.91 -3.18
CA THR C 248 27.27 -6.90 -2.37
C THR C 248 26.71 -6.78 -0.96
N ASP C 249 27.61 -6.79 0.01
CA ASP C 249 27.29 -6.56 1.42
C ASP C 249 26.65 -5.17 1.60
N LEU C 250 25.40 -5.17 2.01
CA LEU C 250 24.63 -3.95 2.16
C LEU C 250 25.12 -3.08 3.31
N THR C 251 25.94 -3.66 4.18
CA THR C 251 26.46 -2.94 5.33
C THR C 251 27.78 -2.24 4.99
N ASP C 252 28.20 -2.36 3.74
CA ASP C 252 29.40 -1.68 3.25
C ASP C 252 29.28 -0.18 3.48
N LEU C 253 30.29 0.40 4.12
CA LEU C 253 30.24 1.80 4.53
C LEU C 253 30.17 2.77 3.35
N ARG C 254 30.56 2.31 2.16
CA ARG C 254 30.44 3.12 0.96
C ARG C 254 29.00 3.12 0.46
N LEU C 255 28.26 2.08 0.86
CA LEU C 255 26.83 1.99 0.56
C LEU C 255 25.99 2.48 1.74
N SER C 256 26.50 2.25 2.95
CA SER C 256 25.77 2.64 4.15
C SER C 256 26.67 3.36 5.16
N PRO C 257 27.01 4.63 4.85
CA PRO C 257 27.87 5.42 5.75
C PRO C 257 27.26 5.63 7.13
N LEU C 258 25.94 5.46 7.26
CA LEU C 258 25.29 5.61 8.55
C LEU C 258 25.79 4.56 9.53
N LEU C 259 26.19 3.41 9.01
CA LEU C 259 26.59 2.27 9.85
C LEU C 259 28.01 2.40 10.40
N ALA C 260 28.64 3.55 10.21
CA ALA C 260 29.99 3.77 10.74
C ALA C 260 30.01 3.64 12.26
N THR C 261 31.07 3.05 12.80
CA THR C 261 31.20 2.90 14.25
C THR C 261 31.80 4.15 14.89
N ASP C 262 32.41 5.00 14.07
CA ASP C 262 33.06 6.21 14.55
C ASP C 262 32.67 7.42 13.69
N PHE C 263 32.18 8.47 14.35
CA PHE C 263 31.80 9.69 13.65
C PHE C 263 32.69 10.85 14.07
N THR C 264 33.60 10.60 15.01
CA THR C 264 34.57 11.61 15.42
C THR C 264 35.59 11.83 14.31
N GLY C 265 36.02 13.08 14.14
CA GLY C 265 37.01 13.40 13.13
C GLY C 265 36.42 13.79 11.79
N LEU C 266 35.09 13.74 11.69
CA LEU C 266 34.40 14.18 10.49
C LEU C 266 34.17 15.70 10.57
N PRO C 267 34.17 16.38 9.41
CA PRO C 267 34.08 17.85 9.38
C PRO C 267 32.71 18.38 9.75
N PRO C 268 32.63 19.67 10.14
CA PRO C 268 31.35 20.35 10.38
C PRO C 268 30.37 20.12 9.23
N ALA C 269 29.10 19.95 9.56
CA ALA C 269 28.13 19.46 8.59
C ALA C 269 26.87 20.30 8.50
N PHE C 270 26.28 20.28 7.30
CA PHE C 270 24.94 20.79 7.09
C PHE C 270 24.12 19.64 6.50
N VAL C 271 23.08 19.25 7.23
CA VAL C 271 22.24 18.13 6.81
C VAL C 271 20.81 18.60 6.62
N LEU C 272 20.29 18.42 5.42
CA LEU C 272 18.94 18.86 5.10
C LEU C 272 18.10 17.66 4.69
N THR C 273 16.87 17.60 5.21
CA THR C 273 15.94 16.57 4.77
C THR C 273 14.63 17.19 4.29
N ALA C 274 13.87 16.41 3.53
CA ALA C 274 12.52 16.81 3.10
C ALA C 274 11.48 15.95 3.80
N GLY C 275 10.37 16.56 4.18
CA GLY C 275 9.35 15.92 4.97
C GLY C 275 8.70 14.67 4.37
N TYR C 276 8.59 14.63 3.05
CA TYR C 276 7.96 13.50 2.37
C TYR C 276 8.97 12.66 1.59
N ASP C 277 10.24 12.80 1.93
CA ASP C 277 11.34 12.10 1.29
C ASP C 277 11.54 10.72 1.94
N PRO C 278 11.53 9.65 1.13
CA PRO C 278 11.87 8.32 1.66
C PRO C 278 13.18 8.32 2.45
N LEU C 279 14.12 9.17 2.04
CA LEU C 279 15.44 9.23 2.66
C LEU C 279 15.47 10.12 3.90
N ARG C 280 14.32 10.66 4.28
CA ARG C 280 14.23 11.61 5.41
C ARG C 280 14.87 11.05 6.68
N ASP C 281 14.35 9.92 7.15
CA ASP C 281 14.75 9.35 8.43
C ASP C 281 16.24 9.03 8.52
N GLU C 282 16.81 8.44 7.47
CA GLU C 282 18.21 8.04 7.49
C GLU C 282 19.13 9.25 7.39
N GLY C 283 18.62 10.33 6.79
CA GLY C 283 19.36 11.58 6.73
C GLY C 283 19.43 12.22 8.11
N ARG C 284 18.29 12.31 8.78
CA ARG C 284 18.23 12.84 10.14
C ARG C 284 19.04 11.98 11.11
N ALA C 285 19.04 10.66 10.88
CA ALA C 285 19.81 9.75 11.70
C ALA C 285 21.30 10.05 11.58
N TYR C 286 21.74 10.35 10.36
CA TYR C 286 23.13 10.69 10.11
C TYR C 286 23.50 11.97 10.86
N ALA C 287 22.59 12.94 10.87
CA ALA C 287 22.78 14.17 11.62
C ALA C 287 22.92 13.87 13.11
N ASP C 288 22.09 12.96 13.60
CA ASP C 288 22.12 12.58 15.01
C ASP C 288 23.46 11.98 15.41
N ARG C 289 24.01 11.10 14.59
CA ARG C 289 25.31 10.49 14.86
C ARG C 289 26.41 11.55 14.96
N LEU C 290 26.41 12.49 14.03
CA LEU C 290 27.37 13.58 14.02
C LEU C 290 27.28 14.40 15.30
N ILE C 291 26.05 14.76 15.67
CA ILE C 291 25.81 15.55 16.87
C ILE C 291 26.27 14.79 18.12
N GLU C 292 25.92 13.51 18.20
CA GLU C 292 26.31 12.67 19.33
C GLU C 292 27.83 12.57 19.48
N ALA C 293 28.52 12.51 18.34
CA ALA C 293 29.96 12.36 18.33
C ALA C 293 30.67 13.69 18.58
N GLY C 294 29.90 14.76 18.75
CA GLY C 294 30.44 16.06 19.10
C GLY C 294 30.95 16.86 17.91
N ILE C 295 30.39 16.59 16.75
CA ILE C 295 30.73 17.34 15.54
C ILE C 295 29.77 18.51 15.39
N LYS C 296 30.29 19.68 15.00
CA LYS C 296 29.42 20.83 14.74
C LYS C 296 28.47 20.48 13.59
N THR C 297 27.19 20.36 13.90
CA THR C 297 26.23 19.88 12.93
C THR C 297 24.99 20.75 12.88
N THR C 298 24.66 21.20 11.67
CA THR C 298 23.44 21.95 11.43
C THR C 298 22.45 21.08 10.70
N TYR C 299 21.34 20.77 11.34
CA TYR C 299 20.30 19.96 10.71
C TYR C 299 19.04 20.77 10.47
N VAL C 300 18.42 20.58 9.31
CA VAL C 300 17.15 21.23 9.02
C VAL C 300 16.23 20.31 8.22
N ASN C 301 14.96 20.28 8.60
CA ASN C 301 13.95 19.55 7.86
C ASN C 301 12.98 20.50 7.19
N TYR C 302 12.77 20.29 5.89
CA TYR C 302 11.79 21.05 5.13
C TYR C 302 10.51 20.24 4.99
N PRO C 303 9.52 20.51 5.85
CA PRO C 303 8.28 19.73 5.84
C PRO C 303 7.44 20.03 4.61
N GLY C 304 6.59 19.10 4.23
CA GLY C 304 5.62 19.34 3.16
C GLY C 304 6.21 19.46 1.77
N THR C 305 7.45 19.04 1.60
CA THR C 305 8.06 19.00 0.27
C THR C 305 8.65 17.63 -0.02
N ILE C 306 9.13 17.42 -1.24
CA ILE C 306 9.55 16.10 -1.69
C ILE C 306 11.03 15.99 -1.97
N HIS C 307 11.50 14.74 -2.04
CA HIS C 307 12.83 14.44 -2.55
C HIS C 307 13.04 15.14 -3.89
N GLY C 308 14.20 15.74 -4.08
CA GLY C 308 14.53 16.40 -5.34
C GLY C 308 14.23 17.89 -5.39
N PHE C 309 13.55 18.42 -4.37
CA PHE C 309 13.07 19.79 -4.43
C PHE C 309 14.20 20.82 -4.46
N PHE C 310 15.39 20.39 -4.03
CA PHE C 310 16.58 21.24 -4.01
C PHE C 310 16.98 21.69 -5.41
N SER C 311 16.62 20.90 -6.42
CA SER C 311 16.93 21.26 -7.80
C SER C 311 15.70 21.30 -8.71
N LEU C 312 14.51 21.15 -8.10
CA LEU C 312 13.27 21.32 -8.86
C LEU C 312 12.74 22.74 -8.71
N THR C 313 13.65 23.71 -8.85
CA THR C 313 13.37 25.08 -8.46
C THR C 313 12.63 25.90 -9.53
N ARG C 314 12.22 25.26 -10.61
CA ARG C 314 11.31 25.90 -11.55
C ARG C 314 9.87 25.74 -11.07
N PHE C 315 9.64 24.79 -10.18
CA PHE C 315 8.29 24.48 -9.71
C PHE C 315 8.12 24.71 -8.20
N LEU C 316 9.20 24.57 -7.45
CA LEU C 316 9.11 24.62 -5.99
C LEU C 316 9.98 25.73 -5.41
N SER C 317 9.34 26.77 -4.89
CA SER C 317 10.05 27.89 -4.27
C SER C 317 10.85 27.45 -3.06
N GLN C 318 10.35 26.44 -2.36
CA GLN C 318 11.04 25.89 -1.19
C GLN C 318 12.47 25.48 -1.52
N GLY C 319 12.67 24.99 -2.74
CA GLY C 319 14.00 24.60 -3.19
C GLY C 319 14.96 25.77 -3.20
N LEU C 320 14.48 26.93 -3.67
CA LEU C 320 15.28 28.13 -3.67
C LEU C 320 15.60 28.58 -2.24
N LYS C 321 14.61 28.47 -1.36
CA LYS C 321 14.82 28.77 0.04
C LYS C 321 15.85 27.82 0.65
N ALA C 322 15.78 26.55 0.26
CA ALA C 322 16.72 25.55 0.73
C ALA C 322 18.12 25.81 0.17
N ASN C 323 18.20 26.15 -1.12
CA ASN C 323 19.46 26.57 -1.72
C ASN C 323 20.10 27.67 -0.88
N ASP C 324 19.29 28.66 -0.53
CA ASP C 324 19.78 29.84 0.17
C ASP C 324 20.24 29.52 1.58
N GLU C 325 19.48 28.70 2.31
CA GLU C 325 19.88 28.35 3.67
C GLU C 325 21.17 27.55 3.67
N ALA C 326 21.26 26.57 2.78
CA ALA C 326 22.46 25.75 2.67
C ALA C 326 23.67 26.63 2.38
N ALA C 327 23.57 27.45 1.33
CA ALA C 327 24.64 28.37 0.97
C ALA C 327 24.97 29.32 2.12
N ALA C 328 23.95 29.81 2.80
CA ALA C 328 24.14 30.76 3.89
C ALA C 328 24.89 30.14 5.05
N VAL C 329 24.55 28.91 5.39
CA VAL C 329 25.21 28.21 6.49
C VAL C 329 26.68 27.96 6.15
N MET C 330 26.95 27.52 4.92
CA MET C 330 28.32 27.25 4.51
C MET C 330 29.14 28.53 4.50
N GLY C 331 28.56 29.59 3.94
CA GLY C 331 29.23 30.89 3.87
C GLY C 331 29.56 31.43 5.25
N ALA C 332 28.61 31.29 6.17
CA ALA C 332 28.81 31.73 7.56
C ALA C 332 29.95 30.96 8.21
N HIS C 333 29.99 29.65 7.96
CA HIS C 333 31.02 28.80 8.53
C HIS C 333 32.40 29.20 8.00
N PHE C 334 32.49 29.50 6.71
CA PHE C 334 33.75 29.88 6.09
C PHE C 334 34.03 31.38 6.23
N GLY C 335 33.13 32.10 6.88
CA GLY C 335 33.30 33.53 7.11
C GLY C 335 33.42 34.35 5.84
N THR C 336 32.54 34.07 4.88
CA THR C 336 32.57 34.80 3.60
C THR C 336 31.76 36.09 3.70
N GLN D 20 -11.49 36.00 -5.31
CA GLN D 20 -10.33 35.40 -5.96
C GLN D 20 -10.21 33.92 -5.56
N GLY D 21 -11.19 33.43 -4.82
CA GLY D 21 -11.20 32.05 -4.37
C GLY D 21 -11.47 31.05 -5.49
N MET D 22 -11.85 31.56 -6.66
CA MET D 22 -12.18 30.70 -7.79
C MET D 22 -10.93 30.30 -8.58
N LEU D 23 -9.77 30.83 -8.19
CA LEU D 23 -8.51 30.43 -8.81
C LEU D 23 -8.22 28.95 -8.57
N LEU D 24 -7.89 28.24 -9.64
CA LEU D 24 -7.47 26.85 -9.51
C LEU D 24 -6.11 26.78 -8.84
N PRO D 25 -5.87 25.72 -8.05
CA PRO D 25 -4.59 25.50 -7.37
C PRO D 25 -3.38 25.63 -8.30
N GLU D 26 -3.44 25.05 -9.49
CA GLU D 26 -2.33 25.15 -10.43
C GLU D 26 -2.15 26.60 -10.91
N THR D 27 -3.26 27.32 -11.04
CA THR D 27 -3.21 28.70 -11.49
C THR D 27 -2.58 29.59 -10.42
N ARG D 28 -3.06 29.45 -9.20
CA ARG D 28 -2.54 30.20 -8.07
C ARG D 28 -1.06 29.91 -7.84
N ASN D 29 -0.70 28.64 -7.97
CA ASN D 29 0.68 28.21 -7.79
C ASN D 29 1.63 28.88 -8.78
N LEU D 30 1.21 28.97 -10.04
CA LEU D 30 2.02 29.62 -11.06
C LEU D 30 2.18 31.11 -10.80
N LEU D 31 1.09 31.74 -10.37
CA LEU D 31 1.13 33.18 -10.05
C LEU D 31 2.00 33.44 -8.83
N ASP D 32 1.98 32.52 -7.87
CA ASP D 32 2.82 32.62 -6.68
C ASP D 32 4.29 32.50 -7.05
N LEU D 33 4.58 31.53 -7.91
CA LEU D 33 5.94 31.30 -8.38
C LEU D 33 6.47 32.53 -9.14
N MET D 34 5.60 33.14 -9.94
CA MET D 34 5.97 34.35 -10.67
C MET D 34 6.21 35.52 -9.73
N ASP D 35 5.34 35.67 -8.72
CA ASP D 35 5.48 36.74 -7.75
C ASP D 35 6.76 36.59 -6.94
N ALA D 36 7.14 35.34 -6.68
CA ALA D 36 8.37 35.05 -5.96
C ALA D 36 9.57 35.49 -6.80
N ALA D 37 9.48 35.27 -8.11
CA ALA D 37 10.56 35.65 -9.02
C ALA D 37 10.70 37.16 -9.11
N THR D 38 9.56 37.85 -9.18
CA THR D 38 9.54 39.31 -9.24
C THR D 38 10.18 39.92 -8.00
N ARG D 39 9.81 39.40 -6.83
CA ARG D 39 10.40 39.85 -5.57
C ARG D 39 11.85 39.40 -5.45
N GLY D 40 12.22 38.41 -6.27
CA GLY D 40 13.57 37.87 -6.26
C GLY D 40 14.54 38.68 -7.11
N GLY D 41 14.00 39.55 -7.96
CA GLY D 41 14.84 40.40 -8.78
C GLY D 41 14.55 40.32 -10.27
N ARG D 42 13.67 39.42 -10.66
CA ARG D 42 13.28 39.30 -12.07
C ARG D 42 12.56 40.57 -12.52
N PRO D 43 13.12 41.27 -13.51
CA PRO D 43 12.58 42.55 -13.99
C PRO D 43 11.24 42.37 -14.71
N ARG D 44 10.30 43.26 -14.44
CA ARG D 44 9.04 43.25 -15.16
C ARG D 44 9.28 43.65 -16.61
N LEU D 45 8.60 42.96 -17.53
CA LEU D 45 8.82 43.12 -18.96
C LEU D 45 8.61 44.56 -19.43
N GLU D 46 7.64 45.24 -18.84
CA GLU D 46 7.28 46.59 -19.26
C GLU D 46 8.31 47.63 -18.82
N THR D 47 9.32 47.20 -18.06
CA THR D 47 10.38 48.10 -17.61
C THR D 47 11.60 48.01 -18.52
N LEU D 48 11.51 47.19 -19.56
CA LEU D 48 12.62 46.97 -20.48
C LEU D 48 12.31 47.53 -21.87
N PRO D 49 13.36 47.87 -22.64
CA PRO D 49 13.19 48.20 -24.05
C PRO D 49 12.55 47.04 -24.80
N HIS D 50 11.76 47.32 -25.82
CA HIS D 50 10.94 46.30 -26.48
C HIS D 50 11.76 45.16 -27.07
N ALA D 51 12.83 45.49 -27.79
CA ALA D 51 13.67 44.47 -28.43
C ALA D 51 14.46 43.67 -27.40
N VAL D 52 14.89 44.34 -26.34
CA VAL D 52 15.63 43.69 -25.27
C VAL D 52 14.73 42.71 -24.52
N GLY D 53 13.57 43.20 -24.11
CA GLY D 53 12.62 42.40 -23.36
C GLY D 53 12.09 41.23 -24.17
N ARG D 54 11.87 41.45 -25.46
CA ARG D 54 11.38 40.42 -26.36
C ARG D 54 12.26 39.17 -26.32
N LYS D 55 13.56 39.38 -26.41
CA LYS D 55 14.52 38.29 -26.42
C LYS D 55 14.44 37.47 -25.15
N ALA D 56 14.30 38.15 -24.02
CA ALA D 56 14.26 37.50 -22.72
C ALA D 56 12.93 36.77 -22.48
N VAL D 57 11.82 37.37 -22.92
CA VAL D 57 10.52 36.79 -22.63
C VAL D 57 10.20 35.64 -23.58
N ASP D 58 10.67 35.72 -24.82
CA ASP D 58 10.41 34.66 -25.80
C ASP D 58 11.01 33.34 -25.34
N LYS D 59 12.20 33.41 -24.73
CA LYS D 59 12.83 32.22 -24.16
C LYS D 59 11.98 31.64 -23.03
N MET D 60 11.45 32.51 -22.19
CA MET D 60 10.58 32.08 -21.09
C MET D 60 9.29 31.47 -21.62
N SER D 61 8.74 32.09 -22.67
CA SER D 61 7.54 31.57 -23.32
C SER D 61 7.77 30.16 -23.87
N GLU D 62 8.93 29.94 -24.48
CA GLU D 62 9.27 28.62 -25.01
C GLU D 62 9.33 27.60 -23.88
N ASP D 63 10.00 27.96 -22.79
CA ASP D 63 10.11 27.10 -21.63
C ASP D 63 8.75 26.87 -20.96
N GLY D 64 7.85 27.83 -21.15
CA GLY D 64 6.53 27.76 -20.54
C GLY D 64 5.63 26.71 -21.17
N GLU D 65 5.94 26.31 -22.40
CA GLU D 65 5.19 25.26 -23.08
C GLU D 65 5.55 23.88 -22.53
N ALA D 66 4.62 22.94 -22.63
CA ALA D 66 4.90 21.55 -22.32
C ALA D 66 5.88 21.00 -23.35
N ASP D 67 6.49 19.86 -23.05
CA ASP D 67 7.37 19.19 -23.99
C ASP D 67 6.66 18.99 -25.33
N PRO D 68 7.38 19.21 -26.44
CA PRO D 68 6.79 19.10 -27.77
C PRO D 68 6.53 17.64 -28.16
N PRO D 69 5.28 17.32 -28.49
CA PRO D 69 4.98 15.95 -28.93
C PRO D 69 5.45 15.72 -30.37
N GLU D 70 5.80 14.49 -30.69
CA GLU D 70 6.18 14.13 -32.04
C GLU D 70 4.98 14.28 -32.99
N VAL D 71 5.26 14.77 -34.19
CA VAL D 71 4.26 14.78 -35.26
C VAL D 71 4.83 14.04 -36.45
N ALA D 72 4.03 13.89 -37.51
CA ALA D 72 4.47 13.13 -38.67
C ALA D 72 5.57 13.86 -39.44
N GLU D 73 5.49 15.17 -39.50
CA GLU D 73 6.43 15.98 -40.29
C GLU D 73 6.39 17.45 -39.87
N VAL D 74 7.56 18.08 -39.80
CA VAL D 74 7.64 19.52 -39.57
C VAL D 74 8.37 20.19 -40.74
N ALA D 75 7.77 21.22 -41.30
CA ALA D 75 8.35 21.90 -42.46
C ALA D 75 8.58 23.38 -42.18
N ASN D 76 9.76 23.87 -42.56
CA ASN D 76 10.09 25.27 -42.39
C ASN D 76 10.42 25.94 -43.70
N GLY D 77 9.82 27.11 -43.94
CA GLY D 77 10.07 27.86 -45.16
C GLY D 77 9.58 29.29 -45.07
N GLY D 78 9.61 29.98 -46.20
CA GLY D 78 9.15 31.35 -46.25
C GLY D 78 8.64 31.73 -47.62
N PHE D 79 7.82 32.77 -47.67
CA PHE D 79 7.32 33.29 -48.94
C PHE D 79 7.29 34.82 -48.89
N ALA D 80 7.19 35.44 -50.06
CA ALA D 80 7.18 36.89 -50.14
C ALA D 80 5.88 37.47 -49.60
N GLY D 81 5.99 38.26 -48.53
CA GLY D 81 4.86 39.00 -48.01
C GLY D 81 4.77 40.37 -48.66
N PRO D 82 3.91 41.24 -48.13
CA PRO D 82 3.72 42.60 -48.66
C PRO D 82 4.99 43.43 -48.68
N ALA D 83 5.77 43.39 -47.61
CA ALA D 83 6.97 44.22 -47.53
C ALA D 83 8.17 43.49 -46.94
N SER D 84 8.05 42.16 -46.80
CA SER D 84 9.14 41.35 -46.26
C SER D 84 8.90 39.86 -46.50
N GLU D 85 9.89 39.05 -46.14
CA GLU D 85 9.69 37.61 -46.15
C GLU D 85 8.81 37.23 -44.96
N ILE D 86 7.83 36.37 -45.20
CA ILE D 86 7.02 35.83 -44.13
C ILE D 86 7.34 34.36 -43.95
N ARG D 87 7.92 34.02 -42.80
CA ARG D 87 8.32 32.64 -42.54
C ARG D 87 7.17 31.86 -41.92
N PHE D 88 7.16 30.56 -42.15
CA PHE D 88 6.09 29.71 -41.66
C PHE D 88 6.62 28.33 -41.24
N ARG D 89 5.83 27.63 -40.44
CA ARG D 89 6.15 26.27 -40.05
C ARG D 89 4.90 25.40 -40.15
N ARG D 90 5.04 24.29 -40.85
CA ARG D 90 3.93 23.38 -41.10
C ARG D 90 4.06 22.12 -40.24
N TYR D 91 2.95 21.72 -39.63
CA TYR D 91 2.93 20.51 -38.82
C TYR D 91 1.95 19.51 -39.41
N ARG D 92 2.45 18.36 -39.84
CA ARG D 92 1.60 17.26 -40.31
C ARG D 92 1.27 16.33 -39.15
N PRO D 93 -0.03 16.13 -38.88
CA PRO D 93 -0.46 15.30 -37.75
C PRO D 93 -0.10 13.84 -37.93
N LEU D 94 0.15 13.15 -36.81
CA LEU D 94 0.39 11.72 -36.84
C LEU D 94 -0.79 10.95 -37.42
N GLY D 95 -0.51 9.88 -38.15
CA GLY D 95 -1.53 8.97 -38.62
C GLY D 95 -2.35 9.45 -39.81
N GLU D 96 -2.02 10.63 -40.32
CA GLU D 96 -2.73 11.18 -41.47
C GLU D 96 -1.86 11.11 -42.73
N ALA D 97 -2.27 10.27 -43.67
CA ALA D 97 -1.46 10.00 -44.85
C ALA D 97 -1.97 10.71 -46.10
N ALA D 98 -3.06 11.47 -45.96
CA ALA D 98 -3.64 12.17 -47.10
C ALA D 98 -2.70 13.27 -47.60
N GLY D 99 -2.67 13.47 -48.91
CA GLY D 99 -1.82 14.48 -49.50
C GLY D 99 -2.27 15.88 -49.14
N LEU D 100 -3.56 16.15 -49.32
CA LEU D 100 -4.13 17.45 -48.98
C LEU D 100 -4.97 17.32 -47.72
N LEU D 101 -4.64 18.12 -46.71
CA LEU D 101 -5.27 18.00 -45.40
C LEU D 101 -6.05 19.25 -45.00
N PRO D 102 -7.12 19.06 -44.20
CA PRO D 102 -7.74 20.21 -43.53
C PRO D 102 -6.65 20.92 -42.74
N THR D 103 -6.62 22.25 -42.83
CA THR D 103 -5.48 23.00 -42.36
C THR D 103 -5.87 24.20 -41.51
N LEU D 104 -5.17 24.37 -40.39
CA LEU D 104 -5.34 25.54 -39.54
C LEU D 104 -4.14 26.47 -39.64
N ILE D 105 -4.37 27.65 -40.20
CA ILE D 105 -3.35 28.70 -40.19
C ILE D 105 -3.37 29.38 -38.83
N TYR D 106 -2.24 29.34 -38.12
CA TYR D 106 -2.21 29.80 -36.74
C TYR D 106 -1.33 31.02 -36.55
N TYR D 107 -1.83 31.97 -35.76
CA TYR D 107 -1.09 33.18 -35.45
C TYR D 107 -0.80 33.28 -33.95
N HIS D 108 0.48 33.23 -33.59
CA HIS D 108 0.88 33.30 -32.19
C HIS D 108 0.46 34.62 -31.55
N GLY D 109 0.36 34.62 -30.22
CA GLY D 109 0.04 35.82 -29.48
C GLY D 109 1.28 36.52 -28.98
N GLY D 110 1.09 37.62 -28.26
CA GLY D 110 2.22 38.41 -27.77
C GLY D 110 2.03 39.90 -28.00
N GLY D 111 0.78 40.34 -28.06
CA GLY D 111 0.45 41.74 -28.20
C GLY D 111 1.03 42.41 -29.44
N PHE D 112 1.24 41.62 -30.49
CA PHE D 112 1.83 42.07 -31.75
C PHE D 112 3.26 42.60 -31.57
N VAL D 113 3.88 42.26 -30.44
CA VAL D 113 5.22 42.73 -30.12
C VAL D 113 6.19 41.57 -29.88
N ILE D 114 5.78 40.61 -29.07
CA ILE D 114 6.63 39.49 -28.73
C ILE D 114 6.05 38.17 -29.24
N GLY D 115 6.76 37.07 -28.99
CA GLY D 115 6.33 35.77 -29.45
C GLY D 115 6.76 35.48 -30.88
N ASN D 116 6.78 34.21 -31.24
CA ASN D 116 7.08 33.78 -32.60
C ASN D 116 6.66 32.33 -32.81
N ILE D 117 7.17 31.71 -33.86
CA ILE D 117 6.83 30.32 -34.17
C ILE D 117 7.30 29.40 -33.03
N GLU D 118 8.47 29.69 -32.48
CA GLU D 118 9.07 28.85 -31.45
C GLU D 118 8.32 28.91 -30.12
N THR D 119 7.72 30.06 -29.79
CA THR D 119 7.04 30.21 -28.51
C THR D 119 5.74 29.41 -28.45
N HIS D 120 5.23 29.00 -29.61
CA HIS D 120 3.97 28.29 -29.67
C HIS D 120 4.11 26.95 -30.40
N ASP D 121 5.34 26.47 -30.50
CA ASP D 121 5.65 25.26 -31.27
C ASP D 121 5.01 23.99 -30.70
N SER D 122 5.12 23.80 -29.39
CA SER D 122 4.56 22.62 -28.75
C SER D 122 3.04 22.63 -28.83
N THR D 123 2.46 23.81 -28.66
CA THR D 123 1.01 23.96 -28.71
C THR D 123 0.50 23.61 -30.10
N CYS D 124 1.15 24.14 -31.13
CA CYS D 124 0.80 23.85 -32.51
C CYS D 124 0.92 22.37 -32.82
N ARG D 125 1.98 21.74 -32.30
CA ARG D 125 2.18 20.31 -32.47
C ARG D 125 1.02 19.51 -31.92
N ARG D 126 0.60 19.84 -30.70
CA ARG D 126 -0.51 19.12 -30.08
C ARG D 126 -1.82 19.36 -30.82
N LEU D 127 -2.04 20.62 -31.23
CA LEU D 127 -3.25 20.96 -31.98
C LEU D 127 -3.37 20.14 -33.26
N ALA D 128 -2.26 19.98 -33.96
CA ALA D 128 -2.22 19.17 -35.16
C ALA D 128 -2.62 17.71 -34.89
N ASN D 129 -1.93 17.08 -33.95
CA ASN D 129 -2.18 15.67 -33.66
C ASN D 129 -3.60 15.42 -33.19
N LYS D 130 -4.10 16.29 -32.31
CA LYS D 130 -5.42 16.10 -31.71
C LYS D 130 -6.55 16.38 -32.69
N SER D 131 -6.34 17.33 -33.60
CA SER D 131 -7.38 17.68 -34.55
C SER D 131 -7.29 16.84 -35.82
N ARG D 132 -6.13 16.22 -36.02
CA ARG D 132 -5.82 15.49 -37.25
C ARG D 132 -5.87 16.43 -38.46
N CYS D 133 -5.55 17.69 -38.20
CA CYS D 133 -5.43 18.72 -39.22
C CYS D 133 -3.99 19.20 -39.31
N GLN D 134 -3.56 19.60 -40.49
CA GLN D 134 -2.28 20.30 -40.60
C GLN D 134 -2.40 21.65 -39.89
N VAL D 135 -1.33 22.04 -39.21
CA VAL D 135 -1.25 23.36 -38.63
C VAL D 135 -0.09 24.11 -39.27
N ILE D 136 -0.34 25.36 -39.66
CA ILE D 136 0.71 26.19 -40.24
C ILE D 136 0.85 27.47 -39.44
N SER D 137 1.94 27.56 -38.67
CA SER D 137 2.21 28.72 -37.83
C SER D 137 2.90 29.81 -38.63
N ILE D 138 2.47 31.06 -38.42
CA ILE D 138 2.95 32.18 -39.21
C ILE D 138 3.82 33.15 -38.39
N ASP D 139 4.99 33.48 -38.93
CA ASP D 139 5.87 34.43 -38.29
C ASP D 139 5.70 35.82 -38.90
N TYR D 140 4.68 36.54 -38.44
CA TYR D 140 4.38 37.87 -38.97
C TYR D 140 5.30 38.95 -38.37
N ARG D 141 5.38 40.10 -39.05
CA ARG D 141 6.20 41.22 -38.56
C ARG D 141 5.68 41.75 -37.23
N LEU D 142 6.60 42.20 -36.39
CA LEU D 142 6.26 42.63 -35.03
C LEU D 142 6.55 44.10 -34.80
N ALA D 143 5.80 44.69 -33.87
CA ALA D 143 6.05 46.04 -33.40
C ALA D 143 7.09 45.98 -32.29
N PRO D 144 7.79 47.11 -32.00
CA PRO D 144 7.68 48.45 -32.59
C PRO D 144 8.37 48.61 -33.93
N GLU D 145 9.16 47.63 -34.35
CA GLU D 145 9.88 47.71 -35.63
C GLU D 145 8.91 47.84 -36.80
N HIS D 146 7.79 47.13 -36.71
CA HIS D 146 6.75 47.22 -37.73
C HIS D 146 5.39 47.38 -37.07
N PRO D 147 5.02 48.63 -36.73
CA PRO D 147 3.77 48.91 -36.03
C PRO D 147 2.52 48.70 -36.90
N PHE D 148 1.36 48.79 -36.27
CA PHE D 148 0.06 48.75 -36.96
C PHE D 148 0.07 49.62 -38.21
N PRO D 149 -0.48 49.10 -39.32
CA PRO D 149 -1.16 47.81 -39.46
C PRO D 149 -0.29 46.68 -40.02
N ALA D 150 1.02 46.78 -39.89
CA ALA D 150 1.94 45.80 -40.48
C ALA D 150 1.71 44.34 -40.03
N PRO D 151 1.51 44.09 -38.71
CA PRO D 151 1.34 42.68 -38.32
C PRO D 151 0.12 42.01 -38.93
N ILE D 152 -1.02 42.69 -38.86
CA ILE D 152 -2.28 42.16 -39.40
C ILE D 152 -2.23 42.06 -40.92
N ASP D 153 -1.58 43.02 -41.57
CA ASP D 153 -1.38 42.94 -43.01
C ASP D 153 -0.66 41.66 -43.42
N ASP D 154 0.29 41.22 -42.60
CA ASP D 154 1.01 39.98 -42.87
C ASP D 154 0.12 38.78 -42.65
N GLY D 155 -0.72 38.85 -41.62
CA GLY D 155 -1.63 37.76 -41.30
C GLY D 155 -2.62 37.54 -42.44
N ILE D 156 -3.12 38.64 -43.00
CA ILE D 156 -4.07 38.59 -44.10
C ILE D 156 -3.38 38.06 -45.36
N ALA D 157 -2.17 38.58 -45.62
CA ALA D 157 -1.38 38.13 -46.76
C ALA D 157 -1.05 36.65 -46.66
N ALA D 158 -0.75 36.19 -45.44
CA ALA D 158 -0.43 34.80 -45.21
C ALA D 158 -1.61 33.90 -45.57
N PHE D 159 -2.81 34.28 -45.15
CA PHE D 159 -3.99 33.50 -45.47
C PHE D 159 -4.24 33.46 -46.98
N ARG D 160 -4.20 34.64 -47.61
CA ARG D 160 -4.44 34.76 -49.04
C ARG D 160 -3.43 33.93 -49.83
N HIS D 161 -2.16 34.01 -49.46
CA HIS D 161 -1.11 33.27 -50.17
C HIS D 161 -1.30 31.76 -50.04
N ILE D 162 -1.60 31.30 -48.85
CA ILE D 162 -1.81 29.88 -48.62
C ILE D 162 -3.07 29.41 -49.33
N ARG D 163 -4.11 30.23 -49.29
CA ARG D 163 -5.37 29.93 -49.96
C ARG D 163 -5.21 29.78 -51.47
N ASP D 164 -4.40 30.66 -52.06
CA ASP D 164 -4.20 30.65 -53.51
C ASP D 164 -3.12 29.66 -53.94
N ASN D 165 -2.45 29.03 -52.96
CA ASN D 165 -1.45 28.02 -53.25
C ASN D 165 -1.62 26.81 -52.33
N ALA D 166 -2.86 26.41 -52.11
CA ALA D 166 -3.22 25.41 -51.10
C ALA D 166 -2.45 24.09 -51.23
N GLU D 167 -2.36 23.58 -52.45
CA GLU D 167 -1.77 22.27 -52.67
C GLU D 167 -0.24 22.30 -52.46
N SER D 168 0.37 23.46 -52.70
CA SER D 168 1.79 23.61 -52.44
C SER D 168 2.07 23.64 -50.94
N PHE D 169 1.03 23.97 -50.16
CA PHE D 169 1.11 23.94 -48.71
C PHE D 169 0.46 22.68 -48.14
N GLY D 170 0.21 21.71 -49.02
CA GLY D 170 -0.40 20.45 -48.62
C GLY D 170 -1.75 20.62 -47.94
N ALA D 171 -2.47 21.66 -48.33
CA ALA D 171 -3.73 21.99 -47.68
C ALA D 171 -4.94 21.74 -48.57
N ASP D 172 -6.04 21.34 -47.94
CA ASP D 172 -7.32 21.23 -48.62
C ASP D 172 -8.00 22.59 -48.63
N ALA D 173 -8.10 23.19 -49.81
CA ALA D 173 -8.63 24.54 -49.96
C ALA D 173 -10.07 24.67 -49.46
N ALA D 174 -10.80 23.56 -49.43
CA ALA D 174 -12.19 23.57 -48.99
C ALA D 174 -12.29 23.61 -47.47
N ARG D 175 -11.19 23.27 -46.80
CA ARG D 175 -11.17 23.24 -45.33
C ARG D 175 -9.94 23.96 -44.79
N LEU D 176 -9.88 25.26 -45.05
CA LEU D 176 -8.75 26.08 -44.61
C LEU D 176 -9.19 27.03 -43.50
N ALA D 177 -8.71 26.77 -42.29
CA ALA D 177 -9.09 27.56 -41.13
C ALA D 177 -8.02 28.56 -40.73
N VAL D 178 -8.42 29.56 -39.95
CA VAL D 178 -7.48 30.46 -39.31
C VAL D 178 -7.72 30.45 -37.81
N GLY D 179 -6.69 30.80 -37.04
CA GLY D 179 -6.82 30.82 -35.60
C GLY D 179 -5.60 31.40 -34.93
N GLY D 180 -5.69 31.58 -33.62
CA GLY D 180 -4.58 32.14 -32.87
C GLY D 180 -4.97 32.46 -31.44
N ASP D 181 -3.98 32.75 -30.62
CA ASP D 181 -4.24 33.10 -29.23
C ASP D 181 -4.05 34.60 -29.01
N ALA D 182 -5.02 35.22 -28.36
CA ALA D 182 -4.94 36.61 -27.93
C ALA D 182 -4.77 37.58 -29.10
N ALA D 183 -3.58 38.18 -29.20
CA ALA D 183 -3.28 39.06 -30.33
C ALA D 183 -3.46 38.32 -31.65
N GLY D 184 -3.05 37.04 -31.67
CA GLY D 184 -3.21 36.21 -32.84
C GLY D 184 -4.66 35.81 -33.07
N GLY D 185 -5.43 35.75 -31.99
CA GLY D 185 -6.86 35.51 -32.09
C GLY D 185 -7.53 36.73 -32.70
N ALA D 186 -7.05 37.92 -32.31
CA ALA D 186 -7.49 39.16 -32.94
C ALA D 186 -7.19 39.10 -34.43
N MET D 187 -5.97 38.69 -34.76
CA MET D 187 -5.54 38.60 -36.15
C MET D 187 -6.45 37.68 -36.96
N ALA D 188 -6.72 36.49 -36.41
CA ALA D 188 -7.61 35.53 -37.07
C ALA D 188 -8.99 36.12 -37.32
N ALA D 189 -9.51 36.83 -36.33
CA ALA D 189 -10.83 37.44 -36.44
C ALA D 189 -10.86 38.50 -37.54
N VAL D 190 -9.82 39.33 -37.60
CA VAL D 190 -9.77 40.41 -38.57
C VAL D 190 -9.59 39.87 -39.98
N VAL D 191 -8.81 38.80 -40.12
CA VAL D 191 -8.61 38.16 -41.41
C VAL D 191 -9.96 37.74 -42.00
N CYS D 192 -10.80 37.12 -41.16
CA CYS D 192 -12.14 36.71 -41.59
C CYS D 192 -12.98 37.89 -42.04
N GLN D 193 -12.98 38.97 -41.26
CA GLN D 193 -13.75 40.16 -41.62
C GLN D 193 -13.19 40.82 -42.88
N ALA D 194 -11.86 40.81 -43.01
CA ALA D 194 -11.21 41.43 -44.17
C ALA D 194 -11.62 40.74 -45.47
N CYS D 195 -11.59 39.42 -45.48
CA CYS D 195 -11.94 38.64 -46.66
C CYS D 195 -13.41 38.81 -47.03
N ARG D 196 -14.26 38.87 -46.02
CA ARG D 196 -15.69 39.06 -46.27
C ARG D 196 -16.00 40.46 -46.79
N ASP D 197 -15.37 41.47 -46.20
CA ASP D 197 -15.58 42.86 -46.62
C ASP D 197 -15.08 43.09 -48.04
N ALA D 198 -14.08 42.31 -48.44
CA ALA D 198 -13.50 42.42 -49.77
C ALA D 198 -14.25 41.55 -50.78
N GLY D 199 -15.16 40.72 -50.27
CA GLY D 199 -15.92 39.83 -51.12
C GLY D 199 -15.10 38.67 -51.63
N GLU D 200 -14.04 38.33 -50.90
CA GLU D 200 -13.17 37.21 -51.26
C GLU D 200 -13.59 35.93 -50.55
N THR D 201 -13.04 34.81 -51.00
CA THR D 201 -13.21 33.55 -50.30
C THR D 201 -12.39 33.61 -49.00
N GLY D 202 -13.08 33.51 -47.87
CA GLY D 202 -12.43 33.56 -46.58
C GLY D 202 -12.21 32.19 -46.00
N PRO D 203 -11.71 32.13 -44.75
CA PRO D 203 -11.46 30.86 -44.06
C PRO D 203 -12.75 30.05 -43.86
N ALA D 204 -12.62 28.73 -43.75
CA ALA D 204 -13.78 27.88 -43.54
C ALA D 204 -14.14 27.79 -42.06
N PHE D 205 -13.26 28.30 -41.21
CA PHE D 205 -13.37 28.13 -39.76
C PHE D 205 -12.46 29.12 -39.04
N GLN D 206 -12.86 29.56 -37.86
CA GLN D 206 -12.00 30.45 -37.07
C GLN D 206 -11.90 29.97 -35.62
N MET D 207 -10.66 29.75 -35.18
CA MET D 207 -10.39 29.33 -33.81
C MET D 207 -9.84 30.51 -33.00
N LEU D 208 -10.69 31.11 -32.18
CA LEU D 208 -10.31 32.30 -31.43
C LEU D 208 -10.03 31.94 -29.98
N ILE D 209 -8.75 31.87 -29.64
CA ILE D 209 -8.32 31.56 -28.28
C ILE D 209 -8.03 32.84 -27.51
N TYR D 210 -8.85 33.10 -26.49
CA TYR D 210 -8.95 34.40 -25.80
C TYR D 210 -8.44 35.59 -26.61
N PRO D 211 -9.13 35.91 -27.70
CA PRO D 211 -8.70 37.00 -28.58
C PRO D 211 -8.91 38.38 -27.95
N ALA D 212 -8.13 39.35 -28.39
CA ALA D 212 -8.45 40.75 -28.12
C ALA D 212 -9.39 41.22 -29.21
N THR D 213 -10.55 41.76 -28.86
CA THR D 213 -11.53 42.11 -29.87
C THR D 213 -11.97 43.57 -29.83
N ASP D 214 -11.64 44.27 -28.76
CA ASP D 214 -12.08 45.65 -28.62
C ASP D 214 -11.04 46.53 -27.91
N SER D 215 -10.46 47.45 -28.67
CA SER D 215 -9.45 48.38 -28.16
C SER D 215 -10.05 49.74 -27.83
N SER D 216 -11.35 49.90 -28.02
CA SER D 216 -11.99 51.21 -27.92
C SER D 216 -12.52 51.53 -26.52
N ARG D 217 -12.71 50.49 -25.71
CA ARG D 217 -13.23 50.69 -24.35
C ARG D 217 -12.81 49.56 -23.42
N GLU D 218 -12.91 49.80 -22.12
CA GLU D 218 -12.51 48.82 -21.13
C GLU D 218 -13.70 48.07 -20.54
N SER D 219 -13.77 46.78 -20.81
CA SER D 219 -14.81 45.93 -20.25
C SER D 219 -14.60 45.75 -18.76
N ALA D 220 -15.60 45.15 -18.10
CA ALA D 220 -15.51 44.88 -16.68
C ALA D 220 -14.32 43.98 -16.36
N SER D 221 -14.05 43.00 -17.22
CA SER D 221 -12.94 42.09 -16.95
C SER D 221 -11.60 42.77 -17.18
N ARG D 222 -11.53 43.70 -18.14
CA ARG D 222 -10.30 44.44 -18.39
C ARG D 222 -9.90 45.23 -17.15
N VAL D 223 -10.89 45.78 -16.46
CA VAL D 223 -10.65 46.55 -15.25
C VAL D 223 -10.41 45.65 -14.05
N ALA D 224 -11.24 44.61 -13.91
CA ALA D 224 -11.17 43.73 -12.74
C ALA D 224 -9.86 42.96 -12.65
N PHE D 225 -9.32 42.57 -13.81
CA PHE D 225 -8.14 41.73 -13.85
C PHE D 225 -6.93 42.48 -14.39
N ALA D 226 -6.90 43.78 -14.16
CA ALA D 226 -5.85 44.64 -14.69
C ALA D 226 -4.49 44.36 -14.02
N GLU D 227 -4.52 43.81 -12.81
CA GLU D 227 -3.29 43.53 -12.08
C GLU D 227 -3.34 42.18 -11.36
N GLY D 228 -2.20 41.48 -11.36
CA GLY D 228 -2.05 40.27 -10.57
C GLY D 228 -2.39 38.97 -11.27
N TYR D 229 -2.77 39.05 -12.53
CA TYR D 229 -3.16 37.85 -13.26
C TYR D 229 -2.38 37.70 -14.57
N PHE D 230 -1.06 37.66 -14.46
CA PHE D 230 -0.15 37.43 -15.59
C PHE D 230 -0.15 38.59 -16.58
N LEU D 231 -1.27 38.80 -17.26
CA LEU D 231 -1.41 39.91 -18.20
C LEU D 231 -1.86 41.18 -17.47
N SER D 232 -0.92 42.08 -17.20
CA SER D 232 -1.22 43.30 -16.44
C SER D 232 -1.54 44.48 -17.35
N LYS D 233 -2.20 45.49 -16.79
CA LYS D 233 -2.57 46.69 -17.54
C LYS D 233 -1.31 47.46 -17.98
N ALA D 234 -0.29 47.44 -17.13
CA ALA D 234 0.96 48.12 -17.45
C ALA D 234 1.66 47.45 -18.63
N LEU D 235 1.47 46.14 -18.76
CA LEU D 235 2.07 45.40 -19.87
C LEU D 235 1.28 45.64 -21.16
N MET D 236 -0.04 45.69 -21.04
CA MET D 236 -0.89 45.95 -22.20
C MET D 236 -0.59 47.32 -22.79
N ASP D 237 -0.32 48.29 -21.91
CA ASP D 237 0.09 49.62 -22.33
C ASP D 237 1.45 49.56 -23.01
N TRP D 238 2.33 48.71 -22.47
CA TRP D 238 3.67 48.52 -23.02
C TRP D 238 3.59 47.96 -24.44
N PHE D 239 2.70 47.00 -24.65
CA PHE D 239 2.41 46.46 -25.98
C PHE D 239 1.87 47.54 -26.90
N TRP D 240 0.83 48.22 -26.43
CA TRP D 240 0.11 49.22 -27.21
C TRP D 240 1.02 50.35 -27.69
N GLU D 241 1.92 50.77 -26.81
CA GLU D 241 2.87 51.83 -27.12
C GLU D 241 3.71 51.50 -28.35
N ALA D 242 4.06 50.22 -28.49
CA ALA D 242 4.87 49.77 -29.62
C ALA D 242 4.02 49.51 -30.85
N TYR D 243 2.83 48.95 -30.62
CA TYR D 243 1.97 48.51 -31.72
C TYR D 243 1.27 49.65 -32.43
N VAL D 244 0.78 50.62 -31.68
CA VAL D 244 -0.11 51.63 -32.24
C VAL D 244 0.46 53.03 -32.21
N PRO D 245 0.68 53.62 -33.40
CA PRO D 245 1.18 54.99 -33.53
C PRO D 245 0.22 56.00 -32.93
N GLU D 246 0.75 57.15 -32.51
CA GLU D 246 -0.07 58.17 -31.87
C GLU D 246 -1.19 58.64 -32.79
N ASP D 247 -2.31 59.02 -32.19
CA ASP D 247 -3.49 59.48 -32.93
C ASP D 247 -4.00 58.45 -33.93
N THR D 248 -4.30 57.25 -33.44
CA THR D 248 -4.95 56.24 -34.27
C THR D 248 -6.35 55.98 -33.74
N ASP D 249 -7.32 55.90 -34.66
CA ASP D 249 -8.71 55.65 -34.31
C ASP D 249 -8.85 54.28 -33.64
N LEU D 250 -9.30 54.30 -32.38
CA LEU D 250 -9.44 53.06 -31.61
C LEU D 250 -10.60 52.22 -32.09
N THR D 251 -11.53 52.85 -32.81
CA THR D 251 -12.70 52.13 -33.31
C THR D 251 -12.41 51.44 -34.63
N ASP D 252 -11.17 51.52 -35.10
CA ASP D 252 -10.75 50.84 -36.31
C ASP D 252 -10.99 49.34 -36.17
N LEU D 253 -11.66 48.76 -37.17
CA LEU D 253 -12.08 47.36 -37.12
C LEU D 253 -10.89 46.40 -37.08
N ARG D 254 -9.71 46.87 -37.47
CA ARG D 254 -8.51 46.05 -37.40
C ARG D 254 -7.96 46.04 -35.97
N LEU D 255 -8.33 47.05 -35.20
CA LEU D 255 -7.98 47.11 -33.78
C LEU D 255 -9.13 46.60 -32.91
N SER D 256 -10.35 46.76 -33.41
CA SER D 256 -11.54 46.41 -32.66
C SER D 256 -12.58 45.71 -33.51
N PRO D 257 -12.31 44.45 -33.91
CA PRO D 257 -13.23 43.70 -34.76
C PRO D 257 -14.61 43.48 -34.13
N LEU D 258 -14.68 43.58 -32.81
CA LEU D 258 -15.96 43.46 -32.11
C LEU D 258 -16.94 44.56 -32.53
N LEU D 259 -16.40 45.69 -32.97
CA LEU D 259 -17.22 46.85 -33.34
C LEU D 259 -17.82 46.75 -34.74
N ALA D 260 -17.65 45.60 -35.39
CA ALA D 260 -18.19 45.38 -36.73
C ALA D 260 -19.72 45.49 -36.73
N THR D 261 -20.27 46.11 -37.77
CA THR D 261 -21.71 46.31 -37.87
C THR D 261 -22.41 45.10 -38.47
N ASP D 262 -21.63 44.25 -39.13
CA ASP D 262 -22.16 43.07 -39.78
C ASP D 262 -21.33 41.84 -39.42
N PHE D 263 -21.96 40.87 -38.76
CA PHE D 263 -21.28 39.63 -38.39
C PHE D 263 -21.74 38.45 -39.24
N THR D 264 -22.62 38.72 -40.21
CA THR D 264 -23.07 37.67 -41.12
C THR D 264 -21.99 37.38 -42.15
N GLY D 265 -21.95 36.15 -42.65
CA GLY D 265 -20.97 35.78 -43.65
C GLY D 265 -19.61 35.42 -43.08
N LEU D 266 -19.51 35.39 -41.75
CA LEU D 266 -18.27 34.96 -41.10
C LEU D 266 -18.31 33.46 -40.86
N PRO D 267 -17.14 32.80 -40.93
CA PRO D 267 -17.10 31.33 -40.85
C PRO D 267 -17.45 30.78 -39.46
N PRO D 268 -17.84 29.49 -39.39
CA PRO D 268 -18.07 28.81 -38.10
C PRO D 268 -16.91 29.04 -37.15
N ALA D 269 -17.19 29.17 -35.86
CA ALA D 269 -16.19 29.66 -34.93
C ALA D 269 -16.04 28.82 -33.68
N PHE D 270 -14.81 28.73 -33.18
CA PHE D 270 -14.55 28.28 -31.82
C PHE D 270 -13.96 29.44 -31.05
N VAL D 271 -14.63 29.84 -29.97
CA VAL D 271 -14.16 30.95 -29.16
C VAL D 271 -13.97 30.52 -27.72
N LEU D 272 -12.76 30.72 -27.20
CA LEU D 272 -12.45 30.31 -25.84
C LEU D 272 -12.01 31.49 -24.99
N THR D 273 -12.47 31.54 -23.74
CA THR D 273 -12.00 32.57 -22.82
C THR D 273 -11.49 31.96 -21.53
N ALA D 274 -10.71 32.75 -20.78
CA ALA D 274 -10.21 32.37 -19.47
C ALA D 274 -10.90 33.20 -18.39
N GLY D 275 -11.20 32.57 -17.27
CA GLY D 275 -11.97 33.21 -16.21
C GLY D 275 -11.38 34.46 -15.61
N TYR D 276 -10.05 34.54 -15.57
CA TYR D 276 -9.38 35.69 -14.98
C TYR D 276 -8.60 36.48 -16.02
N ASP D 277 -9.01 36.33 -17.28
CA ASP D 277 -8.40 37.06 -18.40
C ASP D 277 -9.07 38.43 -18.55
N PRO D 278 -8.26 39.50 -18.58
CA PRO D 278 -8.77 40.83 -18.92
C PRO D 278 -9.60 40.83 -20.20
N LEU D 279 -9.23 39.97 -21.15
CA LEU D 279 -9.89 39.90 -22.45
C LEU D 279 -11.16 39.03 -22.44
N ARG D 280 -11.46 38.44 -21.30
CA ARG D 280 -12.60 37.51 -21.17
C ARG D 280 -13.91 38.04 -21.75
N ASP D 281 -14.38 39.17 -21.22
CA ASP D 281 -15.68 39.74 -21.59
C ASP D 281 -15.80 40.06 -23.08
N GLU D 282 -14.78 40.70 -23.65
CA GLU D 282 -14.83 41.09 -25.05
C GLU D 282 -14.71 39.87 -25.96
N GLY D 283 -14.11 38.80 -25.44
CA GLY D 283 -14.05 37.54 -26.16
C GLY D 283 -15.43 36.91 -26.22
N ARG D 284 -16.13 36.89 -25.09
CA ARG D 284 -17.48 36.35 -25.03
C ARG D 284 -18.45 37.19 -25.86
N ALA D 285 -18.27 38.51 -25.82
CA ALA D 285 -19.11 39.41 -26.60
C ALA D 285 -18.99 39.12 -28.10
N TYR D 286 -17.79 38.79 -28.55
CA TYR D 286 -17.57 38.44 -29.96
C TYR D 286 -18.34 37.18 -30.32
N ALA D 287 -18.33 36.21 -29.41
CA ALA D 287 -19.10 34.99 -29.59
C ALA D 287 -20.59 35.30 -29.69
N ASP D 288 -21.07 36.19 -28.81
CA ASP D 288 -22.47 36.58 -28.80
C ASP D 288 -22.88 37.21 -30.14
N ARG D 289 -22.03 38.07 -30.68
CA ARG D 289 -22.31 38.72 -31.95
C ARG D 289 -22.39 37.69 -33.08
N LEU D 290 -21.47 36.73 -33.05
CA LEU D 290 -21.49 35.63 -34.02
C LEU D 290 -22.76 34.80 -33.89
N ILE D 291 -23.10 34.42 -32.67
CA ILE D 291 -24.29 33.61 -32.41
C ILE D 291 -25.56 34.30 -32.88
N GLU D 292 -25.70 35.58 -32.53
CA GLU D 292 -26.93 36.30 -32.84
C GLU D 292 -27.04 36.63 -34.33
N ALA D 293 -25.91 36.56 -35.03
CA ALA D 293 -25.88 36.78 -36.47
C ALA D 293 -26.18 35.49 -37.23
N GLY D 294 -26.37 34.39 -36.50
CA GLY D 294 -26.70 33.12 -37.10
C GLY D 294 -25.50 32.33 -37.59
N ILE D 295 -24.34 32.60 -37.01
CA ILE D 295 -23.12 31.86 -37.34
C ILE D 295 -22.97 30.69 -36.39
N LYS D 296 -22.59 29.52 -36.93
CA LYS D 296 -22.33 28.36 -36.08
C LYS D 296 -21.17 28.67 -35.15
N THR D 297 -21.46 28.77 -33.86
CA THR D 297 -20.46 29.23 -32.91
C THR D 297 -20.38 28.33 -31.69
N THR D 298 -19.16 27.95 -31.34
CA THR D 298 -18.93 27.19 -30.13
C THR D 298 -18.14 28.08 -29.15
N TYR D 299 -18.78 28.40 -28.03
CA TYR D 299 -18.11 29.21 -27.02
C TYR D 299 -17.83 28.40 -25.77
N VAL D 300 -16.65 28.59 -25.20
CA VAL D 300 -16.30 27.93 -23.94
C VAL D 300 -15.51 28.85 -23.04
N ASN D 301 -15.86 28.86 -21.75
CA ASN D 301 -15.10 29.61 -20.76
C ASN D 301 -14.40 28.62 -19.82
N TYR D 302 -13.11 28.84 -19.63
CA TYR D 302 -12.33 28.06 -18.69
C TYR D 302 -12.15 28.87 -17.41
N PRO D 303 -12.95 28.59 -16.38
CA PRO D 303 -12.91 29.36 -15.15
C PRO D 303 -11.65 29.05 -14.33
N GLY D 304 -11.24 29.99 -13.48
CA GLY D 304 -10.15 29.76 -12.57
C GLY D 304 -8.79 29.60 -13.22
N THR D 305 -8.67 30.03 -14.48
CA THR D 305 -7.37 30.06 -15.14
C THR D 305 -7.11 31.44 -15.72
N ILE D 306 -5.90 31.66 -16.21
CA ILE D 306 -5.46 32.99 -16.61
C ILE D 306 -5.19 33.13 -18.09
N HIS D 307 -5.00 34.37 -18.51
CA HIS D 307 -4.56 34.68 -19.86
C HIS D 307 -3.25 33.97 -20.14
N GLY D 308 -3.15 33.33 -21.31
CA GLY D 308 -1.92 32.67 -21.70
C GLY D 308 -1.87 31.18 -21.38
N PHE D 309 -2.85 30.68 -20.65
CA PHE D 309 -2.81 29.30 -20.16
C PHE D 309 -2.79 28.26 -21.28
N PHE D 310 -3.28 28.66 -22.45
CA PHE D 310 -3.34 27.81 -23.64
C PHE D 310 -1.94 27.36 -24.09
N SER D 311 -0.92 28.12 -23.71
CA SER D 311 0.45 27.78 -24.10
C SER D 311 1.41 27.78 -22.90
N LEU D 312 0.85 27.88 -21.70
CA LEU D 312 1.64 27.73 -20.48
C LEU D 312 1.53 26.30 -19.96
N THR D 313 1.59 25.35 -20.89
CA THR D 313 1.21 23.98 -20.61
C THR D 313 2.25 23.16 -19.87
N ARG D 314 3.37 23.79 -19.50
CA ARG D 314 4.32 23.14 -18.61
C ARG D 314 3.85 23.30 -17.16
N PHE D 315 3.05 24.33 -16.89
CA PHE D 315 2.59 24.63 -15.53
C PHE D 315 1.10 24.40 -15.34
N LEU D 316 0.33 24.55 -16.40
CA LEU D 316 -1.13 24.48 -16.31
C LEU D 316 -1.71 23.38 -17.17
N SER D 317 -2.23 22.33 -16.55
CA SER D 317 -2.81 21.20 -17.28
C SER D 317 -4.11 21.62 -17.96
N GLN D 318 -4.76 22.65 -17.43
CA GLN D 318 -5.96 23.20 -18.05
C GLN D 318 -5.69 23.64 -19.49
N GLY D 319 -4.47 24.07 -19.76
CA GLY D 319 -4.09 24.49 -21.10
C GLY D 319 -4.08 23.33 -22.08
N LEU D 320 -3.63 22.17 -21.62
CA LEU D 320 -3.62 20.97 -22.46
C LEU D 320 -5.06 20.54 -22.76
N LYS D 321 -5.92 20.62 -21.74
CA LYS D 321 -7.33 20.35 -21.91
C LYS D 321 -7.94 21.30 -22.92
N ALA D 322 -7.52 22.57 -22.86
CA ALA D 322 -8.02 23.58 -23.78
C ALA D 322 -7.53 23.31 -25.20
N ASN D 323 -6.24 22.97 -25.33
CA ASN D 323 -5.69 22.54 -26.62
C ASN D 323 -6.56 21.44 -27.23
N ASP D 324 -6.85 20.43 -26.40
CA ASP D 324 -7.55 19.25 -26.87
C ASP D 324 -9.00 19.56 -27.26
N GLU D 325 -9.68 20.40 -26.49
CA GLU D 325 -11.06 20.75 -26.84
C GLU D 325 -11.13 21.57 -28.12
N ALA D 326 -10.21 22.52 -28.27
CA ALA D 326 -10.17 23.36 -29.47
C ALA D 326 -9.89 22.50 -30.70
N ALA D 327 -8.88 21.64 -30.60
CA ALA D 327 -8.55 20.72 -31.68
C ALA D 327 -9.71 19.77 -31.99
N ALA D 328 -10.39 19.32 -30.94
CA ALA D 328 -11.48 18.36 -31.10
C ALA D 328 -12.67 18.97 -31.83
N VAL D 329 -13.00 20.20 -31.46
CA VAL D 329 -14.10 20.90 -32.11
C VAL D 329 -13.79 21.17 -33.58
N MET D 330 -12.58 21.61 -33.86
CA MET D 330 -12.18 21.87 -35.24
C MET D 330 -12.17 20.58 -36.05
N GLY D 331 -11.62 19.52 -35.45
CA GLY D 331 -11.57 18.22 -36.09
C GLY D 331 -12.95 17.69 -36.44
N ALA D 332 -13.88 17.85 -35.50
CA ALA D 332 -15.26 17.41 -35.70
C ALA D 332 -15.93 18.22 -36.80
N HIS D 333 -15.64 19.51 -36.85
CA HIS D 333 -16.25 20.38 -37.85
C HIS D 333 -15.77 20.02 -39.25
N PHE D 334 -14.50 19.63 -39.33
CA PHE D 334 -13.89 19.26 -40.61
C PHE D 334 -14.04 17.78 -40.91
N GLY D 335 -14.68 17.04 -40.00
CA GLY D 335 -14.95 15.63 -40.21
C GLY D 335 -13.70 14.76 -40.32
N THR D 336 -12.71 15.02 -39.46
CA THR D 336 -11.46 14.29 -39.49
C THR D 336 -11.52 13.03 -38.61
N GLN E 20 -30.88 -51.75 -24.02
CA GLN E 20 -31.77 -50.58 -24.11
C GLN E 20 -32.79 -50.58 -22.98
N GLY E 21 -32.71 -51.56 -22.09
CA GLY E 21 -33.62 -51.64 -20.96
C GLY E 21 -33.35 -50.53 -19.97
N MET E 22 -32.13 -49.98 -20.00
CA MET E 22 -31.74 -48.92 -19.08
C MET E 22 -32.11 -47.54 -19.61
N LEU E 23 -32.62 -47.50 -20.84
CA LEU E 23 -33.06 -46.24 -21.44
C LEU E 23 -34.23 -45.64 -20.66
N LEU E 24 -34.07 -44.38 -20.26
CA LEU E 24 -35.14 -43.64 -19.60
C LEU E 24 -36.29 -43.40 -20.57
N PRO E 25 -37.53 -43.36 -20.05
CA PRO E 25 -38.70 -43.10 -20.89
C PRO E 25 -38.59 -41.81 -21.70
N GLU E 26 -38.03 -40.76 -21.13
CA GLU E 26 -37.90 -39.50 -21.87
C GLU E 26 -36.89 -39.65 -23.02
N THR E 27 -35.86 -40.46 -22.79
CA THR E 27 -34.84 -40.70 -23.80
C THR E 27 -35.42 -41.51 -24.94
N ARG E 28 -36.21 -42.52 -24.58
CA ARG E 28 -36.86 -43.39 -25.56
C ARG E 28 -37.85 -42.60 -26.40
N ASN E 29 -38.58 -41.69 -25.76
CA ASN E 29 -39.55 -40.86 -26.46
C ASN E 29 -38.89 -39.98 -27.52
N LEU E 30 -37.74 -39.40 -27.18
CA LEU E 30 -37.02 -38.54 -28.10
C LEU E 30 -36.50 -39.34 -29.30
N LEU E 31 -35.87 -40.47 -28.99
CA LEU E 31 -35.34 -41.34 -30.04
C LEU E 31 -36.46 -41.82 -30.97
N ASP E 32 -37.64 -42.05 -30.40
CA ASP E 32 -38.80 -42.46 -31.18
C ASP E 32 -39.27 -41.33 -32.11
N LEU E 33 -39.24 -40.11 -31.60
CA LEU E 33 -39.61 -38.95 -32.40
C LEU E 33 -38.65 -38.76 -33.57
N MET E 34 -37.36 -38.98 -33.31
CA MET E 34 -36.35 -38.84 -34.34
C MET E 34 -36.45 -39.92 -35.40
N ASP E 35 -36.71 -41.14 -34.96
CA ASP E 35 -36.86 -42.26 -35.88
C ASP E 35 -38.13 -42.09 -36.72
N ALA E 36 -39.17 -41.55 -36.10
CA ALA E 36 -40.43 -41.30 -36.79
C ALA E 36 -40.27 -40.28 -37.89
N ALA E 37 -39.50 -39.23 -37.61
CA ALA E 37 -39.24 -38.18 -38.59
C ALA E 37 -38.43 -38.72 -39.76
N THR E 38 -37.47 -39.59 -39.46
CA THR E 38 -36.62 -40.19 -40.48
C THR E 38 -37.41 -41.17 -41.35
N ARG E 39 -38.29 -41.96 -40.72
CA ARG E 39 -39.18 -42.84 -41.46
C ARG E 39 -40.14 -42.01 -42.31
N GLY E 40 -40.49 -40.84 -41.80
CA GLY E 40 -41.38 -39.93 -42.51
C GLY E 40 -40.76 -39.29 -43.73
N GLY E 41 -39.47 -39.49 -43.92
CA GLY E 41 -38.79 -39.00 -45.11
C GLY E 41 -37.64 -38.03 -44.85
N ARG E 42 -37.52 -37.53 -43.63
CA ARG E 42 -36.45 -36.61 -43.30
C ARG E 42 -35.10 -37.30 -43.36
N PRO E 43 -34.21 -36.83 -44.25
CA PRO E 43 -32.88 -37.43 -44.43
C PRO E 43 -31.96 -37.15 -43.25
N ARG E 44 -31.10 -38.10 -42.94
CA ARG E 44 -30.13 -37.94 -41.86
C ARG E 44 -29.13 -36.84 -42.22
N LEU E 45 -28.54 -36.25 -41.19
CA LEU E 45 -27.63 -35.11 -41.37
C LEU E 45 -26.40 -35.47 -42.20
N GLU E 46 -25.92 -36.71 -42.06
CA GLU E 46 -24.68 -37.11 -42.71
C GLU E 46 -24.84 -37.37 -44.21
N THR E 47 -26.03 -37.12 -44.76
CA THR E 47 -26.25 -37.28 -46.18
C THR E 47 -26.19 -35.92 -46.90
N LEU E 48 -26.27 -34.85 -46.12
CA LEU E 48 -26.29 -33.51 -46.67
C LEU E 48 -24.90 -32.91 -46.75
N PRO E 49 -24.69 -31.94 -47.66
CA PRO E 49 -23.46 -31.16 -47.65
C PRO E 49 -23.32 -30.44 -46.31
N HIS E 50 -22.08 -30.21 -45.86
CA HIS E 50 -21.85 -29.71 -44.51
C HIS E 50 -22.50 -28.35 -44.26
N ALA E 51 -22.29 -27.41 -45.17
CA ALA E 51 -22.86 -26.07 -45.03
C ALA E 51 -24.38 -26.10 -45.01
N VAL E 52 -24.96 -26.87 -45.92
CA VAL E 52 -26.41 -27.02 -46.03
C VAL E 52 -26.99 -27.66 -44.78
N GLY E 53 -26.37 -28.76 -44.35
CA GLY E 53 -26.81 -29.48 -43.17
C GLY E 53 -26.72 -28.66 -41.90
N ARG E 54 -25.69 -27.80 -41.84
CA ARG E 54 -25.48 -26.94 -40.68
C ARG E 54 -26.66 -26.02 -40.42
N LYS E 55 -27.18 -25.42 -41.48
CA LYS E 55 -28.28 -24.45 -41.35
C LYS E 55 -29.55 -25.11 -40.82
N ALA E 56 -29.81 -26.34 -41.25
CA ALA E 56 -31.02 -27.05 -40.85
C ALA E 56 -30.92 -27.57 -39.42
N VAL E 57 -29.75 -28.10 -39.05
CA VAL E 57 -29.59 -28.72 -37.73
C VAL E 57 -29.42 -27.67 -36.64
N ASP E 58 -28.86 -26.51 -36.98
CA ASP E 58 -28.66 -25.45 -35.99
C ASP E 58 -30.00 -24.90 -35.51
N LYS E 59 -30.96 -24.80 -36.42
CA LYS E 59 -32.29 -24.34 -36.06
C LYS E 59 -32.96 -25.36 -35.13
N MET E 60 -32.73 -26.64 -35.40
CA MET E 60 -33.27 -27.70 -34.57
C MET E 60 -32.61 -27.72 -33.19
N SER E 61 -31.30 -27.44 -33.16
CA SER E 61 -30.58 -27.35 -31.90
C SER E 61 -31.11 -26.20 -31.05
N GLU E 62 -31.39 -25.06 -31.69
CA GLU E 62 -31.96 -23.93 -30.99
C GLU E 62 -33.32 -24.30 -30.40
N ASP E 63 -34.16 -24.92 -31.22
CA ASP E 63 -35.49 -25.33 -30.78
C ASP E 63 -35.40 -26.45 -29.75
N GLY E 64 -34.29 -27.19 -29.77
CA GLY E 64 -34.10 -28.33 -28.88
C GLY E 64 -33.82 -27.94 -27.44
N GLU E 65 -33.38 -26.70 -27.24
CA GLU E 65 -33.11 -26.19 -25.90
C GLU E 65 -34.40 -25.86 -25.15
N ALA E 66 -34.34 -25.92 -23.83
CA ALA E 66 -35.42 -25.41 -23.01
C ALA E 66 -35.52 -23.90 -23.21
N ASP E 67 -36.62 -23.30 -22.76
CA ASP E 67 -36.80 -21.86 -22.88
C ASP E 67 -35.67 -21.12 -22.15
N PRO E 68 -35.15 -20.05 -22.77
CA PRO E 68 -34.02 -19.30 -22.20
C PRO E 68 -34.40 -18.57 -20.93
N PRO E 69 -33.73 -18.89 -19.81
CA PRO E 69 -34.00 -18.17 -18.55
C PRO E 69 -33.43 -16.76 -18.57
N GLU E 70 -34.07 -15.85 -17.84
CA GLU E 70 -33.57 -14.49 -17.72
C GLU E 70 -32.26 -14.45 -16.94
N VAL E 71 -31.33 -13.63 -17.40
CA VAL E 71 -30.10 -13.36 -16.65
C VAL E 71 -30.00 -11.86 -16.40
N ALA E 72 -28.98 -11.45 -15.65
CA ALA E 72 -28.85 -10.05 -15.26
C ALA E 72 -28.44 -9.17 -16.45
N GLU E 73 -27.59 -9.71 -17.32
CA GLU E 73 -27.11 -8.96 -18.46
C GLU E 73 -26.53 -9.87 -19.54
N VAL E 74 -26.83 -9.55 -20.79
CA VAL E 74 -26.24 -10.26 -21.94
C VAL E 74 -25.42 -9.29 -22.77
N ALA E 75 -24.17 -9.63 -23.04
CA ALA E 75 -23.29 -8.77 -23.83
C ALA E 75 -22.80 -9.50 -25.07
N ASN E 76 -22.90 -8.83 -26.21
CA ASN E 76 -22.38 -9.36 -27.47
C ASN E 76 -21.25 -8.49 -28.01
N GLY E 77 -20.19 -9.15 -28.47
CA GLY E 77 -19.05 -8.44 -29.04
C GLY E 77 -18.07 -9.37 -29.71
N GLY E 78 -16.94 -8.81 -30.12
CA GLY E 78 -15.89 -9.60 -30.76
C GLY E 78 -14.51 -9.04 -30.52
N PHE E 79 -13.49 -9.84 -30.84
CA PHE E 79 -12.11 -9.38 -30.75
C PHE E 79 -11.27 -10.06 -31.82
N ALA E 80 -10.08 -9.52 -32.06
CA ALA E 80 -9.19 -10.07 -33.06
C ALA E 80 -8.65 -11.44 -32.63
N GLY E 81 -8.97 -12.46 -33.41
CA GLY E 81 -8.41 -13.78 -33.19
C GLY E 81 -7.19 -13.99 -34.07
N PRO E 82 -6.73 -15.24 -34.16
CA PRO E 82 -5.54 -15.59 -34.97
C PRO E 82 -5.68 -15.23 -36.45
N ALA E 83 -6.85 -15.48 -37.04
CA ALA E 83 -7.03 -15.26 -38.46
C ALA E 83 -8.41 -14.69 -38.81
N SER E 84 -9.13 -14.24 -37.79
CA SER E 84 -10.45 -13.64 -37.98
C SER E 84 -10.97 -13.02 -36.69
N GLU E 85 -12.11 -12.35 -36.77
CA GLU E 85 -12.77 -11.82 -35.57
CA GLU E 85 -12.75 -11.82 -35.57
C GLU E 85 -13.45 -12.96 -34.83
N ILE E 86 -13.23 -13.05 -33.53
CA ILE E 86 -13.88 -14.09 -32.73
C ILE E 86 -15.01 -13.49 -31.90
N ARG E 87 -16.24 -13.81 -32.29
CA ARG E 87 -17.42 -13.29 -31.60
C ARG E 87 -17.62 -14.00 -30.26
N PHE E 88 -18.23 -13.30 -29.31
CA PHE E 88 -18.51 -13.88 -28.01
C PHE E 88 -19.81 -13.33 -27.43
N ARG E 89 -20.36 -14.05 -26.47
CA ARG E 89 -21.54 -13.61 -25.75
C ARG E 89 -21.34 -13.83 -24.26
N ARG E 90 -21.47 -12.75 -23.48
CA ARG E 90 -21.29 -12.81 -22.04
C ARG E 90 -22.64 -12.85 -21.33
N TYR E 91 -22.73 -13.71 -20.32
CA TYR E 91 -23.94 -13.84 -19.51
C TYR E 91 -23.62 -13.54 -18.05
N ARG E 92 -24.19 -12.45 -17.53
CA ARG E 92 -24.07 -12.14 -16.10
C ARG E 92 -25.21 -12.80 -15.31
N PRO E 93 -24.88 -13.59 -14.29
CA PRO E 93 -25.88 -14.32 -13.51
C PRO E 93 -26.76 -13.41 -12.67
N LEU E 94 -28.03 -13.78 -12.52
CA LEU E 94 -28.95 -13.04 -11.65
C LEU E 94 -28.43 -12.97 -10.22
N GLY E 95 -28.60 -11.81 -9.59
CA GLY E 95 -28.29 -11.67 -8.18
C GLY E 95 -26.83 -11.43 -7.86
N GLU E 96 -26.00 -11.24 -8.89
CA GLU E 96 -24.59 -10.99 -8.68
C GLU E 96 -24.21 -9.56 -9.07
N ALA E 97 -23.70 -8.80 -8.11
CA ALA E 97 -23.43 -7.38 -8.32
C ALA E 97 -21.93 -7.08 -8.40
N ALA E 98 -21.10 -8.07 -8.09
CA ALA E 98 -19.66 -7.88 -8.12
C ALA E 98 -19.18 -7.57 -9.53
N GLY E 99 -18.28 -6.59 -9.65
CA GLY E 99 -17.77 -6.19 -10.94
C GLY E 99 -17.03 -7.31 -11.64
N LEU E 100 -16.11 -7.94 -10.91
CA LEU E 100 -15.35 -9.06 -11.46
C LEU E 100 -15.89 -10.38 -10.91
N LEU E 101 -16.37 -11.23 -11.81
CA LEU E 101 -17.00 -12.49 -11.42
C LEU E 101 -16.16 -13.69 -11.81
N PRO E 102 -16.27 -14.78 -11.03
CA PRO E 102 -15.74 -16.05 -11.52
C PRO E 102 -16.39 -16.35 -12.86
N THR E 103 -15.61 -16.83 -13.81
CA THR E 103 -16.09 -16.88 -15.18
C THR E 103 -15.79 -18.19 -15.88
N LEU E 104 -16.80 -18.71 -16.56
CA LEU E 104 -16.64 -19.90 -17.38
C LEU E 104 -16.63 -19.54 -18.85
N ILE E 105 -15.48 -19.73 -19.49
CA ILE E 105 -15.37 -19.61 -20.94
C ILE E 105 -15.89 -20.90 -21.56
N TYR E 106 -16.98 -20.80 -22.31
CA TYR E 106 -17.68 -21.99 -22.78
C TYR E 106 -17.56 -22.19 -24.29
N TYR E 107 -17.30 -23.44 -24.69
CA TYR E 107 -17.23 -23.79 -26.11
C TYR E 107 -18.34 -24.76 -26.48
N HIS E 108 -19.20 -24.36 -27.41
CA HIS E 108 -20.31 -25.21 -27.83
C HIS E 108 -19.81 -26.47 -28.55
N GLY E 109 -20.68 -27.48 -28.63
CA GLY E 109 -20.36 -28.69 -29.37
C GLY E 109 -20.93 -28.68 -30.76
N GLY E 110 -20.62 -29.72 -31.54
CA GLY E 110 -21.09 -29.82 -32.91
C GLY E 110 -20.07 -30.40 -33.87
N GLY E 111 -19.15 -31.21 -33.34
CA GLY E 111 -18.14 -31.86 -34.15
C GLY E 111 -17.24 -30.91 -34.91
N PHE E 112 -17.12 -29.67 -34.41
CA PHE E 112 -16.33 -28.62 -35.03
C PHE E 112 -16.86 -28.24 -36.42
N VAL E 113 -18.12 -28.61 -36.69
CA VAL E 113 -18.75 -28.34 -37.97
C VAL E 113 -20.03 -27.54 -37.81
N ILE E 114 -20.85 -27.93 -36.83
CA ILE E 114 -22.13 -27.27 -36.60
C ILE E 114 -22.18 -26.63 -35.21
N GLY E 115 -23.30 -25.97 -34.91
CA GLY E 115 -23.48 -25.33 -33.63
C GLY E 115 -22.89 -23.93 -33.60
N ASN E 116 -23.36 -23.13 -32.65
CA ASN E 116 -22.86 -21.78 -32.45
C ASN E 116 -23.34 -21.24 -31.11
N ILE E 117 -23.23 -19.92 -30.92
CA ILE E 117 -23.65 -19.30 -29.67
C ILE E 117 -25.14 -19.46 -29.44
N GLU E 118 -25.92 -19.35 -30.52
CA GLU E 118 -27.38 -19.44 -30.42
C GLU E 118 -27.88 -20.83 -30.05
N THR E 119 -27.15 -21.86 -30.47
CA THR E 119 -27.58 -23.23 -30.25
C THR E 119 -27.42 -23.65 -28.79
N HIS E 120 -26.59 -22.93 -28.05
CA HIS E 120 -26.31 -23.26 -26.66
C HIS E 120 -26.63 -22.10 -25.72
N ASP E 121 -27.45 -21.17 -26.20
CA ASP E 121 -27.75 -19.95 -25.47
C ASP E 121 -28.51 -20.21 -24.16
N SER E 122 -29.59 -20.97 -24.25
CA SER E 122 -30.39 -21.29 -23.07
C SER E 122 -29.57 -22.03 -22.03
N THR E 123 -28.74 -22.96 -22.51
CA THR E 123 -27.90 -23.74 -21.61
C THR E 123 -26.89 -22.85 -20.88
N CYS E 124 -26.28 -21.92 -21.60
CA CYS E 124 -25.30 -21.01 -21.00
C CYS E 124 -25.96 -20.10 -19.97
N ARG E 125 -27.18 -19.68 -20.25
CA ARG E 125 -27.94 -18.85 -19.33
C ARG E 125 -28.20 -19.58 -18.02
N ARG E 126 -28.62 -20.85 -18.12
CA ARG E 126 -28.89 -21.64 -16.92
C ARG E 126 -27.60 -21.91 -16.15
N LEU E 127 -26.53 -22.23 -16.87
CA LEU E 127 -25.23 -22.44 -16.24
C LEU E 127 -24.78 -21.21 -15.46
N ALA E 128 -25.04 -20.02 -16.02
CA ALA E 128 -24.66 -18.78 -15.37
C ALA E 128 -25.44 -18.60 -14.06
N ASN E 129 -26.77 -18.66 -14.14
CA ASN E 129 -27.62 -18.45 -12.98
C ASN E 129 -27.39 -19.47 -11.87
N LYS E 130 -27.23 -20.74 -12.24
CA LYS E 130 -27.08 -21.80 -11.25
C LYS E 130 -25.71 -21.80 -10.58
N SER E 131 -24.67 -21.40 -11.31
CA SER E 131 -23.32 -21.40 -10.77
C SER E 131 -22.96 -20.07 -10.11
N ARG E 132 -23.75 -19.05 -10.42
CA ARG E 132 -23.46 -17.66 -10.02
C ARG E 132 -22.11 -17.21 -10.56
N CYS E 133 -21.73 -17.77 -11.71
CA CYS E 133 -20.53 -17.37 -12.43
C CYS E 133 -20.90 -16.72 -13.77
N GLN E 134 -20.08 -15.80 -14.24
CA GLN E 134 -20.23 -15.29 -15.59
C GLN E 134 -19.92 -16.41 -16.59
N VAL E 135 -20.71 -16.50 -17.65
CA VAL E 135 -20.42 -17.42 -18.74
C VAL E 135 -20.11 -16.62 -20.00
N ILE E 136 -19.05 -16.98 -20.69
CA ILE E 136 -18.69 -16.35 -21.95
C ILE E 136 -18.59 -17.40 -23.06
N SER E 137 -19.63 -17.48 -23.89
CA SER E 137 -19.69 -18.45 -24.98
C SER E 137 -18.90 -17.98 -26.19
N ILE E 138 -18.09 -18.88 -26.76
CA ILE E 138 -17.18 -18.51 -27.85
C ILE E 138 -17.62 -19.07 -29.20
N ASP E 139 -17.69 -18.19 -30.20
CA ASP E 139 -18.05 -18.58 -31.56
C ASP E 139 -16.80 -18.83 -32.41
N TYR E 140 -16.18 -19.98 -32.22
CA TYR E 140 -14.94 -20.32 -32.92
C TYR E 140 -15.21 -20.71 -34.37
N ARG E 141 -14.17 -20.65 -35.21
CA ARG E 141 -14.28 -21.01 -36.62
C ARG E 141 -14.64 -22.49 -36.78
N LEU E 142 -15.41 -22.80 -37.82
CA LEU E 142 -15.92 -24.14 -38.04
C LEU E 142 -15.43 -24.77 -39.35
N ALA E 143 -15.36 -26.10 -39.35
CA ALA E 143 -15.03 -26.87 -40.54
C ALA E 143 -16.31 -27.13 -41.34
N PRO E 144 -16.19 -27.42 -42.65
CA PRO E 144 -14.98 -27.58 -43.47
C PRO E 144 -14.39 -26.26 -43.96
N GLU E 145 -15.05 -25.14 -43.67
CA GLU E 145 -14.54 -23.83 -44.04
C GLU E 145 -13.17 -23.59 -43.41
N HIS E 146 -13.06 -23.93 -42.13
CA HIS E 146 -11.81 -23.79 -41.40
C HIS E 146 -11.50 -25.06 -40.62
N PRO E 147 -10.90 -26.05 -41.30
CA PRO E 147 -10.62 -27.34 -40.69
C PRO E 147 -9.51 -27.28 -39.64
N PHE E 148 -9.29 -28.38 -38.94
CA PHE E 148 -8.19 -28.55 -38.00
C PHE E 148 -6.89 -27.95 -38.55
N PRO E 149 -6.16 -27.21 -37.72
CA PRO E 149 -6.42 -26.95 -36.30
C PRO E 149 -7.10 -25.62 -35.99
N ALA E 150 -7.77 -25.03 -36.97
CA ALA E 150 -8.39 -23.71 -36.80
C ALA E 150 -9.37 -23.60 -35.61
N PRO E 151 -10.31 -24.56 -35.45
CA PRO E 151 -11.28 -24.37 -34.37
C PRO E 151 -10.67 -24.30 -32.97
N ILE E 152 -9.74 -25.20 -32.66
CA ILE E 152 -9.13 -25.22 -31.34
C ILE E 152 -8.13 -24.07 -31.18
N ASP E 153 -7.52 -23.66 -32.28
CA ASP E 153 -6.65 -22.48 -32.27
C ASP E 153 -7.42 -21.25 -31.79
N ASP E 154 -8.67 -21.13 -32.22
CA ASP E 154 -9.51 -20.03 -31.77
C ASP E 154 -9.85 -20.19 -30.29
N GLY E 155 -10.18 -21.42 -29.89
CA GLY E 155 -10.51 -21.71 -28.52
C GLY E 155 -9.37 -21.38 -27.56
N ILE E 156 -8.15 -21.69 -27.97
CA ILE E 156 -6.98 -21.36 -27.18
C ILE E 156 -6.77 -19.85 -27.13
N ALA E 157 -6.86 -19.20 -28.29
CA ALA E 157 -6.69 -17.76 -28.37
C ALA E 157 -7.77 -17.04 -27.56
N ALA E 158 -8.97 -17.59 -27.54
CA ALA E 158 -10.07 -17.03 -26.77
C ALA E 158 -9.74 -16.98 -25.28
N PHE E 159 -9.29 -18.11 -24.74
CA PHE E 159 -8.91 -18.15 -23.33
C PHE E 159 -7.76 -17.19 -23.02
N ARG E 160 -6.75 -17.20 -23.88
CA ARG E 160 -5.57 -16.36 -23.68
C ARG E 160 -5.92 -14.88 -23.73
N HIS E 161 -6.84 -14.52 -24.61
CA HIS E 161 -7.23 -13.12 -24.75
C HIS E 161 -8.03 -12.66 -23.53
N ILE E 162 -8.99 -13.47 -23.12
CA ILE E 162 -9.82 -13.15 -21.97
C ILE E 162 -8.99 -13.13 -20.69
N ARG E 163 -8.09 -14.11 -20.54
CA ARG E 163 -7.19 -14.15 -19.40
C ARG E 163 -6.35 -12.88 -19.28
N ASP E 164 -5.81 -12.44 -20.42
CA ASP E 164 -4.93 -11.27 -20.43
C ASP E 164 -5.71 -9.96 -20.44
N ASN E 165 -7.04 -10.05 -20.54
CA ASN E 165 -7.91 -8.88 -20.49
C ASN E 165 -9.13 -9.14 -19.62
N ALA E 166 -8.90 -9.78 -18.47
CA ALA E 166 -9.99 -10.25 -17.62
C ALA E 166 -10.95 -9.14 -17.21
N GLU E 167 -10.41 -8.02 -16.76
CA GLU E 167 -11.24 -6.91 -16.30
C GLU E 167 -12.12 -6.36 -17.41
N SER E 168 -11.59 -6.36 -18.63
CA SER E 168 -12.33 -5.93 -19.81
C SER E 168 -13.53 -6.84 -20.08
N PHE E 169 -13.42 -8.09 -19.66
CA PHE E 169 -14.51 -9.05 -19.82
C PHE E 169 -15.25 -9.27 -18.50
N GLY E 170 -14.95 -8.44 -17.50
CA GLY E 170 -15.59 -8.51 -16.21
C GLY E 170 -15.32 -9.81 -15.48
N ALA E 171 -14.14 -10.38 -15.73
CA ALA E 171 -13.80 -11.68 -15.15
C ALA E 171 -12.75 -11.57 -14.05
N ASP E 172 -12.94 -12.37 -13.00
CA ASP E 172 -11.95 -12.55 -11.95
C ASP E 172 -10.87 -13.49 -12.47
N ALA E 173 -9.69 -12.94 -12.73
CA ALA E 173 -8.61 -13.68 -13.37
C ALA E 173 -8.12 -14.86 -12.52
N ALA E 174 -8.43 -14.83 -11.23
CA ALA E 174 -8.05 -15.91 -10.33
C ALA E 174 -9.04 -17.07 -10.43
N ARG E 175 -10.22 -16.80 -10.94
CA ARG E 175 -11.25 -17.84 -11.06
C ARG E 175 -11.79 -17.90 -12.48
N LEU E 176 -10.90 -18.18 -13.43
CA LEU E 176 -11.25 -18.26 -14.84
C LEU E 176 -11.22 -19.71 -15.32
N ALA E 177 -12.40 -20.25 -15.63
CA ALA E 177 -12.53 -21.64 -16.05
C ALA E 177 -12.80 -21.78 -17.55
N VAL E 178 -12.56 -22.97 -18.07
CA VAL E 178 -12.98 -23.30 -19.43
C VAL E 178 -13.86 -24.54 -19.39
N GLY E 179 -14.69 -24.71 -20.42
CA GLY E 179 -15.58 -25.85 -20.46
C GLY E 179 -16.34 -25.92 -21.75
N GLY E 180 -17.06 -27.02 -21.96
CA GLY E 180 -17.83 -27.20 -23.17
C GLY E 180 -18.37 -28.60 -23.31
N ASP E 181 -19.23 -28.80 -24.30
CA ASP E 181 -19.85 -30.10 -24.53
C ASP E 181 -19.32 -30.74 -25.80
N ALA E 182 -19.04 -32.04 -25.73
CA ALA E 182 -18.61 -32.82 -26.88
C ALA E 182 -17.33 -32.25 -27.50
N ALA E 183 -17.44 -31.76 -28.73
CA ALA E 183 -16.32 -31.09 -29.40
C ALA E 183 -15.80 -29.94 -28.56
N GLY E 184 -16.73 -29.22 -27.93
CA GLY E 184 -16.39 -28.11 -27.05
C GLY E 184 -15.70 -28.59 -25.78
N GLY E 185 -16.07 -29.78 -25.31
CA GLY E 185 -15.40 -30.40 -24.19
C GLY E 185 -13.97 -30.75 -24.56
N ALA E 186 -13.81 -31.33 -25.74
CA ALA E 186 -12.48 -31.61 -26.28
C ALA E 186 -11.65 -30.33 -26.34
N MET E 187 -12.25 -29.27 -26.85
CA MET E 187 -11.57 -27.98 -26.97
C MET E 187 -11.07 -27.50 -25.61
N ALA E 188 -11.93 -27.59 -24.60
CA ALA E 188 -11.58 -27.13 -23.25
C ALA E 188 -10.41 -27.92 -22.68
N ALA E 189 -10.44 -29.24 -22.87
CA ALA E 189 -9.36 -30.10 -22.36
C ALA E 189 -8.03 -29.78 -23.03
N VAL E 190 -8.07 -29.51 -24.34
CA VAL E 190 -6.86 -29.20 -25.08
C VAL E 190 -6.31 -27.83 -24.68
N VAL E 191 -7.20 -26.88 -24.43
CA VAL E 191 -6.78 -25.55 -23.98
C VAL E 191 -5.95 -25.64 -22.71
N CYS E 192 -6.39 -26.49 -21.77
CA CYS E 192 -5.67 -26.69 -20.53
C CYS E 192 -4.29 -27.31 -20.79
N GLN E 193 -4.24 -28.33 -21.62
CA GLN E 193 -2.97 -28.97 -21.96
C GLN E 193 -2.04 -28.00 -22.68
N ALA E 194 -2.59 -27.22 -23.60
CA ALA E 194 -1.80 -26.26 -24.36
C ALA E 194 -1.11 -25.25 -23.44
N CYS E 195 -1.87 -24.66 -22.54
CA CYS E 195 -1.32 -23.70 -21.59
C CYS E 195 -0.31 -24.36 -20.67
N ARG E 196 -0.61 -25.59 -20.27
CA ARG E 196 0.29 -26.38 -19.43
C ARG E 196 1.61 -26.63 -20.16
N ASP E 197 1.51 -27.16 -21.38
CA ASP E 197 2.70 -27.49 -22.16
C ASP E 197 3.52 -26.25 -22.53
N ALA E 198 2.86 -25.10 -22.61
CA ALA E 198 3.54 -23.86 -22.96
C ALA E 198 4.18 -23.21 -21.74
N GLY E 199 3.87 -23.74 -20.56
CA GLY E 199 4.41 -23.22 -19.33
C GLY E 199 3.79 -21.89 -18.91
N GLU E 200 2.57 -21.65 -19.34
CA GLU E 200 1.88 -20.40 -19.01
C GLU E 200 0.68 -20.65 -18.12
N THR E 201 0.12 -19.55 -17.59
CA THR E 201 -1.03 -19.63 -16.70
C THR E 201 -2.27 -20.13 -17.43
N GLY E 202 -2.79 -21.27 -16.96
CA GLY E 202 -3.95 -21.87 -17.58
C GLY E 202 -5.21 -21.65 -16.78
N PRO E 203 -6.32 -22.24 -17.23
CA PRO E 203 -7.63 -22.14 -16.57
C PRO E 203 -7.56 -22.64 -15.12
N ALA E 204 -8.49 -22.19 -14.27
CA ALA E 204 -8.51 -22.62 -12.88
C ALA E 204 -9.41 -23.85 -12.70
N PHE E 205 -10.16 -24.17 -13.75
CA PHE E 205 -11.17 -25.22 -13.68
C PHE E 205 -11.57 -25.63 -15.09
N GLN E 206 -11.88 -26.90 -15.29
CA GLN E 206 -12.33 -27.37 -16.59
C GLN E 206 -13.61 -28.20 -16.48
N MET E 207 -14.65 -27.76 -17.18
CA MET E 207 -15.92 -28.46 -17.20
C MET E 207 -16.09 -29.23 -18.50
N LEU E 208 -15.84 -30.53 -18.44
CA LEU E 208 -15.89 -31.38 -19.63
C LEU E 208 -17.19 -32.16 -19.70
N ILE E 209 -18.09 -31.71 -20.58
CA ILE E 209 -19.38 -32.37 -20.78
C ILE E 209 -19.33 -33.31 -21.97
N TYR E 210 -19.50 -34.59 -21.70
CA TYR E 210 -19.24 -35.70 -22.63
C TYR E 210 -18.29 -35.35 -23.78
N PRO E 211 -17.03 -35.06 -23.45
CA PRO E 211 -16.05 -34.66 -24.46
C PRO E 211 -15.57 -35.82 -25.32
N ALA E 212 -15.02 -35.49 -26.49
CA ALA E 212 -14.27 -36.45 -27.28
C ALA E 212 -12.81 -36.30 -26.87
N THR E 213 -12.18 -37.41 -26.50
CA THR E 213 -10.82 -37.33 -25.96
C THR E 213 -9.82 -38.17 -26.75
N ASP E 214 -10.33 -39.04 -27.61
CA ASP E 214 -9.45 -39.96 -28.32
C ASP E 214 -9.96 -40.26 -29.73
N SER E 215 -9.18 -39.84 -30.72
CA SER E 215 -9.51 -40.08 -32.12
C SER E 215 -8.65 -41.19 -32.71
N SER E 216 -7.85 -41.83 -31.87
CA SER E 216 -6.92 -42.85 -32.34
C SER E 216 -7.49 -44.27 -32.24
N ARG E 217 -8.45 -44.51 -31.33
CA ARG E 217 -9.02 -45.80 -30.97
C ARG E 217 -10.51 -45.88 -30.83
N GLU E 218 -11.11 -46.95 -31.22
CA GLU E 218 -12.55 -47.10 -31.06
C GLU E 218 -12.85 -47.93 -29.81
N SER E 219 -13.33 -47.26 -28.76
CA SER E 219 -13.64 -47.90 -27.49
C SER E 219 -14.83 -48.83 -27.60
N ALA E 220 -15.13 -49.52 -26.51
CA ALA E 220 -16.28 -50.42 -26.46
C ALA E 220 -17.59 -49.65 -26.62
N SER E 221 -17.67 -48.47 -26.02
CA SER E 221 -18.88 -47.65 -26.12
C SER E 221 -19.05 -47.14 -27.55
N ARG E 222 -17.94 -46.75 -28.17
CA ARG E 222 -17.94 -46.33 -29.57
C ARG E 222 -18.52 -47.42 -30.47
N VAL E 223 -18.24 -48.68 -30.13
CA VAL E 223 -18.76 -49.82 -30.87
C VAL E 223 -20.21 -50.09 -30.51
N ALA E 224 -20.50 -50.16 -29.22
CA ALA E 224 -21.83 -50.55 -28.74
C ALA E 224 -22.91 -49.55 -29.15
N PHE E 225 -22.58 -48.27 -29.12
CA PHE E 225 -23.57 -47.23 -29.37
C PHE E 225 -23.31 -46.51 -30.70
N ALA E 226 -22.77 -47.25 -31.66
CA ALA E 226 -22.45 -46.70 -32.97
C ALA E 226 -23.68 -46.33 -33.76
N GLU E 227 -24.80 -47.01 -33.49
CA GLU E 227 -26.05 -46.75 -34.20
C GLU E 227 -27.25 -46.70 -33.26
N GLY E 228 -28.18 -45.78 -33.53
CA GLY E 228 -29.46 -45.77 -32.85
C GLY E 228 -29.58 -44.85 -31.64
N TYR E 229 -28.50 -44.17 -31.28
CA TYR E 229 -28.52 -43.31 -30.11
C TYR E 229 -28.09 -41.89 -30.44
N PHE E 230 -28.83 -41.26 -31.36
CA PHE E 230 -28.62 -39.87 -31.79
C PHE E 230 -27.27 -39.52 -32.41
N LEU E 231 -26.21 -39.59 -31.63
CA LEU E 231 -24.85 -39.49 -32.15
C LEU E 231 -24.42 -40.85 -32.70
N SER E 232 -24.22 -40.92 -34.01
CA SER E 232 -23.90 -42.18 -34.67
C SER E 232 -22.50 -42.20 -35.25
N LYS E 233 -22.03 -43.40 -35.58
CA LYS E 233 -20.74 -43.58 -36.24
C LYS E 233 -20.71 -42.86 -37.59
N ALA E 234 -21.81 -42.99 -38.33
CA ALA E 234 -21.94 -42.35 -39.63
C ALA E 234 -21.85 -40.83 -39.52
N LEU E 235 -22.47 -40.28 -38.48
CA LEU E 235 -22.45 -38.83 -38.28
C LEU E 235 -21.06 -38.37 -37.85
N MET E 236 -20.39 -39.16 -37.02
CA MET E 236 -19.04 -38.83 -36.58
C MET E 236 -18.06 -38.83 -37.75
N ASP E 237 -18.21 -39.79 -38.65
CA ASP E 237 -17.40 -39.84 -39.87
C ASP E 237 -17.69 -38.65 -40.76
N TRP E 238 -18.92 -38.16 -40.69
CA TRP E 238 -19.35 -36.98 -41.45
C TRP E 238 -18.72 -35.73 -40.87
N PHE E 239 -18.70 -35.64 -39.54
CA PHE E 239 -18.00 -34.58 -38.84
C PHE E 239 -16.51 -34.63 -39.17
N TRP E 240 -15.98 -35.85 -39.14
CA TRP E 240 -14.55 -36.09 -39.32
C TRP E 240 -14.03 -35.63 -40.68
N GLU E 241 -14.76 -36.00 -41.73
CA GLU E 241 -14.37 -35.68 -43.10
C GLU E 241 -14.18 -34.17 -43.29
N ALA E 242 -14.99 -33.37 -42.62
CA ALA E 242 -14.87 -31.92 -42.71
C ALA E 242 -13.78 -31.37 -41.81
N TYR E 243 -13.67 -31.93 -40.61
CA TYR E 243 -12.79 -31.38 -39.57
C TYR E 243 -11.32 -31.58 -39.86
N VAL E 244 -11.00 -32.83 -40.16
CA VAL E 244 -9.66 -33.34 -40.33
C VAL E 244 -9.23 -33.58 -41.77
N PRO E 245 -8.14 -32.93 -42.12
CA PRO E 245 -7.53 -33.09 -43.44
C PRO E 245 -6.94 -34.49 -43.49
N GLU E 246 -6.88 -35.10 -44.67
CA GLU E 246 -6.35 -36.46 -44.78
C GLU E 246 -4.88 -36.57 -44.40
N ASP E 247 -4.53 -37.69 -43.76
CA ASP E 247 -3.16 -37.97 -43.35
C ASP E 247 -2.70 -37.41 -42.00
N THR E 248 -3.59 -36.81 -41.22
CA THR E 248 -3.18 -36.27 -39.95
C THR E 248 -2.98 -37.39 -38.94
N ASP E 249 -1.95 -37.29 -38.12
CA ASP E 249 -1.66 -38.22 -37.05
C ASP E 249 -2.83 -38.23 -36.08
N LEU E 250 -3.50 -39.38 -35.99
CA LEU E 250 -4.64 -39.54 -35.10
C LEU E 250 -4.21 -39.42 -33.64
N THR E 251 -2.91 -39.57 -33.40
CA THR E 251 -2.38 -39.49 -32.05
C THR E 251 -1.99 -38.06 -31.66
N ASP E 252 -2.25 -37.10 -32.54
CA ASP E 252 -2.03 -35.70 -32.24
C ASP E 252 -2.84 -35.31 -31.02
N LEU E 253 -2.20 -34.70 -30.03
CA LEU E 253 -2.82 -34.43 -28.74
C LEU E 253 -3.96 -33.41 -28.83
N ARG E 254 -4.04 -32.68 -29.94
CA ARG E 254 -5.14 -31.75 -30.15
C ARG E 254 -6.38 -32.50 -30.66
N LEU E 255 -6.14 -33.66 -31.27
CA LEU E 255 -7.21 -34.53 -31.72
C LEU E 255 -7.55 -35.58 -30.66
N SER E 256 -6.53 -35.99 -29.92
CA SER E 256 -6.67 -37.05 -28.93
C SER E 256 -5.95 -36.70 -27.62
N PRO E 257 -6.49 -35.74 -26.85
CA PRO E 257 -5.86 -35.29 -25.62
C PRO E 257 -5.74 -36.39 -24.56
N LEU E 258 -6.52 -37.45 -24.70
CA LEU E 258 -6.42 -38.59 -23.79
C LEU E 258 -5.04 -39.23 -23.86
N LEU E 259 -4.39 -39.13 -25.02
CA LEU E 259 -3.11 -39.80 -25.23
C LEU E 259 -1.93 -39.04 -24.62
N ALA E 260 -2.23 -37.96 -23.90
CA ALA E 260 -1.19 -37.17 -23.25
C ALA E 260 -0.39 -38.03 -22.28
N THR E 261 0.93 -37.81 -22.25
CA THR E 261 1.80 -38.59 -21.36
C THR E 261 1.86 -37.97 -19.98
N ASP E 262 1.38 -36.73 -19.86
CA ASP E 262 1.42 -36.01 -18.60
C ASP E 262 0.08 -35.35 -18.30
N PHE E 263 -0.49 -35.66 -17.15
CA PHE E 263 -1.76 -35.07 -16.73
C PHE E 263 -1.63 -34.17 -15.50
N THR E 264 -0.41 -34.07 -14.97
CA THR E 264 -0.15 -33.19 -13.84
C THR E 264 -0.15 -31.74 -14.28
N GLY E 265 -0.49 -30.83 -13.38
CA GLY E 265 -0.50 -29.42 -13.69
C GLY E 265 -1.78 -28.94 -14.36
N LEU E 266 -2.66 -29.89 -14.68
CA LEU E 266 -3.96 -29.55 -15.25
C LEU E 266 -4.91 -29.13 -14.12
N PRO E 267 -5.87 -28.24 -14.43
CA PRO E 267 -6.75 -27.70 -13.39
C PRO E 267 -7.80 -28.69 -12.89
N PRO E 268 -8.38 -28.43 -11.70
CA PRO E 268 -9.51 -29.22 -11.19
C PRO E 268 -10.59 -29.38 -12.24
N ALA E 269 -11.22 -30.56 -12.28
CA ALA E 269 -12.09 -30.89 -13.40
C ALA E 269 -13.45 -31.41 -12.98
N PHE E 270 -14.44 -31.14 -13.82
CA PHE E 270 -15.73 -31.81 -13.77
C PHE E 270 -15.92 -32.54 -15.09
N VAL E 271 -16.07 -33.85 -15.03
CA VAL E 271 -16.23 -34.64 -16.25
C VAL E 271 -17.55 -35.38 -16.21
N LEU E 272 -18.38 -35.16 -17.24
CA LEU E 272 -19.68 -35.81 -17.31
C LEU E 272 -19.76 -36.72 -18.53
N THR E 273 -20.36 -37.89 -18.37
CA THR E 273 -20.64 -38.76 -19.50
C THR E 273 -22.10 -39.16 -19.50
N ALA E 274 -22.60 -39.59 -20.65
CA ALA E 274 -23.94 -40.16 -20.76
C ALA E 274 -23.84 -41.66 -20.99
N GLY E 275 -24.79 -42.41 -20.43
CA GLY E 275 -24.75 -43.86 -20.46
C GLY E 275 -24.76 -44.52 -21.82
N TYR E 276 -25.43 -43.90 -22.78
CA TYR E 276 -25.55 -44.48 -24.12
C TYR E 276 -24.76 -43.66 -25.15
N ASP E 277 -23.78 -42.91 -24.66
CA ASP E 277 -22.92 -42.09 -25.51
C ASP E 277 -21.75 -42.91 -26.02
N PRO E 278 -21.51 -42.89 -27.34
CA PRO E 278 -20.29 -43.48 -27.91
C PRO E 278 -19.02 -42.97 -27.23
N LEU E 279 -19.03 -41.71 -26.81
CA LEU E 279 -17.85 -41.09 -26.19
C LEU E 279 -17.72 -41.39 -24.70
N ARG E 280 -18.65 -42.17 -24.15
CA ARG E 280 -18.69 -42.45 -22.71
C ARG E 280 -17.37 -42.95 -22.16
N ASP E 281 -16.89 -44.07 -22.69
CA ASP E 281 -15.69 -44.72 -22.18
C ASP E 281 -14.46 -43.80 -22.18
N GLU E 282 -14.23 -43.09 -23.29
CA GLU E 282 -13.06 -42.24 -23.38
C GLU E 282 -13.22 -40.99 -22.51
N GLY E 283 -14.46 -40.58 -22.29
CA GLY E 283 -14.74 -39.51 -21.36
C GLY E 283 -14.35 -39.92 -19.95
N ARG E 284 -14.79 -41.10 -19.54
CA ARG E 284 -14.45 -41.61 -18.22
C ARG E 284 -12.95 -41.88 -18.10
N ALA E 285 -12.34 -42.33 -19.20
CA ALA E 285 -10.91 -42.61 -19.21
C ALA E 285 -10.11 -41.34 -18.91
N TYR E 286 -10.55 -40.21 -19.45
CA TYR E 286 -9.87 -38.94 -19.21
C TYR E 286 -9.95 -38.57 -17.74
N ALA E 287 -11.13 -38.73 -17.14
CA ALA E 287 -11.30 -38.47 -15.72
C ALA E 287 -10.35 -39.34 -14.90
N ASP E 288 -10.25 -40.62 -15.29
CA ASP E 288 -9.37 -41.55 -14.59
C ASP E 288 -7.91 -41.09 -14.60
N ARG E 289 -7.44 -40.58 -15.74
CA ARG E 289 -6.07 -40.11 -15.87
C ARG E 289 -5.81 -38.92 -14.95
N LEU E 290 -6.76 -37.98 -14.94
CA LEU E 290 -6.70 -36.84 -14.04
C LEU E 290 -6.63 -37.30 -12.58
N ILE E 291 -7.49 -38.25 -12.22
CA ILE E 291 -7.53 -38.76 -10.84
C ILE E 291 -6.19 -39.39 -10.45
N GLU E 292 -5.69 -40.28 -11.30
CA GLU E 292 -4.42 -40.96 -11.04
C GLU E 292 -3.25 -39.98 -10.97
N ALA E 293 -3.35 -38.89 -11.72
CA ALA E 293 -2.29 -37.89 -11.75
C ALA E 293 -2.35 -36.96 -10.54
N GLY E 294 -3.37 -37.13 -9.70
CA GLY E 294 -3.47 -36.38 -8.47
C GLY E 294 -4.18 -35.05 -8.62
N ILE E 295 -5.02 -34.94 -9.65
CA ILE E 295 -5.82 -33.74 -9.88
C ILE E 295 -7.18 -33.90 -9.21
N LYS E 296 -7.67 -32.84 -8.57
CA LYS E 296 -9.01 -32.86 -8.03
C LYS E 296 -10.00 -33.03 -9.18
N THR E 297 -10.71 -34.14 -9.18
CA THR E 297 -11.54 -34.51 -10.31
C THR E 297 -12.90 -35.02 -9.85
N THR E 298 -13.95 -34.44 -10.42
CA THR E 298 -15.30 -34.88 -10.19
C THR E 298 -15.83 -35.55 -11.45
N TYR E 299 -16.16 -36.84 -11.35
CA TYR E 299 -16.72 -37.57 -12.48
C TYR E 299 -18.14 -38.01 -12.19
N VAL E 300 -19.02 -37.83 -13.16
CA VAL E 300 -20.38 -38.35 -13.05
C VAL E 300 -20.84 -38.96 -14.37
N ASN E 301 -21.52 -40.09 -14.28
CA ASN E 301 -22.16 -40.69 -15.45
C ASN E 301 -23.67 -40.63 -15.31
N TYR E 302 -24.33 -40.14 -16.36
CA TYR E 302 -25.78 -40.12 -16.41
C TYR E 302 -26.28 -41.29 -17.27
N PRO E 303 -26.69 -42.39 -16.62
CA PRO E 303 -27.16 -43.56 -17.35
C PRO E 303 -28.53 -43.33 -17.98
N GLY E 304 -28.87 -44.11 -19.00
CA GLY E 304 -30.19 -44.05 -19.59
C GLY E 304 -30.49 -42.81 -20.42
N THR E 305 -29.47 -42.01 -20.69
CA THR E 305 -29.63 -40.85 -21.56
C THR E 305 -28.57 -40.85 -22.65
N ILE E 306 -28.66 -39.90 -23.58
CA ILE E 306 -27.83 -39.92 -24.79
C ILE E 306 -26.89 -38.74 -24.90
N HIS E 307 -26.01 -38.82 -25.87
CA HIS E 307 -25.12 -37.75 -26.17
C HIS E 307 -25.99 -36.58 -26.59
N GLY E 308 -25.65 -35.36 -26.18
CA GLY E 308 -26.41 -34.18 -26.54
C GLY E 308 -27.45 -33.73 -25.52
N PHE E 309 -27.73 -34.58 -24.53
CA PHE E 309 -28.82 -34.31 -23.60
C PHE E 309 -28.61 -33.05 -22.76
N PHE E 310 -27.34 -32.64 -22.62
CA PHE E 310 -26.98 -31.46 -21.85
C PHE E 310 -27.60 -30.18 -22.42
N SER E 311 -27.95 -30.21 -23.71
CA SER E 311 -28.52 -29.04 -24.36
C SER E 311 -29.85 -29.35 -25.07
N LEU E 312 -30.26 -30.62 -25.06
CA LEU E 312 -31.57 -31.00 -25.58
C LEU E 312 -32.62 -30.92 -24.47
N THR E 313 -32.59 -29.81 -23.73
CA THR E 313 -33.34 -29.71 -22.48
C THR E 313 -34.82 -29.33 -22.64
N ARG E 314 -35.29 -29.25 -23.89
CA ARG E 314 -36.72 -29.12 -24.12
C ARG E 314 -37.37 -30.50 -24.07
N PHE E 315 -36.58 -31.53 -24.38
CA PHE E 315 -37.09 -32.89 -24.47
C PHE E 315 -36.61 -33.78 -23.32
N LEU E 316 -35.41 -33.48 -22.81
CA LEU E 316 -34.79 -34.32 -21.80
C LEU E 316 -34.53 -33.54 -20.51
N SER E 317 -35.34 -33.81 -19.48
CA SER E 317 -35.19 -33.12 -18.21
C SER E 317 -33.88 -33.49 -17.52
N GLN E 318 -33.33 -34.67 -17.86
CA GLN E 318 -32.03 -35.08 -17.32
C GLN E 318 -30.96 -34.05 -17.67
N GLY E 319 -31.12 -33.38 -18.81
CA GLY E 319 -30.19 -32.34 -19.23
C GLY E 319 -30.21 -31.14 -18.31
N LEU E 320 -31.40 -30.79 -17.82
CA LEU E 320 -31.52 -29.71 -16.86
C LEU E 320 -30.85 -30.08 -15.55
N LYS E 321 -31.02 -31.33 -15.13
CA LYS E 321 -30.38 -31.82 -13.92
C LYS E 321 -28.87 -31.86 -14.10
N ALA E 322 -28.42 -32.19 -15.31
CA ALA E 322 -27.00 -32.18 -15.64
C ALA E 322 -26.45 -30.76 -15.66
N ASN E 323 -27.22 -29.83 -16.21
CA ASN E 323 -26.85 -28.41 -16.17
C ASN E 323 -26.60 -27.98 -14.74
N ASP E 324 -27.56 -28.32 -13.88
CA ASP E 324 -27.52 -27.87 -12.50
C ASP E 324 -26.34 -28.48 -11.75
N GLU E 325 -26.10 -29.78 -11.93
CA GLU E 325 -24.99 -30.41 -11.23
C GLU E 325 -23.65 -29.85 -11.66
N ALA E 326 -23.45 -29.68 -12.97
CA ALA E 326 -22.23 -29.06 -13.47
C ALA E 326 -22.05 -27.68 -12.87
N ALA E 327 -23.09 -26.85 -12.93
CA ALA E 327 -23.03 -25.49 -12.40
C ALA E 327 -22.80 -25.47 -10.89
N ALA E 328 -23.44 -26.38 -10.18
CA ALA E 328 -23.32 -26.46 -8.73
C ALA E 328 -21.89 -26.83 -8.31
N VAL E 329 -21.28 -27.75 -9.04
CA VAL E 329 -19.93 -28.18 -8.73
C VAL E 329 -18.92 -27.07 -9.00
N MET E 330 -19.07 -26.37 -10.13
CA MET E 330 -18.19 -25.25 -10.44
C MET E 330 -18.38 -24.11 -9.44
N GLY E 331 -19.64 -23.80 -9.15
CA GLY E 331 -19.96 -22.77 -8.18
C GLY E 331 -19.38 -23.06 -6.80
N ALA E 332 -19.47 -24.32 -6.39
CA ALA E 332 -18.92 -24.73 -5.10
C ALA E 332 -17.40 -24.66 -5.11
N HIS E 333 -16.79 -24.98 -6.24
CA HIS E 333 -15.34 -24.93 -6.35
C HIS E 333 -14.84 -23.50 -6.25
N PHE E 334 -15.58 -22.57 -6.85
CA PHE E 334 -15.20 -21.17 -6.86
C PHE E 334 -15.71 -20.40 -5.63
N GLY E 335 -16.50 -21.08 -4.81
CA GLY E 335 -17.03 -20.47 -3.59
C GLY E 335 -18.03 -19.36 -3.84
N THR E 336 -18.97 -19.60 -4.74
CA THR E 336 -19.99 -18.60 -5.05
C THR E 336 -21.26 -18.83 -4.24
N GLN F 20 36.70 19.68 29.56
CA GLN F 20 37.11 18.34 29.20
C GLN F 20 37.97 18.35 27.94
N GLY F 21 38.01 17.22 27.24
CA GLY F 21 38.84 17.09 26.06
C GLY F 21 38.32 17.83 24.84
N MET F 22 37.00 17.86 24.68
CA MET F 22 36.38 18.51 23.53
C MET F 22 36.38 20.02 23.66
N LEU F 23 36.73 20.50 24.84
CA LEU F 23 36.75 21.93 25.13
C LEU F 23 37.75 22.66 24.22
N LEU F 24 37.26 23.66 23.49
CA LEU F 24 38.11 24.44 22.60
C LEU F 24 39.11 25.26 23.39
N PRO F 25 40.30 25.49 22.82
CA PRO F 25 41.35 26.28 23.47
C PRO F 25 40.88 27.66 23.94
N GLU F 26 40.13 28.37 23.11
CA GLU F 26 39.62 29.69 23.49
C GLU F 26 38.62 29.58 24.64
N THR F 27 37.91 28.46 24.70
CA THR F 27 36.93 28.24 25.76
C THR F 27 37.62 27.98 27.08
N ARG F 28 38.66 27.15 27.04
CA ARG F 28 39.43 26.81 28.22
C ARG F 28 40.21 28.02 28.72
N ASN F 29 40.61 28.88 27.80
CA ASN F 29 41.31 30.12 28.15
C ASN F 29 40.44 31.06 28.97
N LEU F 30 39.20 31.23 28.53
CA LEU F 30 38.26 32.10 29.22
C LEU F 30 37.89 31.55 30.59
N LEU F 31 37.63 30.24 30.64
CA LEU F 31 37.29 29.58 31.90
C LEU F 31 38.44 29.67 32.90
N ASP F 32 39.67 29.60 32.39
CA ASP F 32 40.85 29.74 33.23
C ASP F 32 40.97 31.16 33.77
N LEU F 33 40.65 32.14 32.92
CA LEU F 33 40.67 33.54 33.33
C LEU F 33 39.67 33.81 34.43
N MET F 34 38.47 33.27 34.29
CA MET F 34 37.42 33.43 35.28
C MET F 34 37.81 32.80 36.61
N ASP F 35 38.29 31.56 36.56
CA ASP F 35 38.67 30.85 37.77
C ASP F 35 39.92 31.44 38.41
N ALA F 36 40.76 32.10 37.60
CA ALA F 36 41.94 32.75 38.13
C ALA F 36 41.58 34.00 38.92
N ALA F 37 40.55 34.71 38.46
CA ALA F 37 40.13 35.96 39.09
C ALA F 37 39.35 35.73 40.39
N THR F 38 38.63 34.62 40.47
CA THR F 38 37.86 34.31 41.67
C THR F 38 38.80 33.92 42.80
N ARG F 39 39.81 33.12 42.48
CA ARG F 39 40.86 32.79 43.43
C ARG F 39 41.67 34.05 43.72
N GLY F 40 41.73 34.94 42.73
CA GLY F 40 42.33 36.25 42.90
C GLY F 40 41.56 37.09 43.89
N GLY F 41 40.29 36.75 44.10
CA GLY F 41 39.50 37.40 45.13
C GLY F 41 38.14 37.94 44.71
N ARG F 42 37.84 37.90 43.42
CA ARG F 42 36.57 38.39 42.92
C ARG F 42 35.44 37.53 43.45
N PRO F 43 34.38 38.13 43.95
CA PRO F 43 33.29 37.33 44.49
C PRO F 43 32.41 36.75 43.40
N ARG F 44 31.92 35.53 43.61
CA ARG F 44 30.98 34.92 42.69
C ARG F 44 29.68 35.72 42.70
N LEU F 45 28.98 35.69 41.57
CA LEU F 45 27.75 36.47 41.41
C LEU F 45 26.66 36.01 42.38
N GLU F 46 26.63 34.71 42.68
CA GLU F 46 25.58 34.14 43.51
C GLU F 46 25.76 34.47 45.00
N THR F 47 26.91 35.04 45.35
CA THR F 47 27.17 35.41 46.74
C THR F 47 26.81 36.87 46.99
N LEU F 48 26.19 37.48 46.00
CA LEU F 48 25.82 38.90 46.06
C LEU F 48 24.31 39.06 46.07
N PRO F 49 23.81 40.18 46.64
CA PRO F 49 22.40 40.52 46.46
C PRO F 49 22.14 40.85 44.98
N HIS F 50 20.96 40.52 44.50
CA HIS F 50 20.66 40.57 43.06
C HIS F 50 20.90 41.95 42.44
N ALA F 51 20.38 42.99 43.08
CA ALA F 51 20.52 44.35 42.58
C ALA F 51 21.97 44.78 42.51
N VAL F 52 22.75 44.41 43.52
CA VAL F 52 24.16 44.77 43.58
C VAL F 52 24.97 44.01 42.53
N GLY F 53 24.75 42.70 42.45
CA GLY F 53 25.44 41.87 41.48
C GLY F 53 25.15 42.28 40.05
N ARG F 54 23.95 42.80 39.82
CA ARG F 54 23.53 43.22 38.49
C ARG F 54 24.44 44.31 37.93
N LYS F 55 24.73 45.32 38.75
CA LYS F 55 25.54 46.45 38.33
C LYS F 55 26.94 46.02 37.88
N ALA F 56 27.52 45.07 38.62
CA ALA F 56 28.89 44.62 38.36
C ALA F 56 28.97 43.68 37.15
N VAL F 57 28.02 42.76 37.04
CA VAL F 57 28.07 41.77 35.98
C VAL F 57 27.64 42.35 34.64
N ASP F 58 26.87 43.44 34.67
CA ASP F 58 26.38 44.06 33.45
C ASP F 58 27.50 44.78 32.71
N LYS F 59 28.35 45.49 33.45
CA LYS F 59 29.47 46.19 32.83
C LYS F 59 30.45 45.17 32.24
N MET F 60 30.55 44.02 32.90
CA MET F 60 31.39 42.92 32.48
C MET F 60 30.83 42.30 31.17
N SER F 61 29.53 42.14 31.09
CA SER F 61 28.85 41.63 29.91
C SER F 61 29.07 42.58 28.74
N GLU F 62 28.98 43.88 29.01
CA GLU F 62 29.25 44.89 27.99
C GLU F 62 30.68 44.75 27.50
N ASP F 63 31.63 44.67 28.44
CA ASP F 63 33.03 44.51 28.10
C ASP F 63 33.30 43.16 27.43
N GLY F 64 32.43 42.19 27.69
CA GLY F 64 32.60 40.84 27.17
C GLY F 64 32.23 40.70 25.70
N GLU F 65 31.50 41.68 25.18
CA GLU F 65 31.12 41.68 23.76
C GLU F 65 32.29 42.13 22.89
N ALA F 66 32.27 41.70 21.63
CA ALA F 66 33.20 42.23 20.64
C ALA F 66 32.87 43.69 20.39
N ASP F 67 33.81 44.43 19.82
CA ASP F 67 33.57 45.85 19.51
C ASP F 67 32.34 45.99 18.62
N PRO F 68 31.50 47.00 18.93
CA PRO F 68 30.25 47.21 18.20
C PRO F 68 30.46 47.62 16.75
N PRO F 69 29.97 46.82 15.81
CA PRO F 69 30.06 47.19 14.39
C PRO F 69 29.12 48.35 14.07
N GLU F 70 29.48 49.18 13.09
CA GLU F 70 28.62 50.26 12.68
C GLU F 70 27.38 49.69 11.98
N VAL F 71 26.25 50.36 12.19
CA VAL F 71 25.03 50.03 11.46
C VAL F 71 24.51 51.31 10.82
N ALA F 72 23.45 51.20 10.02
CA ALA F 72 22.93 52.35 9.29
C ALA F 72 22.26 53.35 10.23
N GLU F 73 21.57 52.86 11.24
CA GLU F 73 20.84 53.73 12.16
C GLU F 73 20.52 53.02 13.47
N VAL F 74 20.63 53.75 14.58
CA VAL F 74 20.23 53.26 15.88
C VAL F 74 19.17 54.16 16.48
N ALA F 75 18.02 53.59 16.84
CA ALA F 75 16.93 54.36 17.40
C ALA F 75 16.58 53.90 18.82
N ASN F 76 16.43 54.85 19.73
CA ASN F 76 16.03 54.56 21.10
C ASN F 76 14.69 55.18 21.46
N GLY F 77 13.80 54.36 22.02
CA GLY F 77 12.49 54.85 22.43
C GLY F 77 11.84 53.96 23.46
N GLY F 78 10.58 54.25 23.77
CA GLY F 78 9.81 53.45 24.70
C GLY F 78 8.33 53.50 24.38
N PHE F 79 7.59 52.53 24.91
CA PHE F 79 6.14 52.52 24.75
C PHE F 79 5.48 51.98 26.02
N ALA F 80 4.16 52.12 26.10
CA ALA F 80 3.44 51.69 27.29
C ALA F 80 3.30 50.17 27.33
N GLY F 81 3.92 49.56 28.34
CA GLY F 81 3.77 48.13 28.58
C GLY F 81 2.64 47.90 29.57
N PRO F 82 2.44 46.64 29.98
CA PRO F 82 1.36 46.26 30.90
C PRO F 82 1.40 47.00 32.24
N ALA F 83 2.58 47.14 32.84
CA ALA F 83 2.68 47.75 34.16
C ALA F 83 3.81 48.78 34.24
N SER F 84 4.42 49.07 33.11
CA SER F 84 5.54 50.01 33.07
C SER F 84 5.86 50.42 31.63
N GLU F 85 6.78 51.37 31.49
CA GLU F 85 7.27 51.73 30.18
C GLU F 85 8.28 50.70 29.71
N ILE F 86 8.12 50.23 28.47
CA ILE F 86 9.06 49.27 27.91
C ILE F 86 9.99 49.96 26.91
N ARG F 87 11.27 50.06 27.28
CA ARG F 87 12.28 50.66 26.42
C ARG F 87 12.72 49.69 25.33
N PHE F 88 13.03 50.23 24.15
CA PHE F 88 13.54 49.40 23.06
C PHE F 88 14.66 50.12 22.32
N ARG F 89 15.45 49.34 21.60
CA ARG F 89 16.47 49.90 20.71
C ARG F 89 16.39 49.23 19.35
N ARG F 90 16.24 50.06 18.31
CA ARG F 90 16.15 49.57 16.94
C ARG F 90 17.49 49.69 16.23
N TYR F 91 17.84 48.64 15.48
CA TYR F 91 19.07 48.63 14.71
C TYR F 91 18.75 48.44 13.22
N ARG F 92 19.08 49.45 12.42
CA ARG F 92 18.92 49.34 10.97
C ARG F 92 20.23 48.87 10.33
N PRO F 93 20.18 47.74 9.60
CA PRO F 93 21.36 47.13 8.99
C PRO F 93 21.98 47.99 7.88
N LEU F 94 23.28 47.88 7.72
CA LEU F 94 23.98 48.59 6.65
C LEU F 94 23.54 48.10 5.28
N GLY F 95 23.32 49.03 4.36
CA GLY F 95 23.03 48.68 2.97
C GLY F 95 21.58 48.41 2.65
N GLU F 96 20.70 48.49 3.65
CA GLU F 96 19.28 48.28 3.42
C GLU F 96 18.53 49.61 3.47
N ALA F 97 18.02 50.04 2.32
CA ALA F 97 17.39 51.35 2.20
C ALA F 97 15.86 51.27 2.20
N ALA F 98 15.32 50.06 2.29
CA ALA F 98 13.88 49.87 2.31
C ALA F 98 13.27 50.47 3.57
N GLY F 99 12.03 50.93 3.47
CA GLY F 99 11.35 51.53 4.59
C GLY F 99 10.96 50.50 5.64
N LEU F 100 10.16 49.52 5.22
CA LEU F 100 9.76 48.45 6.10
C LEU F 100 10.65 47.24 5.90
N LEU F 101 11.43 46.91 6.93
CA LEU F 101 12.38 45.79 6.84
C LEU F 101 11.85 44.56 7.58
N PRO F 102 12.25 43.37 7.13
CA PRO F 102 12.05 42.18 7.95
C PRO F 102 12.76 42.41 9.29
N THR F 103 12.10 42.07 10.39
CA THR F 103 12.58 42.53 11.69
C THR F 103 12.61 41.43 12.74
N LEU F 104 13.73 41.37 13.47
CA LEU F 104 13.88 40.45 14.59
C LEU F 104 13.71 41.17 15.91
N ILE F 105 12.65 40.84 16.63
CA ILE F 105 12.47 41.33 18.01
C ILE F 105 13.32 40.47 18.93
N TYR F 106 14.28 41.09 19.61
CA TYR F 106 15.27 40.36 20.39
C TYR F 106 15.12 40.56 21.90
N TYR F 107 15.22 39.46 22.65
CA TYR F 107 15.20 39.51 24.11
C TYR F 107 16.53 39.03 24.68
N HIS F 108 17.21 39.89 25.42
CA HIS F 108 18.51 39.55 25.99
C HIS F 108 18.39 38.45 27.05
N GLY F 109 19.51 37.78 27.33
CA GLY F 109 19.54 36.77 28.37
C GLY F 109 20.04 37.31 29.70
N GLY F 110 20.00 36.47 30.73
CA GLY F 110 20.46 36.88 32.04
C GLY F 110 19.58 36.36 33.17
N GLY F 111 18.88 35.26 32.91
CA GLY F 111 18.07 34.61 33.92
C GLY F 111 16.91 35.43 34.43
N PHE F 112 16.45 36.37 33.61
CA PHE F 112 15.37 37.30 33.96
C PHE F 112 15.72 38.17 35.16
N VAL F 113 17.02 38.31 35.43
CA VAL F 113 17.49 39.10 36.55
C VAL F 113 18.50 40.14 36.11
N ILE F 114 19.46 39.73 35.29
CA ILE F 114 20.52 40.64 34.84
C ILE F 114 20.49 40.83 33.32
N GLY F 115 21.41 41.65 32.83
CA GLY F 115 21.47 41.96 31.41
C GLY F 115 20.49 43.04 31.00
N ASN F 116 20.75 43.63 29.84
CA ASN F 116 19.87 44.65 29.26
C ASN F 116 20.26 44.93 27.81
N ILE F 117 19.76 46.04 27.27
CA ILE F 117 20.03 46.39 25.89
C ILE F 117 21.53 46.61 25.65
N GLU F 118 22.19 47.26 26.61
CA GLU F 118 23.60 47.57 26.48
C GLU F 118 24.49 46.32 26.52
N THR F 119 24.06 45.30 27.25
CA THR F 119 24.88 44.09 27.39
C THR F 119 24.88 43.27 26.11
N HIS F 120 23.88 43.47 25.26
CA HIS F 120 23.76 42.70 24.03
C HIS F 120 23.76 43.58 22.79
N ASP F 121 24.28 44.80 22.94
CA ASP F 121 24.24 45.78 21.87
C ASP F 121 25.08 45.38 20.66
N SER F 122 26.34 45.04 20.89
CA SER F 122 27.25 44.65 19.81
C SER F 122 26.72 43.44 19.05
N THR F 123 26.13 42.50 19.78
CA THR F 123 25.59 41.29 19.18
C THR F 123 24.41 41.62 18.26
N CYS F 124 23.51 42.49 18.73
CA CYS F 124 22.36 42.89 17.94
C CYS F 124 22.77 43.65 16.67
N ARG F 125 23.84 44.44 16.78
CA ARG F 125 24.36 45.16 15.63
C ARG F 125 24.85 44.19 14.56
N ARG F 126 25.57 43.15 14.98
CA ARG F 126 26.09 42.17 14.04
C ARG F 126 24.96 41.35 13.42
N LEU F 127 23.99 40.97 14.25
CA LEU F 127 22.83 40.21 13.77
C LEU F 127 22.09 40.98 12.67
N ALA F 128 21.92 42.27 12.87
CA ALA F 128 21.22 43.11 11.90
C ALA F 128 21.99 43.16 10.58
N ASN F 129 23.26 43.49 10.65
CA ASN F 129 24.11 43.60 9.46
C ASN F 129 24.23 42.29 8.68
N LYS F 130 24.43 41.20 9.38
CA LYS F 130 24.66 39.91 8.74
C LYS F 130 23.39 39.30 8.18
N SER F 131 22.26 39.63 8.75
CA SER F 131 20.98 39.08 8.31
C SER F 131 20.26 40.03 7.37
N ARG F 132 20.74 41.27 7.32
CA ARG F 132 20.08 42.34 6.58
C ARG F 132 18.64 42.54 7.05
N CYS F 133 18.42 42.25 8.34
CA CYS F 133 17.13 42.48 8.98
C CYS F 133 17.26 43.52 10.07
N GLN F 134 16.19 44.30 10.30
CA GLN F 134 16.16 45.20 11.45
C GLN F 134 16.11 44.38 12.73
N VAL F 135 16.87 44.80 13.73
CA VAL F 135 16.83 44.17 15.04
C VAL F 135 16.28 45.16 16.06
N ILE F 136 15.33 44.71 16.87
CA ILE F 136 14.78 45.55 17.92
C ILE F 136 14.94 44.86 19.27
N SER F 137 15.85 45.40 20.09
CA SER F 137 16.16 44.82 21.40
C SER F 137 15.19 45.35 22.46
N ILE F 138 14.61 44.44 23.23
CA ILE F 138 13.59 44.80 24.22
C ILE F 138 14.14 44.83 25.64
N ASP F 139 13.89 45.92 26.34
CA ASP F 139 14.32 46.07 27.73
C ASP F 139 13.17 45.74 28.68
N TYR F 140 12.92 44.44 28.86
CA TYR F 140 11.80 43.98 29.70
C TYR F 140 12.15 44.05 31.18
N ARG F 141 11.11 44.03 32.02
CA ARG F 141 11.28 44.11 33.47
C ARG F 141 12.04 42.91 34.03
N LEU F 142 12.83 43.16 35.08
CA LEU F 142 13.71 42.14 35.63
C LEU F 142 13.38 41.81 37.08
N ALA F 143 13.58 40.54 37.43
CA ALA F 143 13.46 40.06 38.80
C ALA F 143 14.72 40.44 39.58
N PRO F 144 14.65 40.49 40.93
CA PRO F 144 13.52 40.22 41.82
C PRO F 144 12.53 41.37 41.95
N GLU F 145 12.87 42.53 41.41
CA GLU F 145 11.98 43.70 41.49
C GLU F 145 10.65 43.39 40.81
N HIS F 146 10.72 42.65 39.71
CA HIS F 146 9.52 42.23 38.98
C HIS F 146 9.61 40.75 38.65
N PRO F 147 9.23 39.90 39.60
CA PRO F 147 9.31 38.44 39.43
C PRO F 147 8.30 37.91 38.42
N PHE F 148 8.41 36.62 38.12
CA PHE F 148 7.46 35.90 37.26
C PHE F 148 6.01 36.23 37.63
N PRO F 149 5.16 36.45 36.62
CA PRO F 149 5.43 36.36 35.19
C PRO F 149 5.70 37.70 34.50
N ALA F 150 6.13 38.71 35.25
CA ALA F 150 6.34 40.05 34.69
C ALA F 150 7.29 40.09 33.48
N PRO F 151 8.47 39.43 33.56
CA PRO F 151 9.40 39.56 32.42
C PRO F 151 8.84 39.08 31.09
N ILE F 152 8.18 37.91 31.09
CA ILE F 152 7.67 37.36 29.84
C ILE F 152 6.41 38.10 29.39
N ASP F 153 5.63 38.59 30.36
CA ASP F 153 4.47 39.43 30.04
C ASP F 153 4.90 40.65 29.22
N ASP F 154 6.03 41.25 29.58
CA ASP F 154 6.56 42.36 28.81
C ASP F 154 7.02 41.90 27.43
N GLY F 155 7.68 40.75 27.38
CA GLY F 155 8.14 40.19 26.13
C GLY F 155 7.00 39.94 25.15
N ILE F 156 5.88 39.44 25.68
CA ILE F 156 4.69 39.21 24.87
C ILE F 156 4.06 40.53 24.45
N ALA F 157 3.92 41.45 25.40
CA ALA F 157 3.37 42.77 25.11
C ALA F 157 4.24 43.49 24.08
N ALA F 158 5.54 43.25 24.14
CA ALA F 158 6.47 43.86 23.19
C ALA F 158 6.17 43.39 21.77
N PHE F 159 5.98 42.08 21.60
CA PHE F 159 5.70 41.56 20.27
C PHE F 159 4.35 42.07 19.75
N ARG F 160 3.34 42.01 20.59
CA ARG F 160 1.99 42.42 20.21
C ARG F 160 1.93 43.90 19.83
N HIS F 161 2.68 44.73 20.55
CA HIS F 161 2.69 46.17 20.27
C HIS F 161 3.37 46.45 18.92
N ILE F 162 4.54 45.88 18.72
CA ILE F 162 5.30 46.07 17.50
C ILE F 162 4.56 45.44 16.31
N ARG F 163 3.93 44.30 16.53
CA ARG F 163 3.14 43.65 15.49
C ARG F 163 2.00 44.53 15.01
N ASP F 164 1.27 45.12 15.96
CA ASP F 164 0.10 45.93 15.63
C ASP F 164 0.46 47.36 15.26
N ASN F 165 1.74 47.70 15.44
CA ASN F 165 2.24 49.01 15.01
C ASN F 165 3.52 48.85 14.21
N ALA F 166 3.48 47.93 13.24
CA ALA F 166 4.66 47.55 12.46
C ALA F 166 5.31 48.74 11.76
N GLU F 167 4.51 49.50 11.03
CA GLU F 167 5.02 50.63 10.23
C GLU F 167 5.72 51.68 11.07
N SER F 168 5.19 51.97 12.26
CA SER F 168 5.80 52.96 13.13
C SER F 168 7.14 52.45 13.68
N PHE F 169 7.32 51.13 13.64
CA PHE F 169 8.59 50.53 14.03
C PHE F 169 9.42 50.14 12.80
N GLY F 170 8.97 50.61 11.64
CA GLY F 170 9.69 50.38 10.39
C GLY F 170 9.83 48.92 10.03
N ALA F 171 8.86 48.11 10.44
CA ALA F 171 8.94 46.67 10.25
C ALA F 171 7.92 46.15 9.24
N ASP F 172 8.34 45.17 8.46
CA ASP F 172 7.46 44.44 7.56
C ASP F 172 6.66 43.41 8.37
N ALA F 173 5.38 43.66 8.54
CA ALA F 173 4.52 42.83 9.38
C ALA F 173 4.47 41.37 8.93
N ALA F 174 4.76 41.12 7.66
CA ALA F 174 4.73 39.77 7.12
C ALA F 174 5.98 38.98 7.51
N ARG F 175 7.01 39.70 7.94
CA ARG F 175 8.28 39.06 8.32
C ARG F 175 8.77 39.58 9.66
N LEU F 176 7.99 39.31 10.70
CA LEU F 176 8.34 39.75 12.04
C LEU F 176 8.76 38.55 12.91
N ALA F 177 10.03 38.52 13.28
CA ALA F 177 10.57 37.40 14.05
C ALA F 177 10.78 37.77 15.52
N VAL F 178 10.81 36.76 16.37
CA VAL F 178 11.24 36.94 17.75
C VAL F 178 12.42 36.04 18.02
N GLY F 179 13.27 36.44 18.96
CA GLY F 179 14.46 35.67 19.28
C GLY F 179 15.13 36.14 20.54
N GLY F 180 16.06 35.33 21.03
CA GLY F 180 16.81 35.68 22.23
C GLY F 180 17.76 34.60 22.66
N ASP F 181 18.60 34.92 23.64
CA ASP F 181 19.56 33.97 24.17
C ASP F 181 19.21 33.60 25.61
N ALA F 182 19.37 32.34 25.95
CA ALA F 182 19.12 31.83 27.30
C ALA F 182 17.70 32.18 27.77
N ALA F 183 17.60 33.01 28.81
CA ALA F 183 16.30 33.46 29.30
C ALA F 183 15.52 34.15 28.19
N GLY F 184 16.24 34.88 27.34
CA GLY F 184 15.63 35.54 26.20
C GLY F 184 15.14 34.55 25.16
N GLY F 185 15.84 33.42 25.06
CA GLY F 185 15.42 32.35 24.18
C GLY F 185 14.14 31.71 24.68
N ALA F 186 14.05 31.55 26.00
CA ALA F 186 12.84 31.04 26.64
C ALA F 186 11.67 31.99 26.35
N MET F 187 11.92 33.29 26.52
CA MET F 187 10.91 34.31 26.30
C MET F 187 10.37 34.23 24.87
N ALA F 188 11.27 34.15 23.90
CA ALA F 188 10.88 34.09 22.49
C ALA F 188 10.00 32.87 22.18
N ALA F 189 10.35 31.72 22.75
CA ALA F 189 9.57 30.50 22.53
C ALA F 189 8.19 30.60 23.17
N VAL F 190 8.12 31.21 24.35
CA VAL F 190 6.86 31.37 25.05
C VAL F 190 5.94 32.34 24.31
N VAL F 191 6.52 33.40 23.74
CA VAL F 191 5.77 34.37 22.95
C VAL F 191 5.03 33.69 21.81
N CYS F 192 5.74 32.80 21.11
CA CYS F 192 5.15 32.05 20.01
C CYS F 192 4.00 31.16 20.48
N GLN F 193 4.20 30.47 21.61
CA GLN F 193 3.15 29.61 22.15
C GLN F 193 1.96 30.42 22.63
N ALA F 194 2.22 31.58 23.21
CA ALA F 194 1.17 32.44 23.75
C ALA F 194 0.24 32.94 22.65
N CYS F 195 0.82 33.45 21.57
CA CYS F 195 0.03 33.92 20.43
C CYS F 195 -0.75 32.78 19.79
N ARG F 196 -0.09 31.62 19.68
CA ARG F 196 -0.71 30.43 19.10
C ARG F 196 -1.91 29.99 19.94
N ASP F 197 -1.71 29.86 21.24
CA ASP F 197 -2.78 29.41 22.13
C ASP F 197 -3.93 30.41 22.18
N ALA F 198 -3.60 31.70 22.03
CA ALA F 198 -4.60 32.76 22.08
C ALA F 198 -5.37 32.88 20.77
N GLY F 199 -4.87 32.20 19.73
CA GLY F 199 -5.47 32.25 18.42
C GLY F 199 -5.08 33.50 17.65
N GLU F 200 -3.97 34.12 18.07
CA GLU F 200 -3.50 35.35 17.45
C GLU F 200 -2.49 35.08 16.34
N THR F 201 -2.25 36.10 15.53
CA THR F 201 -1.16 36.07 14.56
C THR F 201 0.16 36.13 15.31
N GLY F 202 0.98 35.09 15.17
CA GLY F 202 2.24 35.03 15.87
C GLY F 202 3.42 35.47 15.03
N PRO F 203 4.62 35.40 15.60
CA PRO F 203 5.86 35.70 14.87
C PRO F 203 6.01 34.81 13.64
N ALA F 204 6.76 35.27 12.64
CA ALA F 204 6.98 34.50 11.42
C ALA F 204 8.19 33.58 11.55
N PHE F 205 8.93 33.73 12.63
CA PHE F 205 10.21 33.04 12.81
C PHE F 205 10.67 33.17 14.26
N GLN F 206 11.28 32.11 14.79
CA GLN F 206 11.81 32.17 16.15
C GLN F 206 13.28 31.74 16.19
N MET F 207 14.13 32.62 16.71
CA MET F 207 15.55 32.35 16.83
C MET F 207 15.89 32.03 18.29
N LEU F 208 16.04 30.75 18.59
CA LEU F 208 16.27 30.32 19.96
C LEU F 208 17.74 29.98 20.21
N ILE F 209 18.45 30.88 20.88
CA ILE F 209 19.85 30.71 21.21
C ILE F 209 20.01 30.15 22.61
N TYR F 210 20.49 28.91 22.69
CA TYR F 210 20.49 28.07 23.90
C TYR F 210 19.44 28.48 24.94
N PRO F 211 18.15 28.31 24.58
CA PRO F 211 17.07 28.68 25.49
C PRO F 211 16.94 27.73 26.67
N ALA F 212 16.38 28.23 27.76
CA ALA F 212 15.92 27.37 28.83
C ALA F 212 14.49 26.97 28.50
N THR F 213 14.23 25.66 28.42
CA THR F 213 12.92 25.21 27.97
C THR F 213 12.20 24.35 29.00
N ASP F 214 12.91 23.92 30.03
CA ASP F 214 12.33 23.03 31.03
C ASP F 214 12.83 23.36 32.43
N SER F 215 11.91 23.78 33.30
CA SER F 215 12.25 24.07 34.69
C SER F 215 11.74 22.99 35.63
N SER F 216 11.16 21.94 35.06
CA SER F 216 10.51 20.91 35.87
C SER F 216 11.42 19.73 36.21
N ARG F 217 12.54 19.60 35.49
CA ARG F 217 13.43 18.45 35.71
C ARG F 217 14.86 18.73 35.30
N GLU F 218 15.77 17.92 35.84
CA GLU F 218 17.20 18.07 35.56
C GLU F 218 17.65 17.10 34.48
N SER F 219 17.99 17.64 33.31
CA SER F 219 18.46 16.82 32.20
C SER F 219 19.86 16.29 32.48
N ALA F 220 20.32 15.38 31.62
CA ALA F 220 21.66 14.82 31.76
C ALA F 220 22.72 15.90 31.64
N SER F 221 22.51 16.86 30.74
CA SER F 221 23.48 17.94 30.55
C SER F 221 23.44 18.90 31.73
N ARG F 222 22.26 19.11 32.31
CA ARG F 222 22.12 19.97 33.48
C ARG F 222 22.92 19.41 34.66
N VAL F 223 23.01 18.08 34.72
CA VAL F 223 23.76 17.41 35.77
C VAL F 223 25.26 17.40 35.43
N ALA F 224 25.57 17.07 34.19
CA ALA F 224 26.97 16.92 33.77
C ALA F 224 27.73 18.25 33.82
N PHE F 225 27.06 19.33 33.48
CA PHE F 225 27.71 20.64 33.38
C PHE F 225 27.24 21.58 34.47
N ALA F 226 26.95 21.03 35.64
CA ALA F 226 26.42 21.81 36.76
C ALA F 226 27.46 22.76 37.35
N GLU F 227 28.74 22.43 37.19
CA GLU F 227 29.81 23.26 37.72
C GLU F 227 31.04 23.30 36.81
N GLY F 228 31.63 24.49 36.70
CA GLY F 228 32.88 24.65 35.99
C GLY F 228 32.77 25.10 34.54
N TYR F 229 31.56 25.46 34.11
CA TYR F 229 31.36 25.89 32.74
C TYR F 229 30.55 27.18 32.66
N PHE F 230 31.07 28.22 33.30
CA PHE F 230 30.45 29.56 33.35
C PHE F 230 29.09 29.65 34.03
N LEU F 231 28.07 29.03 33.40
CA LEU F 231 26.73 29.01 33.95
C LEU F 231 26.68 27.82 34.92
N SER F 232 26.67 28.11 36.22
CA SER F 232 26.70 27.07 37.24
C SER F 232 25.33 26.86 37.88
N LYS F 233 25.13 25.69 38.46
CA LYS F 233 23.89 25.34 39.16
C LYS F 233 23.59 26.31 40.29
N ALA F 234 24.63 26.73 41.01
CA ALA F 234 24.48 27.67 42.11
C ALA F 234 24.03 29.04 41.60
N LEU F 235 24.45 29.38 40.38
CA LEU F 235 24.05 30.63 39.76
C LEU F 235 22.61 30.54 39.25
N MET F 236 22.24 29.38 38.73
CA MET F 236 20.89 29.15 38.24
C MET F 236 19.88 29.19 39.40
N ASP F 237 20.29 28.69 40.57
CA ASP F 237 19.46 28.78 41.76
C ASP F 237 19.35 30.22 42.21
N TRP F 238 20.44 30.98 42.04
CA TRP F 238 20.48 32.38 42.40
C TRP F 238 19.52 33.19 41.51
N PHE F 239 19.48 32.85 40.23
CA PHE F 239 18.51 33.45 39.31
C PHE F 239 17.10 33.07 39.72
N TRP F 240 16.93 31.79 40.04
CA TRP F 240 15.61 31.23 40.32
C TRP F 240 14.92 31.84 41.53
N GLU F 241 15.70 32.14 42.55
CA GLU F 241 15.17 32.70 43.78
C GLU F 241 14.64 34.12 43.58
N ALA F 242 15.19 34.84 42.62
CA ALA F 242 14.73 36.18 42.28
C ALA F 242 13.55 36.11 41.31
N TYR F 243 13.65 35.18 40.36
CA TYR F 243 12.69 35.10 39.26
C TYR F 243 11.33 34.56 39.71
N VAL F 244 11.33 33.35 40.24
CA VAL F 244 10.09 32.66 40.54
C VAL F 244 9.75 32.72 42.01
N PRO F 245 8.53 33.17 42.32
CA PRO F 245 8.14 33.17 43.73
C PRO F 245 7.71 31.79 44.24
N GLU F 246 7.71 31.67 45.56
CA GLU F 246 7.44 30.46 46.34
C GLU F 246 6.25 29.63 45.83
N ASP F 247 6.44 28.31 45.81
CA ASP F 247 5.50 27.32 45.28
C ASP F 247 4.78 27.68 43.98
N THR F 248 5.54 27.94 42.93
CA THR F 248 4.94 28.06 41.62
C THR F 248 5.01 26.70 40.93
N ASP F 249 3.95 26.35 40.18
CA ASP F 249 3.95 25.10 39.43
C ASP F 249 5.08 25.11 38.41
N LEU F 250 6.07 24.24 38.61
CA LEU F 250 7.23 24.17 37.73
C LEU F 250 6.85 23.76 36.31
N THR F 251 5.69 23.12 36.16
CA THR F 251 5.25 22.63 34.86
C THR F 251 4.48 23.70 34.08
N ASP F 252 4.42 24.91 34.63
CA ASP F 252 3.80 26.03 33.94
C ASP F 252 4.54 26.28 32.64
N LEU F 253 3.81 26.36 31.54
CA LEU F 253 4.41 26.44 30.21
C LEU F 253 5.21 27.72 30.00
N ARG F 254 4.94 28.75 30.79
CA ARG F 254 5.72 29.98 30.71
C ARG F 254 7.11 29.74 31.32
N LEU F 255 7.18 28.80 32.25
CA LEU F 255 8.45 28.38 32.85
C LEU F 255 9.05 27.19 32.09
N SER F 256 8.19 26.37 31.52
CA SER F 256 8.61 25.15 30.84
C SER F 256 7.89 24.93 29.52
N PRO F 257 8.21 25.74 28.50
CA PRO F 257 7.53 25.63 27.20
C PRO F 257 7.73 24.27 26.54
N LEU F 258 8.77 23.54 26.92
CA LEU F 258 9.03 22.21 26.38
C LEU F 258 7.88 21.25 26.69
N LEU F 259 7.20 21.49 27.80
CA LEU F 259 6.13 20.59 28.26
C LEU F 259 4.80 20.83 27.56
N ALA F 260 4.80 21.67 26.52
CA ALA F 260 3.58 21.93 25.76
C ALA F 260 3.06 20.65 25.09
N THR F 261 1.75 20.50 25.04
CA THR F 261 1.12 19.32 24.46
C THR F 261 0.97 19.47 22.95
N ASP F 262 1.06 20.70 22.46
CA ASP F 262 0.88 20.99 21.04
C ASP F 262 2.00 21.87 20.51
N PHE F 263 2.73 21.38 19.51
CA PHE F 263 3.81 22.15 18.91
C PHE F 263 3.47 22.60 17.49
N THR F 264 2.30 22.21 17.00
CA THR F 264 1.85 22.65 15.69
C THR F 264 1.47 24.12 15.73
N GLY F 265 1.50 24.77 14.57
CA GLY F 265 1.12 26.18 14.48
C GLY F 265 2.18 27.14 14.99
N LEU F 266 3.34 26.60 15.34
CA LEU F 266 4.46 27.44 15.76
C LEU F 266 5.34 27.77 14.55
N PRO F 267 5.95 28.97 14.56
CA PRO F 267 6.70 29.44 13.39
C PRO F 267 7.99 28.67 13.13
N PRO F 268 8.50 28.73 11.89
CA PRO F 268 9.80 28.15 11.56
C PRO F 268 10.85 28.60 12.56
N ALA F 269 11.80 27.73 12.90
CA ALA F 269 12.68 27.99 14.02
C ALA F 269 14.15 27.77 13.70
N PHE F 270 14.99 28.55 14.36
CA PHE F 270 16.42 28.27 14.43
C PHE F 270 16.77 28.03 15.89
N VAL F 271 17.29 26.84 16.19
CA VAL F 271 17.61 26.48 17.57
C VAL F 271 19.08 26.13 17.70
N LEU F 272 19.78 26.86 18.57
CA LEU F 272 21.21 26.64 18.78
C LEU F 272 21.50 26.19 20.21
N THR F 273 22.43 25.24 20.36
CA THR F 273 22.89 24.82 21.67
C THR F 273 24.41 24.84 21.76
N ALA F 274 24.93 24.99 22.96
CA ALA F 274 26.36 24.92 23.21
C ALA F 274 26.72 23.58 23.83
N GLY F 275 27.89 23.05 23.48
CA GLY F 275 28.28 21.71 23.87
C GLY F 275 28.36 21.47 25.37
N TYR F 276 28.85 22.45 26.11
CA TYR F 276 29.04 22.31 27.55
C TYR F 276 28.02 23.16 28.33
N ASP F 277 26.90 23.46 27.68
CA ASP F 277 25.80 24.19 28.29
C ASP F 277 24.90 23.22 29.05
N PRO F 278 24.59 23.52 30.32
CA PRO F 278 23.58 22.75 31.06
C PRO F 278 22.26 22.67 30.31
N LEU F 279 21.92 23.73 29.58
CA LEU F 279 20.66 23.82 28.86
C LEU F 279 20.66 23.10 27.50
N ARG F 280 21.79 22.50 27.16
CA ARG F 280 21.96 21.84 25.85
C ARG F 280 20.86 20.85 25.52
N ASP F 281 20.69 19.85 26.38
CA ASP F 281 19.72 18.77 26.14
C ASP F 281 18.28 19.26 25.99
N GLU F 282 17.84 20.12 26.89
CA GLU F 282 16.45 20.60 26.84
C GLU F 282 16.24 21.55 25.64
N GLY F 283 17.32 22.18 25.19
CA GLY F 283 17.26 23.00 24.00
C GLY F 283 17.11 22.15 22.74
N ARG F 284 17.87 21.07 22.67
CA ARG F 284 17.79 20.16 21.54
C ARG F 284 16.45 19.44 21.53
N ALA F 285 15.93 19.15 22.73
CA ALA F 285 14.63 18.49 22.87
C ALA F 285 13.51 19.36 22.31
N TYR F 286 13.63 20.67 22.48
CA TYR F 286 12.63 21.60 21.96
C TYR F 286 12.65 21.58 20.43
N ALA F 287 13.85 21.58 19.86
CA ALA F 287 13.98 21.49 18.41
C ALA F 287 13.38 20.18 17.90
N ASP F 288 13.64 19.10 18.64
CA ASP F 288 13.08 17.80 18.30
C ASP F 288 11.55 17.82 18.24
N ARG F 289 10.92 18.43 19.24
CA ARG F 289 9.46 18.49 19.30
C ARG F 289 8.90 19.27 18.12
N LEU F 290 9.56 20.38 17.78
CA LEU F 290 9.21 21.16 16.60
C LEU F 290 9.29 20.32 15.33
N ILE F 291 10.40 19.60 15.17
CA ILE F 291 10.60 18.76 13.99
C ILE F 291 9.53 17.67 13.89
N GLU F 292 9.22 17.02 15.01
CA GLU F 292 8.21 15.95 15.02
C GLU F 292 6.82 16.49 14.68
N ALA F 293 6.58 17.75 15.01
CA ALA F 293 5.28 18.38 14.78
C ALA F 293 5.14 18.89 13.36
N GLY F 294 6.22 18.80 12.58
CA GLY F 294 6.18 19.22 11.18
C GLY F 294 6.48 20.70 10.98
N ILE F 295 7.20 21.28 11.93
CA ILE F 295 7.63 22.67 11.81
C ILE F 295 9.01 22.74 11.17
N LYS F 296 9.17 23.64 10.19
CA LYS F 296 10.48 23.86 9.60
C LYS F 296 11.45 24.31 10.68
N THR F 297 12.42 23.45 10.99
CA THR F 297 13.30 23.69 12.12
C THR F 297 14.76 23.48 11.74
N THR F 298 15.60 24.44 12.09
CA THR F 298 17.04 24.33 11.90
C THR F 298 17.70 24.22 13.27
N TYR F 299 18.39 23.11 13.51
CA TYR F 299 19.09 22.91 14.78
C TYR F 299 20.59 22.83 14.58
N VAL F 300 21.34 23.49 15.45
CA VAL F 300 22.79 23.39 15.41
C VAL F 300 23.40 23.35 16.80
N ASN F 301 24.37 22.46 17.00
CA ASN F 301 25.10 22.41 18.25
C ASN F 301 26.53 22.86 18.04
N TYR F 302 26.99 23.79 18.88
CA TYR F 302 28.38 24.23 18.87
C TYR F 302 29.17 23.55 19.98
N PRO F 303 29.91 22.49 19.62
CA PRO F 303 30.68 21.72 20.60
C PRO F 303 31.91 22.49 21.08
N GLY F 304 32.37 22.18 22.28
CA GLY F 304 33.59 22.78 22.80
C GLY F 304 33.46 24.23 23.24
N THR F 305 32.23 24.73 23.34
CA THR F 305 32.02 26.08 23.85
C THR F 305 30.97 26.07 24.96
N ILE F 306 30.79 27.21 25.61
CA ILE F 306 29.96 27.29 26.81
C ILE F 306 28.71 28.13 26.64
N HIS F 307 27.83 28.04 27.63
CA HIS F 307 26.66 28.91 27.72
C HIS F 307 27.13 30.37 27.75
N GLY F 308 26.49 31.22 26.96
CA GLY F 308 26.83 32.63 26.95
C GLY F 308 27.79 33.04 25.84
N PHE F 309 28.29 32.07 25.09
CA PHE F 309 29.32 32.34 24.09
C PHE F 309 28.80 33.17 22.91
N PHE F 310 27.48 33.19 22.73
CA PHE F 310 26.85 33.96 21.65
C PHE F 310 27.09 35.46 21.81
N SER F 311 27.39 35.90 23.03
CA SER F 311 27.59 37.32 23.30
C SER F 311 28.91 37.61 24.01
N LEU F 312 29.70 36.57 24.29
CA LEU F 312 31.03 36.76 24.85
C LEU F 312 32.06 36.81 23.72
N THR F 313 31.72 37.55 22.68
CA THR F 313 32.46 37.52 21.43
C THR F 313 33.76 38.31 21.44
N ARG F 314 34.11 38.88 22.59
CA ARG F 314 35.43 39.47 22.76
C ARG F 314 36.44 38.36 23.03
N PHE F 315 35.97 37.29 23.68
CA PHE F 315 36.83 36.20 24.07
C PHE F 315 36.65 34.97 23.20
N LEU F 316 35.42 34.72 22.76
CA LEU F 316 35.11 33.50 22.04
C LEU F 316 34.72 33.78 20.59
N SER F 317 35.63 33.44 19.67
CA SER F 317 35.40 33.66 18.25
C SER F 317 34.24 32.81 17.72
N GLN F 318 34.00 31.66 18.36
CA GLN F 318 32.88 30.81 18.00
C GLN F 318 31.55 31.55 18.12
N GLY F 319 31.50 32.52 19.01
CA GLY F 319 30.31 33.33 19.19
C GLY F 319 29.99 34.15 17.96
N LEU F 320 31.03 34.70 17.34
CA LEU F 320 30.86 35.47 16.11
C LEU F 320 30.38 34.56 14.99
N LYS F 321 30.90 33.33 14.97
CA LYS F 321 30.47 32.33 14.00
C LYS F 321 29.01 31.94 14.25
N ALA F 322 28.65 31.87 15.52
CA ALA F 322 27.27 31.60 15.91
C ALA F 322 26.36 32.74 15.50
N ASN F 323 26.83 33.97 15.72
CA ASN F 323 26.09 35.16 15.29
C ASN F 323 25.78 35.09 13.80
N ASP F 324 26.81 34.80 13.01
CA ASP F 324 26.69 34.77 11.56
C ASP F 324 25.76 33.69 11.05
N GLU F 325 25.87 32.48 11.60
CA GLU F 325 25.01 31.38 11.19
C GLU F 325 23.55 31.69 11.50
N ALA F 326 23.28 32.12 12.72
CA ALA F 326 21.91 32.49 13.11
C ALA F 326 21.34 33.56 12.18
N ALA F 327 22.15 34.58 11.92
CA ALA F 327 21.75 35.67 11.04
C ALA F 327 21.55 35.20 9.60
N ALA F 328 22.46 34.36 9.12
CA ALA F 328 22.39 33.83 7.77
C ALA F 328 21.13 33.00 7.55
N VAL F 329 20.80 32.15 8.52
CA VAL F 329 19.62 31.32 8.43
C VAL F 329 18.34 32.17 8.40
N MET F 330 18.27 33.17 9.27
CA MET F 330 17.10 34.05 9.32
C MET F 330 16.98 34.88 8.04
N GLY F 331 18.11 35.44 7.61
CA GLY F 331 18.16 36.22 6.39
C GLY F 331 17.72 35.40 5.18
N ALA F 332 18.16 34.14 5.13
CA ALA F 332 17.79 33.25 4.04
C ALA F 332 16.30 32.89 4.10
N HIS F 333 15.77 32.75 5.30
CA HIS F 333 14.36 32.42 5.45
C HIS F 333 13.47 33.58 5.01
N PHE F 334 13.92 34.80 5.29
CA PHE F 334 13.17 35.99 4.93
C PHE F 334 13.51 36.50 3.53
N GLY F 335 14.49 35.86 2.90
CA GLY F 335 14.87 36.19 1.54
C GLY F 335 15.52 37.55 1.39
N THR F 336 16.39 37.91 2.34
CA THR F 336 17.07 39.19 2.31
C THR F 336 18.37 39.12 1.50
N GLN G 20 -36.94 32.99 -42.87
CA GLN G 20 -36.91 31.54 -43.05
C GLN G 20 -35.76 31.13 -43.98
N GLY G 21 -34.99 32.12 -44.41
CA GLY G 21 -33.93 31.90 -45.38
C GLY G 21 -32.68 31.23 -44.82
N MET G 22 -32.56 31.20 -43.50
CA MET G 22 -31.39 30.60 -42.86
C MET G 22 -31.47 29.08 -42.84
N LEU G 23 -32.63 28.54 -43.22
CA LEU G 23 -32.81 27.10 -43.30
C LEU G 23 -31.86 26.47 -44.31
N LEU G 24 -31.11 25.47 -43.85
CA LEU G 24 -30.23 24.71 -44.73
C LEU G 24 -31.07 23.90 -45.72
N PRO G 25 -30.53 23.64 -46.92
CA PRO G 25 -31.22 22.84 -47.93
C PRO G 25 -31.69 21.49 -47.41
N GLU G 26 -30.86 20.80 -46.65
CA GLU G 26 -31.22 19.48 -46.13
C GLU G 26 -32.37 19.58 -45.14
N THR G 27 -32.43 20.70 -44.41
CA THR G 27 -33.49 20.91 -43.44
C THR G 27 -34.81 21.19 -44.16
N ARG G 28 -34.73 21.97 -45.24
CA ARG G 28 -35.89 22.25 -46.08
C ARG G 28 -36.50 20.97 -46.65
N ASN G 29 -35.65 20.15 -47.24
CA ASN G 29 -36.08 18.91 -47.87
C ASN G 29 -36.80 17.98 -46.90
N LEU G 30 -36.27 17.87 -45.68
CA LEU G 30 -36.89 17.04 -44.65
C LEU G 30 -38.25 17.59 -44.23
N LEU G 31 -38.31 18.90 -44.04
CA LEU G 31 -39.57 19.56 -43.68
C LEU G 31 -40.59 19.44 -44.80
N ASP G 32 -40.11 19.54 -46.04
CA ASP G 32 -40.98 19.37 -47.20
C ASP G 32 -41.50 17.93 -47.28
N LEU G 33 -40.62 16.97 -47.00
CA LEU G 33 -41.00 15.57 -47.01
C LEU G 33 -42.06 15.26 -45.96
N MET G 34 -42.00 15.95 -44.83
CA MET G 34 -42.95 15.75 -43.75
C MET G 34 -44.32 16.35 -44.07
N ASP G 35 -44.31 17.59 -44.54
CA ASP G 35 -45.56 18.28 -44.86
C ASP G 35 -46.20 17.71 -46.13
N ALA G 36 -45.41 17.02 -46.94
CA ALA G 36 -45.95 16.36 -48.13
C ALA G 36 -46.61 15.04 -47.75
N ALA G 37 -46.01 14.34 -46.80
CA ALA G 37 -46.56 13.07 -46.32
C ALA G 37 -47.83 13.32 -45.50
N THR G 38 -47.92 14.50 -44.90
CA THR G 38 -49.11 14.90 -44.16
C THR G 38 -50.24 15.20 -45.14
N ARG G 39 -49.89 15.69 -46.32
CA ARG G 39 -50.86 15.91 -47.37
C ARG G 39 -51.27 14.59 -47.99
N GLY G 40 -50.33 13.64 -48.01
CA GLY G 40 -50.58 12.31 -48.51
C GLY G 40 -51.67 11.60 -47.73
N GLY G 41 -51.78 11.91 -46.44
CA GLY G 41 -52.85 11.35 -45.63
C GLY G 41 -52.42 10.95 -44.22
N ARG G 42 -51.11 10.84 -44.00
CA ARG G 42 -50.61 10.42 -42.70
C ARG G 42 -50.94 11.46 -41.62
N PRO G 43 -51.69 11.03 -40.59
CA PRO G 43 -52.15 11.91 -39.51
C PRO G 43 -51.00 12.44 -38.65
N ARG G 44 -51.15 13.66 -38.15
CA ARG G 44 -50.16 14.23 -37.26
C ARG G 44 -50.16 13.47 -35.94
N LEU G 45 -49.03 13.49 -35.23
CA LEU G 45 -48.87 12.71 -34.02
C LEU G 45 -49.80 13.15 -32.89
N GLU G 46 -50.09 14.45 -32.83
CA GLU G 46 -50.89 15.00 -31.74
C GLU G 46 -52.39 14.82 -31.95
N THR G 47 -52.76 14.05 -32.97
CA THR G 47 -54.16 13.73 -33.22
C THR G 47 -54.49 12.32 -32.76
N LEU G 48 -53.45 11.56 -32.45
CA LEU G 48 -53.59 10.16 -32.06
C LEU G 48 -53.53 10.00 -30.54
N PRO G 49 -54.10 8.91 -30.02
CA PRO G 49 -53.88 8.55 -28.61
C PRO G 49 -52.40 8.27 -28.37
N HIS G 50 -51.95 8.45 -27.13
CA HIS G 50 -50.52 8.40 -26.81
C HIS G 50 -49.89 7.03 -27.09
N ALA G 51 -50.55 5.96 -26.63
CA ALA G 51 -50.01 4.61 -26.80
C ALA G 51 -49.90 4.22 -28.26
N VAL G 52 -50.95 4.49 -29.02
CA VAL G 52 -50.97 4.18 -30.45
C VAL G 52 -49.95 5.03 -31.20
N GLY G 53 -49.93 6.32 -30.90
CA GLY G 53 -49.01 7.25 -31.54
C GLY G 53 -47.56 6.92 -31.26
N ARG G 54 -47.29 6.43 -30.06
CA ARG G 54 -45.93 6.06 -29.67
C ARG G 54 -45.33 5.00 -30.58
N LYS G 55 -46.10 3.94 -30.85
CA LYS G 55 -45.63 2.82 -31.66
C LYS G 55 -45.31 3.24 -33.10
N ALA G 56 -46.13 4.13 -33.65
CA ALA G 56 -45.97 4.57 -35.03
C ALA G 56 -44.77 5.49 -35.20
N VAL G 57 -44.54 6.36 -34.22
CA VAL G 57 -43.48 7.35 -34.33
C VAL G 57 -42.12 6.76 -33.93
N ASP G 58 -42.14 5.75 -33.04
CA ASP G 58 -40.90 5.13 -32.60
C ASP G 58 -40.22 4.41 -33.76
N LYS G 59 -41.00 3.72 -34.58
CA LYS G 59 -40.46 3.08 -35.78
C LYS G 59 -39.91 4.11 -36.75
N MET G 60 -40.58 5.26 -36.83
CA MET G 60 -40.12 6.35 -37.69
C MET G 60 -38.82 6.95 -37.16
N SER G 61 -38.72 7.06 -35.84
CA SER G 61 -37.50 7.55 -35.21
C SER G 61 -36.34 6.59 -35.42
N GLU G 62 -36.62 5.29 -35.34
CA GLU G 62 -35.60 4.28 -35.58
C GLU G 62 -35.09 4.37 -37.01
N ASP G 63 -36.01 4.52 -37.96
CA ASP G 63 -35.65 4.66 -39.37
C ASP G 63 -34.97 6.00 -39.65
N GLY G 64 -35.26 7.00 -38.84
CA GLY G 64 -34.72 8.35 -39.03
C GLY G 64 -33.26 8.48 -38.66
N GLU G 65 -32.73 7.51 -37.92
CA GLU G 65 -31.32 7.49 -37.58
C GLU G 65 -30.48 7.02 -38.75
N ALA G 66 -29.22 7.47 -38.80
CA ALA G 66 -28.26 6.93 -39.74
C ALA G 66 -27.99 5.46 -39.40
N ASP G 67 -27.41 4.72 -40.34
CA ASP G 67 -27.06 3.33 -40.09
C ASP G 67 -26.20 3.18 -38.83
N PRO G 68 -26.51 2.19 -37.99
CA PRO G 68 -25.78 2.00 -36.74
C PRO G 68 -24.34 1.54 -36.95
N PRO G 69 -23.36 2.35 -36.51
CA PRO G 69 -21.96 1.95 -36.62
C PRO G 69 -21.63 0.79 -35.68
N GLU G 70 -20.67 -0.04 -36.07
CA GLU G 70 -20.22 -1.12 -35.22
C GLU G 70 -19.47 -0.58 -34.00
N VAL G 71 -19.71 -1.20 -32.85
CA VAL G 71 -18.95 -0.89 -31.64
C VAL G 71 -18.27 -2.16 -31.14
N ALA G 72 -17.44 -2.03 -30.11
CA ALA G 72 -16.70 -3.17 -29.58
C ALA G 72 -17.62 -4.19 -28.91
N GLU G 73 -18.61 -3.71 -28.18
CA GLU G 73 -19.51 -4.58 -27.43
C GLU G 73 -20.82 -3.88 -27.10
N VAL G 74 -21.92 -4.62 -27.15
CA VAL G 74 -23.22 -4.12 -26.72
C VAL G 74 -23.81 -5.01 -25.65
N ALA G 75 -24.15 -4.43 -24.50
CA ALA G 75 -24.73 -5.20 -23.40
C ALA G 75 -26.14 -4.75 -23.08
N ASN G 76 -27.02 -5.71 -22.84
CA ASN G 76 -28.41 -5.42 -22.45
C ASN G 76 -28.78 -6.08 -21.14
N GLY G 77 -29.38 -5.30 -20.24
CA GLY G 77 -29.85 -5.81 -18.97
C GLY G 77 -30.74 -4.83 -18.24
N GLY G 78 -31.00 -5.11 -16.96
CA GLY G 78 -31.80 -4.22 -16.15
C GLY G 78 -31.42 -4.26 -14.69
N PHE G 79 -31.86 -3.26 -13.94
CA PHE G 79 -31.68 -3.25 -12.48
C PHE G 79 -32.94 -2.72 -11.80
N ALA G 80 -33.03 -2.95 -10.50
CA ALA G 80 -34.20 -2.50 -9.73
C ALA G 80 -34.25 -0.99 -9.62
N GLY G 81 -35.29 -0.39 -10.20
CA GLY G 81 -35.54 1.03 -10.06
C GLY G 81 -36.49 1.29 -8.91
N PRO G 82 -36.94 2.55 -8.77
CA PRO G 82 -37.86 2.97 -7.69
C PRO G 82 -39.17 2.18 -7.67
N ALA G 83 -39.81 2.00 -8.83
CA ALA G 83 -41.12 1.35 -8.87
C ALA G 83 -41.23 0.36 -10.01
N SER G 84 -40.10 0.04 -10.64
CA SER G 84 -40.07 -0.92 -11.74
C SER G 84 -38.63 -1.27 -12.09
N GLU G 85 -38.45 -2.23 -12.99
CA GLU G 85 -37.13 -2.57 -13.49
CA GLU G 85 -37.13 -2.57 -13.48
C GLU G 85 -36.70 -1.55 -14.53
N ILE G 86 -35.48 -1.05 -14.40
CA ILE G 86 -34.96 -0.08 -15.36
C ILE G 86 -34.00 -0.75 -16.34
N ARG G 87 -34.43 -0.85 -17.60
CA ARG G 87 -33.63 -1.48 -18.63
C ARG G 87 -32.53 -0.55 -19.11
N PHE G 88 -31.37 -1.10 -19.41
CA PHE G 88 -30.27 -0.29 -19.93
C PHE G 88 -29.58 -0.99 -21.09
N ARG G 89 -28.84 -0.21 -21.87
CA ARG G 89 -28.00 -0.75 -22.93
C ARG G 89 -26.63 -0.08 -22.91
N ARG G 90 -25.59 -0.88 -22.80
CA ARG G 90 -24.23 -0.38 -22.73
C ARG G 90 -23.53 -0.50 -24.07
N TYR G 91 -22.81 0.56 -24.44
CA TYR G 91 -22.04 0.56 -25.68
C TYR G 91 -20.56 0.76 -25.39
N ARG G 92 -19.76 -0.25 -25.72
CA ARG G 92 -18.31 -0.15 -25.57
C ARG G 92 -17.69 0.30 -26.89
N PRO G 93 -16.92 1.40 -26.85
CA PRO G 93 -16.37 2.01 -28.07
C PRO G 93 -15.28 1.16 -28.72
N LEU G 94 -15.14 1.28 -30.04
CA LEU G 94 -14.08 0.57 -30.74
C LEU G 94 -12.72 1.06 -30.30
N GLY G 95 -11.77 0.13 -30.18
CA GLY G 95 -10.38 0.49 -29.90
C GLY G 95 -10.05 0.75 -28.44
N GLU G 96 -11.04 0.66 -27.58
CA GLU G 96 -10.82 0.87 -26.14
C GLU G 96 -10.89 -0.45 -25.38
N ALA G 97 -9.76 -0.88 -24.83
CA ALA G 97 -9.65 -2.18 -24.19
C ALA G 97 -9.52 -2.10 -22.67
N ALA G 98 -9.54 -0.89 -22.13
CA ALA G 98 -9.45 -0.69 -20.69
C ALA G 98 -10.72 -1.20 -20.01
N GLY G 99 -10.57 -1.82 -18.85
CA GLY G 99 -11.70 -2.38 -18.12
C GLY G 99 -12.72 -1.33 -17.75
N LEU G 100 -12.31 -0.38 -16.92
CA LEU G 100 -13.20 0.71 -16.50
C LEU G 100 -12.99 1.91 -17.40
N LEU G 101 -14.05 2.32 -18.09
CA LEU G 101 -13.97 3.41 -19.06
C LEU G 101 -14.74 4.64 -18.60
N PRO G 102 -14.30 5.84 -19.05
CA PRO G 102 -15.15 7.02 -18.86
C PRO G 102 -16.49 6.75 -19.52
N THR G 103 -17.57 7.18 -18.88
CA THR G 103 -18.90 6.71 -19.25
C THR G 103 -19.94 7.81 -19.28
N LEU G 104 -20.72 7.84 -20.35
CA LEU G 104 -21.83 8.78 -20.48
C LEU G 104 -23.16 8.06 -20.32
N ILE G 105 -23.87 8.36 -19.23
CA ILE G 105 -25.22 7.89 -19.05
C ILE G 105 -26.15 8.74 -19.90
N TYR G 106 -26.85 8.11 -20.84
CA TYR G 106 -27.64 8.84 -21.82
C TYR G 106 -29.14 8.63 -21.65
N TYR G 107 -29.90 9.72 -21.73
CA TYR G 107 -31.35 9.67 -21.69
C TYR G 107 -31.93 10.16 -23.01
N HIS G 108 -32.70 9.32 -23.68
CA HIS G 108 -33.30 9.66 -24.96
C HIS G 108 -34.34 10.76 -24.83
N GLY G 109 -34.60 11.47 -25.94
CA GLY G 109 -35.65 12.46 -25.97
C GLY G 109 -37.00 11.88 -26.38
N GLY G 110 -38.03 12.71 -26.34
CA GLY G 110 -39.36 12.27 -26.76
C GLY G 110 -40.48 12.81 -25.88
N GLY G 111 -40.23 13.93 -25.22
CA GLY G 111 -41.25 14.58 -24.40
C GLY G 111 -41.71 13.78 -23.19
N PHE G 112 -40.87 12.84 -22.75
CA PHE G 112 -41.17 11.92 -21.66
C PHE G 112 -42.38 11.03 -21.98
N VAL G 113 -42.68 10.90 -23.27
CA VAL G 113 -43.83 10.12 -23.71
C VAL G 113 -43.42 9.07 -24.74
N ILE G 114 -42.66 9.49 -25.75
CA ILE G 114 -42.21 8.59 -26.80
C ILE G 114 -40.70 8.39 -26.78
N GLY G 115 -40.22 7.54 -27.67
CA GLY G 115 -38.80 7.24 -27.74
C GLY G 115 -38.38 6.15 -26.76
N ASN G 116 -37.22 5.55 -27.03
CA ASN G 116 -36.66 4.52 -26.17
C ASN G 116 -35.20 4.28 -26.50
N ILE G 117 -34.69 3.13 -26.09
CA ILE G 117 -33.30 2.78 -26.37
C ILE G 117 -33.07 2.58 -27.86
N GLU G 118 -34.03 1.96 -28.54
CA GLU G 118 -33.89 1.66 -29.95
C GLU G 118 -33.94 2.91 -30.84
N THR G 119 -34.68 3.93 -30.40
CA THR G 119 -34.82 5.14 -31.22
C THR G 119 -33.53 5.95 -31.27
N HIS G 120 -32.65 5.70 -30.30
CA HIS G 120 -31.41 6.46 -30.19
C HIS G 120 -30.18 5.58 -30.20
N ASP G 121 -30.35 4.36 -30.70
CA ASP G 121 -29.28 3.37 -30.70
C ASP G 121 -28.10 3.74 -31.60
N SER G 122 -28.38 4.13 -32.83
CA SER G 122 -27.33 4.50 -33.77
C SER G 122 -26.55 5.71 -33.27
N THR G 123 -27.28 6.67 -32.70
CA THR G 123 -26.67 7.88 -32.17
C THR G 123 -25.75 7.58 -30.99
N CYS G 124 -26.21 6.72 -30.08
CA CYS G 124 -25.40 6.32 -28.93
C CYS G 124 -24.14 5.58 -29.36
N ARG G 125 -24.28 4.73 -30.38
CA ARG G 125 -23.14 4.01 -30.94
C ARG G 125 -22.09 4.98 -31.47
N ARG G 126 -22.53 6.01 -32.19
CA ARG G 126 -21.61 6.99 -32.75
C ARG G 126 -20.95 7.80 -31.64
N LEU G 127 -21.75 8.23 -30.67
CA LEU G 127 -21.24 8.97 -29.52
C LEU G 127 -20.14 8.20 -28.80
N ALA G 128 -20.35 6.89 -28.62
CA ALA G 128 -19.36 6.05 -27.96
C ALA G 128 -18.04 6.00 -28.74
N ASN G 129 -18.12 5.64 -30.02
CA ASN G 129 -16.92 5.52 -30.83
C ASN G 129 -16.17 6.85 -30.95
N LYS G 130 -16.91 7.93 -31.17
CA LYS G 130 -16.28 9.24 -31.40
C LYS G 130 -15.66 9.83 -30.13
N SER G 131 -16.23 9.51 -28.97
CA SER G 131 -15.74 10.06 -27.72
C SER G 131 -14.77 9.11 -27.02
N ARG G 132 -14.74 7.86 -27.48
CA ARG G 132 -13.97 6.80 -26.85
C ARG G 132 -14.40 6.61 -25.39
N CYS G 133 -15.66 6.90 -25.13
CA CYS G 133 -16.28 6.67 -23.83
C CYS G 133 -17.37 5.61 -23.94
N GLN G 134 -17.58 4.86 -22.86
CA GLN G 134 -18.74 3.97 -22.79
C GLN G 134 -20.01 4.80 -22.74
N VAL G 135 -21.03 4.37 -23.46
CA VAL G 135 -22.35 5.01 -23.39
C VAL G 135 -23.35 4.01 -22.83
N ILE G 136 -24.12 4.44 -21.84
CA ILE G 136 -25.18 3.62 -21.27
C ILE G 136 -26.53 4.32 -21.41
N SER G 137 -27.32 3.85 -22.36
CA SER G 137 -28.63 4.42 -22.63
C SER G 137 -29.67 3.87 -21.65
N ILE G 138 -30.49 4.77 -21.09
CA ILE G 138 -31.42 4.38 -20.04
C ILE G 138 -32.86 4.33 -20.54
N ASP G 139 -33.56 3.24 -20.24
CA ASP G 139 -34.96 3.09 -20.61
C ASP G 139 -35.87 3.46 -19.44
N TYR G 140 -36.10 4.76 -19.25
CA TYR G 140 -36.90 5.24 -18.13
C TYR G 140 -38.40 5.15 -18.42
N ARG G 141 -39.20 5.16 -17.36
CA ARG G 141 -40.65 5.06 -17.51
C ARG G 141 -41.22 6.26 -18.27
N LEU G 142 -42.31 6.02 -19.01
CA LEU G 142 -42.88 7.04 -19.87
C LEU G 142 -44.30 7.41 -19.49
N ALA G 143 -44.68 8.64 -19.82
CA ALA G 143 -46.04 9.12 -19.64
C ALA G 143 -46.87 8.74 -20.86
N PRO G 144 -48.20 8.69 -20.73
CA PRO G 144 -49.05 9.00 -19.57
C PRO G 144 -49.20 7.84 -18.59
N GLU G 145 -48.60 6.69 -18.91
CA GLU G 145 -48.65 5.54 -18.02
C GLU G 145 -47.96 5.87 -16.69
N HIS G 146 -46.81 6.52 -16.79
CA HIS G 146 -46.07 6.94 -15.60
C HIS G 146 -45.74 8.43 -15.68
N PRO G 147 -46.71 9.28 -15.33
CA PRO G 147 -46.55 10.74 -15.42
C PRO G 147 -45.54 11.29 -14.42
N PHE G 148 -45.26 12.59 -14.53
CA PHE G 148 -44.38 13.31 -13.61
C PHE G 148 -44.73 12.98 -12.16
N PRO G 149 -43.72 12.77 -11.30
CA PRO G 149 -42.28 12.86 -11.59
C PRO G 149 -41.59 11.52 -11.87
N ALA G 150 -42.35 10.53 -12.32
CA ALA G 150 -41.79 9.18 -12.54
C ALA G 150 -40.59 9.13 -13.50
N PRO G 151 -40.67 9.77 -14.68
CA PRO G 151 -39.54 9.57 -15.61
C PRO G 151 -38.21 10.09 -15.08
N ILE G 152 -38.21 11.26 -14.47
CA ILE G 152 -36.98 11.85 -13.97
C ILE G 152 -36.49 11.10 -12.73
N ASP G 153 -37.42 10.59 -11.93
CA ASP G 153 -37.06 9.77 -10.78
C ASP G 153 -36.25 8.56 -11.22
N ASP G 154 -36.63 7.97 -12.35
CA ASP G 154 -35.87 6.87 -12.92
C ASP G 154 -34.49 7.34 -13.37
N GLY G 155 -34.45 8.51 -14.02
CA GLY G 155 -33.19 9.07 -14.48
C GLY G 155 -32.21 9.35 -13.35
N ILE G 156 -32.74 9.82 -12.22
CA ILE G 156 -31.93 10.05 -11.04
C ILE G 156 -31.47 8.73 -10.44
N ALA G 157 -32.40 7.79 -10.31
CA ALA G 157 -32.08 6.48 -9.75
C ALA G 157 -31.07 5.76 -10.63
N ALA G 158 -31.17 5.95 -11.94
CA ALA G 158 -30.25 5.31 -12.88
C ALA G 158 -28.81 5.78 -12.64
N PHE G 159 -28.64 7.09 -12.44
CA PHE G 159 -27.30 7.61 -12.19
C PHE G 159 -26.75 7.13 -10.85
N ARG G 160 -27.57 7.23 -9.81
CA ARG G 160 -27.16 6.82 -8.47
C ARG G 160 -26.74 5.36 -8.42
N HIS G 161 -27.50 4.51 -9.11
CA HIS G 161 -27.22 3.08 -9.08
C HIS G 161 -25.94 2.76 -9.83
N ILE G 162 -25.76 3.38 -10.99
CA ILE G 162 -24.56 3.17 -11.80
C ILE G 162 -23.34 3.76 -11.10
N ARG G 163 -23.50 4.93 -10.49
CA ARG G 163 -22.43 5.56 -9.73
C ARG G 163 -21.96 4.69 -8.57
N ASP G 164 -22.90 4.10 -7.84
CA ASP G 164 -22.57 3.31 -6.66
C ASP G 164 -22.21 1.87 -7.03
N ASN G 165 -22.38 1.53 -8.30
CA ASN G 165 -21.99 0.22 -8.80
C ASN G 165 -21.21 0.34 -10.11
N ALA G 166 -20.28 1.31 -10.14
CA ALA G 166 -19.56 1.66 -11.37
C ALA G 166 -18.83 0.48 -12.00
N GLU G 167 -18.04 -0.23 -11.19
CA GLU G 167 -17.26 -1.37 -11.68
C GLU G 167 -18.16 -2.42 -12.34
N SER G 168 -19.34 -2.63 -11.76
CA SER G 168 -20.30 -3.59 -12.31
C SER G 168 -20.78 -3.17 -13.71
N PHE G 169 -20.76 -1.86 -13.97
CA PHE G 169 -21.17 -1.34 -15.27
C PHE G 169 -19.97 -0.97 -16.12
N GLY G 170 -18.79 -1.40 -15.69
CA GLY G 170 -17.56 -1.15 -16.43
C GLY G 170 -17.22 0.32 -16.55
N ALA G 171 -17.68 1.12 -15.58
CA ALA G 171 -17.49 2.56 -15.65
C ALA G 171 -16.47 3.07 -14.64
N ASP G 172 -15.68 4.04 -15.06
CA ASP G 172 -14.76 4.76 -14.19
C ASP G 172 -15.55 5.76 -13.36
N ALA G 173 -15.63 5.52 -12.06
CA ALA G 173 -16.45 6.33 -11.17
C ALA G 173 -16.00 7.79 -11.10
N ALA G 174 -14.76 8.06 -11.49
CA ALA G 174 -14.23 9.41 -11.46
C ALA G 174 -14.62 10.19 -12.72
N ARG G 175 -14.96 9.47 -13.78
CA ARG G 175 -15.35 10.10 -15.04
C ARG G 175 -16.72 9.58 -15.50
N LEU G 176 -17.76 9.91 -14.75
CA LEU G 176 -19.11 9.46 -15.03
C LEU G 176 -20.01 10.62 -15.40
N ALA G 177 -20.39 10.70 -16.68
CA ALA G 177 -21.18 11.81 -17.18
C ALA G 177 -22.65 11.43 -17.36
N VAL G 178 -23.52 12.43 -17.29
CA VAL G 178 -24.90 12.27 -17.73
C VAL G 178 -25.14 13.14 -18.95
N GLY G 179 -26.12 12.76 -19.76
CA GLY G 179 -26.44 13.52 -20.95
C GLY G 179 -27.74 13.06 -21.58
N GLY G 180 -28.23 13.82 -22.54
CA GLY G 180 -29.45 13.47 -23.22
C GLY G 180 -29.91 14.56 -24.16
N ASP G 181 -30.85 14.21 -25.05
CA ASP G 181 -31.39 15.17 -25.99
C ASP G 181 -32.81 15.56 -25.59
N ALA G 182 -33.10 16.86 -25.68
CA ALA G 182 -34.44 17.39 -25.45
C ALA G 182 -34.96 17.07 -24.04
N ALA G 183 -36.00 16.25 -23.94
CA ALA G 183 -36.50 15.81 -22.65
C ALA G 183 -35.42 15.07 -21.87
N GLY G 184 -34.62 14.28 -22.58
CA GLY G 184 -33.48 13.61 -21.98
C GLY G 184 -32.44 14.61 -21.54
N GLY G 185 -32.36 15.73 -22.25
CA GLY G 185 -31.48 16.82 -21.88
C GLY G 185 -31.96 17.45 -20.59
N ALA G 186 -33.27 17.64 -20.49
CA ALA G 186 -33.88 18.14 -19.27
C ALA G 186 -33.54 17.22 -18.10
N MET G 187 -33.72 15.92 -18.33
CA MET G 187 -33.48 14.91 -17.31
C MET G 187 -32.05 14.98 -16.80
N ALA G 188 -31.09 15.05 -17.73
CA ALA G 188 -29.67 15.12 -17.36
C ALA G 188 -29.36 16.36 -16.53
N ALA G 189 -30.03 17.48 -16.84
CA ALA G 189 -29.81 18.72 -16.11
C ALA G 189 -30.35 18.65 -14.69
N VAL G 190 -31.51 18.01 -14.55
CA VAL G 190 -32.15 17.87 -13.24
C VAL G 190 -31.36 16.90 -12.37
N VAL G 191 -30.82 15.85 -12.99
CA VAL G 191 -30.03 14.85 -12.25
C VAL G 191 -28.85 15.52 -11.55
N CYS G 192 -28.20 16.44 -12.26
CA CYS G 192 -27.08 17.19 -11.70
C CYS G 192 -27.52 18.08 -10.53
N GLN G 193 -28.65 18.76 -10.70
CA GLN G 193 -29.17 19.63 -9.64
C GLN G 193 -29.60 18.82 -8.43
N ALA G 194 -30.24 17.69 -8.66
CA ALA G 194 -30.74 16.84 -7.58
C ALA G 194 -29.61 16.32 -6.70
N CYS G 195 -28.55 15.84 -7.32
CA CYS G 195 -27.38 15.38 -6.59
C CYS G 195 -26.72 16.53 -5.83
N ARG G 196 -26.62 17.68 -6.48
CA ARG G 196 -26.03 18.88 -5.90
C ARG G 196 -26.80 19.32 -4.66
N ASP G 197 -28.13 19.41 -4.79
CA ASP G 197 -28.97 19.89 -3.70
C ASP G 197 -29.00 18.93 -2.51
N ALA G 198 -28.66 17.67 -2.76
CA ALA G 198 -28.68 16.66 -1.72
C ALA G 198 -27.32 16.48 -1.05
N GLY G 199 -26.35 17.30 -1.44
CA GLY G 199 -25.01 17.21 -0.91
C GLY G 199 -24.40 15.87 -1.27
N GLU G 200 -24.64 15.47 -2.51
CA GLU G 200 -24.33 14.13 -2.97
C GLU G 200 -23.39 14.18 -4.17
N THR G 201 -22.50 13.19 -4.30
CA THR G 201 -21.61 13.09 -5.45
C THR G 201 -22.42 13.02 -6.73
N GLY G 202 -22.20 13.99 -7.61
CA GLY G 202 -22.93 14.06 -8.86
C GLY G 202 -22.07 13.73 -10.06
N PRO G 203 -22.65 13.82 -11.26
CA PRO G 203 -21.95 13.54 -12.51
C PRO G 203 -20.69 14.39 -12.67
N ALA G 204 -19.71 13.89 -13.42
CA ALA G 204 -18.49 14.64 -13.65
C ALA G 204 -18.62 15.58 -14.86
N PHE G 205 -19.75 15.50 -15.54
CA PHE G 205 -19.95 16.18 -16.82
C PHE G 205 -21.40 16.04 -17.25
N GLN G 206 -21.94 17.06 -17.93
CA GLN G 206 -23.32 17.00 -18.41
C GLN G 206 -23.43 17.43 -19.87
N MET G 207 -23.97 16.54 -20.70
CA MET G 207 -24.13 16.79 -22.12
C MET G 207 -25.59 17.12 -22.42
N LEU G 208 -25.86 18.40 -22.62
CA LEU G 208 -27.24 18.84 -22.80
C LEU G 208 -27.50 19.21 -24.26
N ILE G 209 -28.21 18.32 -24.95
CA ILE G 209 -28.54 18.51 -26.37
C ILE G 209 -29.96 19.06 -26.51
N TYR G 210 -30.07 20.29 -27.00
CA TYR G 210 -31.28 21.10 -26.99
C TYR G 210 -32.32 20.71 -25.92
N PRO G 211 -31.95 20.87 -24.64
CA PRO G 211 -32.83 20.49 -23.52
C PRO G 211 -33.99 21.45 -23.32
N ALA G 212 -35.08 20.94 -22.76
CA ALA G 212 -36.13 21.80 -22.25
C ALA G 212 -35.75 22.20 -20.82
N THR G 213 -35.68 23.49 -20.56
CA THR G 213 -35.17 23.97 -19.28
C THR G 213 -36.17 24.84 -18.53
N ASP G 214 -37.23 25.29 -19.22
CA ASP G 214 -38.19 26.18 -18.60
C ASP G 214 -39.63 25.88 -19.03
N SER G 215 -40.43 25.41 -18.08
CA SER G 215 -41.84 25.11 -18.35
C SER G 215 -42.76 26.23 -17.87
N SER G 216 -42.19 27.30 -17.35
CA SER G 216 -42.98 28.38 -16.76
C SER G 216 -43.27 29.51 -17.74
N ARG G 217 -42.36 29.73 -18.67
CA ARG G 217 -42.47 30.85 -19.59
C ARG G 217 -42.37 30.44 -21.05
N GLU G 218 -42.96 31.22 -21.90
CA GLU G 218 -42.72 31.09 -23.36
CA GLU G 218 -42.73 31.09 -23.34
C GLU G 218 -41.76 32.13 -24.10
N SER G 219 -40.56 31.65 -24.24
CA SER G 219 -39.52 32.50 -24.78
C SER G 219 -39.85 33.01 -26.17
N ALA G 220 -38.99 33.85 -26.72
CA ALA G 220 -39.17 34.38 -28.07
C ALA G 220 -39.06 33.26 -29.11
N SER G 221 -38.15 32.32 -28.90
CA SER G 221 -37.97 31.24 -29.86
C SER G 221 -39.15 30.28 -29.81
N ARG G 222 -39.72 30.10 -28.61
CA ARG G 222 -40.91 29.25 -28.46
C ARG G 222 -42.10 29.81 -29.22
N VAL G 223 -42.12 31.13 -29.37
CA VAL G 223 -43.21 31.79 -30.10
C VAL G 223 -42.91 31.83 -31.59
N ALA G 224 -41.67 32.18 -31.92
CA ALA G 224 -41.28 32.35 -33.33
C ALA G 224 -41.34 31.02 -34.09
N PHE G 225 -40.90 29.95 -33.44
CA PHE G 225 -40.85 28.64 -34.08
C PHE G 225 -41.95 27.73 -33.54
N ALA G 226 -43.11 28.31 -33.26
CA ALA G 226 -44.23 27.58 -32.67
C ALA G 226 -44.80 26.54 -33.63
N GLU G 227 -44.75 26.81 -34.93
CA GLU G 227 -45.31 25.90 -35.92
C GLU G 227 -44.41 25.78 -37.16
N GLY G 228 -44.47 24.61 -37.80
CA GLY G 228 -43.81 24.42 -39.08
C GLY G 228 -42.36 23.99 -39.01
N TYR G 229 -41.84 23.76 -37.81
CA TYR G 229 -40.46 23.36 -37.66
C TYR G 229 -40.34 22.07 -36.84
N PHE G 230 -40.98 21.02 -37.35
CA PHE G 230 -40.98 19.69 -36.74
C PHE G 230 -41.57 19.63 -35.34
N LEU G 231 -40.92 20.27 -34.37
CA LEU G 231 -41.45 20.38 -33.03
C LEU G 231 -42.48 21.51 -32.96
N SER G 232 -43.75 21.17 -33.12
CA SER G 232 -44.82 22.17 -33.13
C SER G 232 -45.40 22.40 -31.75
N LYS G 233 -46.14 23.50 -31.60
CA LYS G 233 -46.77 23.85 -30.34
C LYS G 233 -47.84 22.84 -29.94
N ALA G 234 -48.57 22.34 -30.93
CA ALA G 234 -49.62 21.36 -30.69
C ALA G 234 -49.05 20.03 -30.20
N LEU G 235 -47.83 19.72 -30.63
CA LEU G 235 -47.17 18.48 -30.23
C LEU G 235 -46.64 18.58 -28.80
N MET G 236 -46.14 19.76 -28.44
CA MET G 236 -45.60 19.99 -27.10
C MET G 236 -46.71 19.93 -26.05
N ASP G 237 -47.90 20.41 -26.40
CA ASP G 237 -49.05 20.31 -25.52
C ASP G 237 -49.50 18.85 -25.43
N TRP G 238 -49.31 18.13 -26.53
CA TRP G 238 -49.66 16.71 -26.58
C TRP G 238 -48.76 15.90 -25.66
N PHE G 239 -47.48 16.28 -25.62
CA PHE G 239 -46.54 15.70 -24.67
C PHE G 239 -46.94 16.08 -23.25
N TRP G 240 -47.33 17.34 -23.08
CA TRP G 240 -47.59 17.93 -21.78
C TRP G 240 -48.78 17.31 -21.04
N GLU G 241 -49.87 17.07 -21.78
CA GLU G 241 -51.08 16.53 -21.17
C GLU G 241 -50.85 15.12 -20.63
N ALA G 242 -49.91 14.40 -21.24
CA ALA G 242 -49.57 13.07 -20.80
C ALA G 242 -48.56 13.12 -19.65
N TYR G 243 -47.57 13.99 -19.81
CA TYR G 243 -46.48 14.10 -18.84
C TYR G 243 -46.90 14.79 -17.55
N VAL G 244 -47.53 15.95 -17.67
CA VAL G 244 -47.77 16.77 -16.50
C VAL G 244 -49.22 16.70 -16.03
N PRO G 245 -49.41 16.28 -14.78
CA PRO G 245 -50.74 16.18 -14.16
C PRO G 245 -51.39 17.55 -14.06
N GLU G 246 -52.71 17.56 -13.94
CA GLU G 246 -53.43 18.80 -13.69
C GLU G 246 -52.88 19.44 -12.42
N ASP G 247 -52.72 20.76 -12.47
CA ASP G 247 -52.44 21.57 -11.29
C ASP G 247 -51.08 21.30 -10.64
N THR G 248 -50.02 21.31 -11.44
CA THR G 248 -48.65 21.30 -10.92
C THR G 248 -47.99 22.63 -11.26
N ASP G 249 -47.36 23.26 -10.27
CA ASP G 249 -46.75 24.58 -10.52
C ASP G 249 -45.58 24.44 -11.49
N LEU G 250 -45.63 25.24 -12.54
CA LEU G 250 -44.66 25.15 -13.63
C LEU G 250 -43.29 25.68 -13.22
N THR G 251 -43.20 26.20 -12.00
CA THR G 251 -41.95 26.75 -11.50
C THR G 251 -41.13 25.67 -10.78
N ASP G 252 -41.66 24.46 -10.74
CA ASP G 252 -40.96 23.33 -10.14
C ASP G 252 -39.65 23.05 -10.86
N LEU G 253 -38.56 22.93 -10.10
CA LEU G 253 -37.22 22.83 -10.68
C LEU G 253 -36.99 21.54 -11.45
N ARG G 254 -37.87 20.56 -11.28
CA ARG G 254 -37.80 19.33 -12.06
C ARG G 254 -38.43 19.55 -13.43
N LEU G 255 -39.37 20.49 -13.49
CA LEU G 255 -39.97 20.88 -14.76
C LEU G 255 -39.22 22.04 -15.39
N SER G 256 -38.65 22.89 -14.54
CA SER G 256 -37.96 24.09 -15.02
C SER G 256 -36.64 24.32 -14.28
N PRO G 257 -35.61 23.52 -14.59
CA PRO G 257 -34.30 23.62 -13.95
C PRO G 257 -33.60 24.95 -14.21
N LEU G 258 -34.04 25.68 -15.23
CA LEU G 258 -33.49 26.99 -15.53
C LEU G 258 -33.79 27.97 -14.40
N LEU G 259 -34.85 27.70 -13.64
CA LEU G 259 -35.29 28.61 -12.59
C LEU G 259 -34.56 28.41 -11.27
N ALA G 260 -33.53 27.57 -11.27
CA ALA G 260 -32.72 27.33 -10.07
C ALA G 260 -32.09 28.62 -9.56
N THR G 261 -32.05 28.78 -8.24
CA THR G 261 -31.44 29.97 -7.65
C THR G 261 -29.93 29.79 -7.49
N ASP G 262 -29.48 28.54 -7.55
CA ASP G 262 -28.07 28.22 -7.39
C ASP G 262 -27.57 27.36 -8.56
N PHE G 263 -26.53 27.84 -9.24
CA PHE G 263 -25.95 27.10 -10.37
C PHE G 263 -24.52 26.67 -10.09
N THR G 264 -23.99 27.03 -8.93
CA THR G 264 -22.65 26.61 -8.54
C THR G 264 -22.67 25.14 -8.11
N GLY G 265 -21.52 24.48 -8.23
CA GLY G 265 -21.41 23.09 -7.83
C GLY G 265 -21.93 22.13 -8.89
N LEU G 266 -22.35 22.67 -10.03
CA LEU G 266 -22.83 21.85 -11.12
C LEU G 266 -21.65 21.44 -12.03
N PRO G 267 -21.75 20.26 -12.67
CA PRO G 267 -20.64 19.70 -13.46
C PRO G 267 -20.34 20.51 -14.73
N PRO G 268 -19.10 20.43 -15.22
CA PRO G 268 -18.74 21.02 -16.52
C PRO G 268 -19.72 20.56 -17.59
N ALA G 269 -20.09 21.46 -18.50
CA ALA G 269 -21.23 21.20 -19.38
C ALA G 269 -20.94 21.42 -20.85
N PHE G 270 -21.62 20.63 -21.68
CA PHE G 270 -21.72 20.91 -23.10
C PHE G 270 -23.18 21.14 -23.43
N VAL G 271 -23.51 22.34 -23.89
CA VAL G 271 -24.89 22.69 -24.20
C VAL G 271 -25.04 23.03 -25.68
N LEU G 272 -25.95 22.33 -26.35
CA LEU G 272 -26.17 22.55 -27.78
C LEU G 272 -27.61 23.01 -28.04
N THR G 273 -27.77 23.96 -28.96
CA THR G 273 -29.09 24.37 -29.40
C THR G 273 -29.21 24.31 -30.92
N ALA G 274 -30.43 24.24 -31.41
CA ALA G 274 -30.70 24.34 -32.84
C ALA G 274 -31.33 25.69 -33.15
N GLY G 275 -30.95 26.27 -34.28
CA GLY G 275 -31.37 27.61 -34.62
C GLY G 275 -32.86 27.83 -34.79
N TYR G 276 -33.57 26.78 -35.20
CA TYR G 276 -35.01 26.88 -35.42
C TYR G 276 -35.79 26.09 -34.38
N ASP G 277 -35.12 25.76 -33.27
CA ASP G 277 -35.74 25.06 -32.16
C ASP G 277 -36.50 26.04 -31.28
N PRO G 278 -37.76 25.72 -30.96
CA PRO G 278 -38.49 26.49 -29.94
C PRO G 278 -37.73 26.53 -28.60
N LEU G 279 -36.99 25.47 -28.31
CA LEU G 279 -36.25 25.38 -27.05
C LEU G 279 -34.92 26.12 -27.06
N ARG G 280 -34.59 26.74 -28.19
CA ARG G 280 -33.29 27.36 -28.38
C ARG G 280 -32.94 28.38 -27.31
N ASP G 281 -33.82 29.36 -27.09
CA ASP G 281 -33.54 30.45 -26.16
C ASP G 281 -33.32 29.95 -24.72
N GLU G 282 -34.16 29.04 -24.26
CA GLU G 282 -34.03 28.54 -22.90
C GLU G 282 -32.83 27.62 -22.76
N GLY G 283 -32.40 27.02 -23.87
CA GLY G 283 -31.19 26.22 -23.88
C GLY G 283 -29.97 27.10 -23.67
N ARG G 284 -29.89 28.17 -24.45
CA ARG G 284 -28.79 29.12 -24.35
C ARG G 284 -28.80 29.82 -22.99
N ALA G 285 -30.00 30.10 -22.48
CA ALA G 285 -30.12 30.75 -21.18
C ALA G 285 -29.51 29.88 -20.07
N TYR G 286 -29.74 28.58 -20.17
CA TYR G 286 -29.22 27.64 -19.18
C TYR G 286 -27.69 27.63 -19.21
N ALA G 287 -27.13 27.64 -20.41
CA ALA G 287 -25.69 27.72 -20.56
C ALA G 287 -25.16 29.03 -19.97
N ASP G 288 -25.91 30.11 -20.20
CA ASP G 288 -25.54 31.42 -19.67
C ASP G 288 -25.46 31.42 -18.14
N ARG G 289 -26.41 30.76 -17.49
CA ARG G 289 -26.43 30.67 -16.03
C ARG G 289 -25.20 29.91 -15.53
N LEU G 290 -24.86 28.83 -16.21
CA LEU G 290 -23.69 28.03 -15.89
C LEU G 290 -22.41 28.85 -16.02
N ILE G 291 -22.30 29.61 -17.11
CA ILE G 291 -21.13 30.44 -17.35
C ILE G 291 -20.97 31.51 -16.27
N GLU G 292 -22.07 32.20 -15.96
CA GLU G 292 -22.05 33.22 -14.93
C GLU G 292 -21.69 32.67 -13.56
N ALA G 293 -22.07 31.42 -13.31
CA ALA G 293 -21.81 30.79 -12.01
C ALA G 293 -20.38 30.27 -11.90
N GLY G 294 -19.61 30.38 -12.97
CA GLY G 294 -18.22 29.97 -12.95
C GLY G 294 -18.02 28.50 -13.23
N ILE G 295 -18.99 27.89 -13.90
CA ILE G 295 -18.86 26.50 -14.32
C ILE G 295 -18.25 26.44 -15.71
N LYS G 296 -17.29 25.53 -15.91
CA LYS G 296 -16.74 25.31 -17.24
C LYS G 296 -17.85 24.89 -18.19
N THR G 297 -18.18 25.76 -19.13
CA THR G 297 -19.33 25.55 -20.00
C THR G 297 -18.97 25.72 -21.47
N THR G 298 -19.35 24.74 -22.27
CA THR G 298 -19.21 24.85 -23.72
C THR G 298 -20.60 24.94 -24.35
N TYR G 299 -20.88 26.06 -25.01
CA TYR G 299 -22.15 26.26 -25.69
C TYR G 299 -21.96 26.35 -27.20
N VAL G 300 -22.86 25.71 -27.94
CA VAL G 300 -22.84 25.79 -29.39
C VAL G 300 -24.24 25.85 -29.97
N ASN G 301 -24.44 26.72 -30.96
CA ASN G 301 -25.71 26.78 -31.67
C ASN G 301 -25.53 26.32 -33.11
N TYR G 302 -26.39 25.40 -33.55
CA TYR G 302 -26.40 24.95 -34.93
C TYR G 302 -27.53 25.65 -35.67
N PRO G 303 -27.21 26.71 -36.42
CA PRO G 303 -28.23 27.47 -37.14
C PRO G 303 -28.72 26.72 -38.37
N GLY G 304 -29.92 27.05 -38.84
CA GLY G 304 -30.45 26.44 -40.04
C GLY G 304 -30.87 24.98 -39.91
N THR G 305 -30.92 24.48 -38.69
CA THR G 305 -31.42 23.13 -38.46
C THR G 305 -32.53 23.13 -37.41
N ILE G 306 -33.19 21.99 -37.23
CA ILE G 306 -34.37 21.92 -36.39
C ILE G 306 -34.17 21.08 -35.14
N HIS G 307 -35.13 21.20 -34.21
CA HIS G 307 -35.21 20.32 -33.06
C HIS G 307 -35.23 18.87 -33.53
N GLY G 308 -34.45 18.02 -32.87
CA GLY G 308 -34.45 16.60 -33.19
C GLY G 308 -33.35 16.16 -34.14
N PHE G 309 -32.62 17.13 -34.71
CA PHE G 309 -31.64 16.83 -35.75
C PHE G 309 -30.47 15.97 -35.24
N PHE G 310 -30.26 15.95 -33.93
CA PHE G 310 -29.19 15.17 -33.30
C PHE G 310 -29.35 13.67 -33.57
N SER G 311 -30.59 13.23 -33.79
CA SER G 311 -30.86 11.82 -34.03
C SER G 311 -31.62 11.57 -35.34
N LEU G 312 -31.89 12.63 -36.10
CA LEU G 312 -32.48 12.48 -37.43
C LEU G 312 -31.37 12.40 -38.48
N THR G 313 -30.34 11.63 -38.16
CA THR G 313 -29.09 11.67 -38.92
C THR G 313 -29.12 10.91 -40.24
N ARG G 314 -30.25 10.31 -40.57
CA ARG G 314 -30.42 9.72 -41.90
C ARG G 314 -30.73 10.80 -42.92
N PHE G 315 -31.37 11.88 -42.47
CA PHE G 315 -31.79 12.96 -43.34
C PHE G 315 -30.95 14.23 -43.17
N LEU G 316 -30.43 14.41 -41.96
CA LEU G 316 -29.71 15.64 -41.64
C LEU G 316 -28.25 15.35 -41.25
N SER G 317 -27.33 15.69 -42.14
CA SER G 317 -25.91 15.46 -41.90
C SER G 317 -25.36 16.35 -40.79
N GLN G 318 -26.04 17.47 -40.53
CA GLN G 318 -25.67 18.35 -39.44
C GLN G 318 -25.75 17.62 -38.10
N GLY G 319 -26.67 16.67 -38.00
CA GLY G 319 -26.81 15.86 -36.81
C GLY G 319 -25.58 15.02 -36.54
N LEU G 320 -25.01 14.46 -37.61
CA LEU G 320 -23.78 13.68 -37.49
C LEU G 320 -22.64 14.58 -37.02
N LYS G 321 -22.65 15.81 -37.50
CA LYS G 321 -21.65 16.80 -37.10
C LYS G 321 -21.82 17.19 -35.64
N ALA G 322 -23.07 17.31 -35.20
CA ALA G 322 -23.37 17.62 -33.82
C ALA G 322 -23.01 16.45 -32.91
N ASN G 323 -23.28 15.23 -33.38
CA ASN G 323 -22.83 14.03 -32.67
C ASN G 323 -21.34 14.10 -32.43
N ASP G 324 -20.61 14.37 -33.51
CA ASP G 324 -19.15 14.37 -33.45
C ASP G 324 -18.61 15.46 -32.54
N GLU G 325 -19.21 16.65 -32.58
CA GLU G 325 -18.73 17.73 -31.73
C GLU G 325 -18.97 17.43 -30.25
N ALA G 326 -20.20 17.03 -29.92
CA ALA G 326 -20.53 16.67 -28.54
C ALA G 326 -19.58 15.59 -28.01
N ALA G 327 -19.41 14.53 -28.79
CA ALA G 327 -18.52 13.44 -28.42
C ALA G 327 -17.08 13.92 -28.27
N ALA G 328 -16.64 14.80 -29.16
CA ALA G 328 -15.28 15.32 -29.14
C ALA G 328 -15.01 16.16 -27.91
N VAL G 329 -15.97 17.01 -27.55
CA VAL G 329 -15.82 17.86 -26.37
C VAL G 329 -15.79 17.01 -25.09
N MET G 330 -16.66 16.01 -25.01
CA MET G 330 -16.67 15.14 -23.83
C MET G 330 -15.39 14.32 -23.77
N GLY G 331 -14.96 13.80 -24.93
CA GLY G 331 -13.74 13.04 -25.03
C GLY G 331 -12.54 13.84 -24.57
N ALA G 332 -12.44 15.08 -25.05
CA ALA G 332 -11.37 15.98 -24.67
C ALA G 332 -11.39 16.31 -23.18
N HIS G 333 -12.59 16.48 -22.63
CA HIS G 333 -12.71 16.78 -21.21
C HIS G 333 -12.24 15.62 -20.36
N PHE G 334 -12.54 14.40 -20.80
CA PHE G 334 -12.16 13.20 -20.06
C PHE G 334 -10.76 12.69 -20.45
N GLY G 335 -10.12 13.39 -21.39
CA GLY G 335 -8.78 13.04 -21.81
C GLY G 335 -8.67 11.66 -22.47
N THR G 336 -9.61 11.36 -23.36
CA THR G 336 -9.62 10.07 -24.03
C THR G 336 -8.86 10.11 -25.35
N GLN H 20 33.12 1.23 38.17
CA GLN H 20 32.03 2.19 38.19
C GLN H 20 31.00 1.84 39.27
N GLY H 21 29.96 2.65 39.39
CA GLY H 21 28.95 2.45 40.42
C GLY H 21 27.96 1.34 40.14
N MET H 22 27.90 0.89 38.90
CA MET H 22 26.95 -0.14 38.51
C MET H 22 27.44 -1.55 38.86
N LEU H 23 28.67 -1.65 39.36
CA LEU H 23 29.23 -2.93 39.79
C LEU H 23 28.44 -3.53 40.95
N LEU H 24 27.97 -4.76 40.77
CA LEU H 24 27.29 -5.46 41.85
C LEU H 24 28.27 -5.72 43.00
N PRO H 25 27.78 -5.66 44.24
CA PRO H 25 28.62 -5.88 45.43
C PRO H 25 29.43 -7.18 45.38
N GLU H 26 28.86 -8.25 44.85
CA GLU H 26 29.58 -9.51 44.75
C GLU H 26 30.71 -9.41 43.73
N THR H 27 30.51 -8.59 42.70
CA THR H 27 31.51 -8.37 41.66
C THR H 27 32.67 -7.55 42.21
N ARG H 28 32.35 -6.55 43.03
CA ARG H 28 33.35 -5.70 43.65
C ARG H 28 34.24 -6.50 44.59
N ASN H 29 33.62 -7.41 45.34
CA ASN H 29 34.34 -8.21 46.33
C ASN H 29 35.36 -9.15 45.67
N LEU H 30 34.96 -9.75 44.56
CA LEU H 30 35.85 -10.66 43.83
C LEU H 30 37.04 -9.91 43.23
N LEU H 31 36.76 -8.75 42.64
CA LEU H 31 37.81 -7.95 42.04
C LEU H 31 38.80 -7.47 43.09
N ASP H 32 38.30 -7.21 44.30
CA ASP H 32 39.15 -6.78 45.41
C ASP H 32 40.02 -7.93 45.91
N LEU H 33 39.45 -9.12 45.97
CA LEU H 33 40.19 -10.31 46.36
C LEU H 33 41.37 -10.55 45.40
N MET H 34 41.14 -10.26 44.12
CA MET H 34 42.16 -10.51 43.11
C MET H 34 43.34 -9.54 43.22
N ASP H 35 43.04 -8.26 43.40
CA ASP H 35 44.07 -7.22 43.54
C ASP H 35 44.73 -7.25 44.90
N ALA H 36 44.05 -7.86 45.86
CA ALA H 36 44.63 -8.14 47.16
C ALA H 36 45.68 -9.23 47.01
N ALA H 37 45.37 -10.22 46.18
CA ALA H 37 46.29 -11.31 45.91
C ALA H 37 47.48 -10.85 45.08
N THR H 38 47.21 -9.98 44.11
CA THR H 38 48.26 -9.47 43.23
C THR H 38 49.35 -8.73 43.98
N ARG H 39 48.96 -7.67 44.71
CA ARG H 39 49.90 -6.92 45.51
C ARG H 39 50.34 -7.72 46.73
N GLY H 40 49.63 -8.81 47.00
CA GLY H 40 50.03 -9.74 48.04
C GLY H 40 51.24 -10.54 47.62
N GLY H 41 51.43 -10.67 46.32
CA GLY H 41 52.58 -11.37 45.78
C GLY H 41 52.28 -12.23 44.56
N ARG H 42 51.02 -12.63 44.42
CA ARG H 42 50.62 -13.51 43.32
C ARG H 42 50.91 -12.89 41.95
N PRO H 43 51.79 -13.53 41.18
CA PRO H 43 52.17 -13.06 39.85
C PRO H 43 50.99 -13.08 38.88
N ARG H 44 50.87 -12.05 38.06
CA ARG H 44 49.80 -11.98 37.08
C ARG H 44 50.09 -12.93 35.91
N LEU H 45 49.03 -13.48 35.33
CA LEU H 45 49.13 -14.53 34.32
C LEU H 45 49.94 -14.09 33.08
N GLU H 46 49.82 -12.83 32.71
CA GLU H 46 50.45 -12.35 31.49
C GLU H 46 51.97 -12.14 31.62
N THR H 47 52.51 -12.47 32.80
CA THR H 47 53.95 -12.34 33.02
C THR H 47 54.61 -13.71 33.14
N LEU H 48 53.89 -14.74 32.74
CA LEU H 48 54.39 -16.10 32.79
C LEU H 48 54.42 -16.72 31.39
N PRO H 49 55.31 -17.70 31.16
CA PRO H 49 55.22 -18.48 29.92
C PRO H 49 53.89 -19.21 29.88
N HIS H 50 53.31 -19.35 28.68
CA HIS H 50 51.95 -19.83 28.54
C HIS H 50 51.72 -21.21 29.15
N ALA H 51 52.70 -22.09 29.02
CA ALA H 51 52.58 -23.45 29.54
C ALA H 51 52.58 -23.45 31.07
N VAL H 52 53.49 -22.69 31.65
CA VAL H 52 53.61 -22.60 33.11
C VAL H 52 52.38 -21.94 33.72
N GLY H 53 51.97 -20.82 33.15
CA GLY H 53 50.81 -20.09 33.63
C GLY H 53 49.53 -20.90 33.53
N ARG H 54 49.45 -21.74 32.50
CA ARG H 54 48.27 -22.57 32.27
C ARG H 54 47.98 -23.51 33.44
N LYS H 55 49.03 -24.15 33.95
CA LYS H 55 48.89 -25.12 35.03
C LYS H 55 48.35 -24.46 36.30
N ALA H 56 48.78 -23.23 36.56
CA ALA H 56 48.39 -22.53 37.76
C ALA H 56 46.97 -21.98 37.69
N VAL H 57 46.63 -21.36 36.56
CA VAL H 57 45.33 -20.72 36.41
C VAL H 57 44.19 -21.73 36.26
N ASP H 58 44.49 -22.89 35.67
CA ASP H 58 43.49 -23.94 35.50
C ASP H 58 42.99 -24.45 36.84
N LYS H 59 43.91 -24.60 37.79
CA LYS H 59 43.55 -25.01 39.14
C LYS H 59 42.62 -23.99 39.78
N MET H 60 42.94 -22.71 39.57
CA MET H 60 42.10 -21.62 40.09
C MET H 60 40.74 -21.61 39.41
N SER H 61 40.74 -21.83 38.10
CA SER H 61 39.50 -21.89 37.34
C SER H 61 38.60 -23.00 37.85
N GLU H 62 39.20 -24.15 38.14
CA GLU H 62 38.46 -25.26 38.73
C GLU H 62 37.89 -24.87 40.08
N ASP H 63 38.74 -24.29 40.93
CA ASP H 63 38.32 -23.87 42.26
C ASP H 63 37.31 -22.72 42.21
N GLY H 64 37.33 -21.96 41.12
CA GLY H 64 36.44 -20.82 40.97
C GLY H 64 35.01 -21.21 40.63
N GLU H 65 34.83 -22.46 40.19
CA GLU H 65 33.51 -22.99 39.89
C GLU H 65 32.75 -23.33 41.17
N ALA H 66 31.42 -23.29 41.09
CA ALA H 66 30.57 -23.78 42.17
C ALA H 66 30.76 -25.29 42.31
N ASP H 67 30.34 -25.85 43.44
CA ASP H 67 30.40 -27.29 43.63
C ASP H 67 29.64 -28.02 42.52
N PRO H 68 30.23 -29.08 41.98
CA PRO H 68 29.63 -29.84 40.88
C PRO H 68 28.35 -30.58 41.29
N PRO H 69 27.23 -30.25 40.66
CA PRO H 69 25.97 -30.95 40.92
C PRO H 69 26.00 -32.37 40.35
N GLU H 70 25.27 -33.29 40.97
CA GLU H 70 25.16 -34.63 40.45
C GLU H 70 24.39 -34.65 39.14
N VAL H 71 24.80 -35.54 38.24
CA VAL H 71 24.05 -35.77 37.01
C VAL H 71 23.78 -37.27 36.88
N ALA H 72 23.00 -37.66 35.88
CA ALA H 72 22.63 -39.05 35.71
C ALA H 72 23.85 -39.91 35.38
N GLU H 73 24.70 -39.41 34.49
CA GLU H 73 25.86 -40.17 34.04
C GLU H 73 26.93 -39.26 33.44
N VAL H 74 28.19 -39.58 33.71
CA VAL H 74 29.32 -38.89 33.10
C VAL H 74 30.18 -39.86 32.31
N ALA H 75 30.42 -39.54 31.04
CA ALA H 75 31.23 -40.40 30.18
C ALA H 75 32.47 -39.68 29.68
N ASN H 76 33.59 -40.39 29.66
CA ASN H 76 34.85 -39.86 29.14
C ASN H 76 35.42 -40.73 28.02
N GLY H 77 35.78 -40.09 26.92
CA GLY H 77 36.37 -40.80 25.79
C GLY H 77 37.02 -39.86 24.80
N GLY H 78 37.46 -40.41 23.67
CA GLY H 78 38.08 -39.61 22.63
C GLY H 78 37.81 -40.17 21.26
N PHE H 79 37.95 -39.31 20.24
CA PHE H 79 37.84 -39.75 18.86
C PHE H 79 38.97 -39.15 18.04
N ALA H 80 39.17 -39.68 16.84
CA ALA H 80 40.24 -39.20 15.98
C ALA H 80 39.89 -37.84 15.39
N GLY H 81 40.73 -36.84 15.67
CA GLY H 81 40.55 -35.52 15.12
C GLY H 81 41.41 -35.33 13.88
N PRO H 82 41.49 -34.09 13.37
CA PRO H 82 42.26 -33.80 12.17
C PRO H 82 43.77 -34.03 12.34
N ALA H 83 44.29 -33.79 13.53
CA ALA H 83 45.74 -33.91 13.74
C ALA H 83 46.09 -34.52 15.10
N SER H 84 45.08 -34.88 15.88
CA SER H 84 45.30 -35.50 17.18
C SER H 84 44.04 -36.19 17.67
N GLU H 85 44.11 -36.78 18.86
CA GLU H 85 42.94 -37.33 19.52
C GLU H 85 42.19 -36.21 20.25
N ILE H 86 40.89 -36.11 20.01
CA ILE H 86 40.07 -35.12 20.68
C ILE H 86 39.25 -35.77 21.80
N ARG H 87 39.57 -35.44 23.03
CA ARG H 87 38.89 -35.95 24.19
C ARG H 87 37.57 -35.23 24.44
N PHE H 88 36.61 -35.94 25.00
CA PHE H 88 35.33 -35.32 25.32
C PHE H 88 34.77 -35.85 26.63
N ARG H 89 33.81 -35.11 27.17
CA ARG H 89 33.08 -35.54 28.36
C ARG H 89 31.60 -35.32 28.16
N ARG H 90 30.83 -36.41 28.25
CA ARG H 90 29.39 -36.36 28.08
C ARG H 90 28.70 -36.27 29.43
N TYR H 91 27.75 -35.33 29.54
CA TYR H 91 26.97 -35.17 30.76
C TYR H 91 25.51 -35.54 30.49
N ARG H 92 25.03 -36.58 31.17
CA ARG H 92 23.64 -36.98 31.07
C ARG H 92 22.82 -36.34 32.19
N PRO H 93 21.80 -35.54 31.83
CA PRO H 93 20.98 -34.80 32.79
C PRO H 93 20.13 -35.71 33.69
N LEU H 94 19.95 -35.30 34.94
CA LEU H 94 19.08 -36.02 35.86
C LEU H 94 17.64 -36.04 35.38
N GLY H 95 16.99 -37.19 35.50
CA GLY H 95 15.56 -37.29 35.27
C GLY H 95 15.13 -37.60 33.84
N GLU H 96 16.07 -37.58 32.89
CA GLU H 96 15.71 -37.78 31.50
C GLU H 96 15.62 -39.25 31.12
N ALA H 97 16.78 -39.90 31.01
CA ALA H 97 16.84 -41.34 30.75
C ALA H 97 16.13 -41.77 29.47
N ALA H 98 16.26 -40.97 28.42
CA ALA H 98 15.84 -41.40 27.09
C ALA H 98 17.08 -41.74 26.28
N GLY H 99 16.92 -42.58 25.26
CA GLY H 99 18.04 -43.03 24.46
C GLY H 99 18.81 -41.88 23.84
N LEU H 100 18.14 -41.15 22.96
CA LEU H 100 18.75 -40.01 22.28
C LEU H 100 18.19 -38.71 22.85
N LEU H 101 19.10 -37.84 23.30
CA LEU H 101 18.70 -36.57 23.91
C LEU H 101 19.12 -35.38 23.06
N PRO H 102 18.39 -34.27 23.18
CA PRO H 102 18.91 -33.01 22.64
C PRO H 102 20.25 -32.71 23.28
N THR H 103 21.23 -32.26 22.50
CA THR H 103 22.59 -32.21 22.98
C THR H 103 23.27 -30.88 22.69
N LEU H 104 23.97 -30.35 23.70
CA LEU H 104 24.78 -29.16 23.53
C LEU H 104 26.26 -29.55 23.47
N ILE H 105 26.88 -29.34 22.32
CA ILE H 105 28.33 -29.47 22.20
C ILE H 105 28.96 -28.20 22.74
N TYR H 106 29.71 -28.33 23.84
CA TYR H 106 30.23 -27.17 24.54
C TYR H 106 31.74 -27.02 24.40
N TYR H 107 32.19 -25.80 24.13
CA TYR H 107 33.60 -25.49 24.04
C TYR H 107 34.01 -24.53 25.14
N HIS H 108 34.92 -24.95 26.01
CA HIS H 108 35.38 -24.12 27.11
C HIS H 108 36.07 -22.84 26.63
N GLY H 109 36.16 -21.86 27.51
CA GLY H 109 36.86 -20.62 27.20
C GLY H 109 38.27 -20.60 27.75
N GLY H 110 38.99 -19.52 27.48
CA GLY H 110 40.36 -19.39 27.94
C GLY H 110 41.31 -18.82 26.89
N GLY H 111 40.74 -18.08 25.94
CA GLY H 111 41.54 -17.43 24.91
C GLY H 111 42.33 -18.38 24.03
N PHE H 112 41.80 -19.60 23.88
CA PHE H 112 42.45 -20.65 23.09
C PHE H 112 43.82 -21.03 23.63
N VAL H 113 44.08 -20.69 24.89
CA VAL H 113 45.39 -20.97 25.50
C VAL H 113 45.25 -21.77 26.79
N ILE H 114 44.31 -21.37 27.64
CA ILE H 114 44.09 -22.04 28.92
C ILE H 114 42.69 -22.64 29.01
N GLY H 115 42.41 -23.26 30.14
CA GLY H 115 41.12 -23.91 30.35
C GLY H 115 41.05 -25.28 29.72
N ASN H 116 40.11 -26.09 30.19
CA ASN H 116 39.88 -27.43 29.66
C ASN H 116 38.54 -27.96 30.16
N ILE H 117 38.36 -29.28 30.06
CA ILE H 117 37.11 -29.91 30.47
C ILE H 117 36.88 -29.76 31.98
N GLU H 118 37.95 -29.87 32.75
CA GLU H 118 37.85 -29.80 34.21
C GLU H 118 37.46 -28.41 34.71
N THR H 119 38.00 -27.37 34.06
CA THR H 119 37.74 -25.99 34.48
C THR H 119 36.28 -25.57 34.28
N HIS H 120 35.56 -26.30 33.43
CA HIS H 120 34.17 -25.96 33.14
C HIS H 120 33.23 -27.13 33.44
N ASP H 121 33.72 -28.07 34.24
CA ASP H 121 32.98 -29.28 34.56
C ASP H 121 31.68 -29.00 35.30
N SER H 122 31.77 -28.27 36.41
CA SER H 122 30.60 -27.95 37.23
C SER H 122 29.55 -27.18 36.45
N THR H 123 30.02 -26.26 35.60
CA THR H 123 29.14 -25.46 34.77
C THR H 123 28.36 -26.33 33.79
N CYS H 124 29.07 -27.21 33.08
CA CYS H 124 28.42 -28.11 32.14
C CYS H 124 27.37 -28.99 32.82
N ARG H 125 27.71 -29.48 34.02
CA ARG H 125 26.79 -30.28 34.82
C ARG H 125 25.49 -29.52 35.09
N ARG H 126 25.62 -28.26 35.51
CA ARG H 126 24.43 -27.45 35.79
C ARG H 126 23.63 -27.19 34.51
N LEU H 127 24.33 -26.85 33.43
CA LEU H 127 23.69 -26.65 32.13
C LEU H 127 22.86 -27.86 31.72
N ALA H 128 23.45 -29.04 31.86
CA ALA H 128 22.76 -30.28 31.51
C ALA H 128 21.49 -30.45 32.33
N ASN H 129 21.61 -30.36 33.65
CA ASN H 129 20.48 -30.55 34.55
C ASN H 129 19.36 -29.55 34.34
N LYS H 130 19.73 -28.28 34.21
CA LYS H 130 18.76 -27.21 34.08
C LYS H 130 18.05 -27.24 32.72
N SER H 131 18.79 -27.63 31.68
CA SER H 131 18.23 -27.62 30.34
C SER H 131 17.58 -28.95 29.99
N ARG H 132 17.91 -29.98 30.78
CA ARG H 132 17.49 -31.35 30.50
C ARG H 132 17.98 -31.79 29.12
N CYS H 133 19.15 -31.28 28.74
CA CYS H 133 19.84 -31.72 27.54
C CYS H 133 21.16 -32.36 27.92
N GLN H 134 21.62 -33.30 27.11
CA GLN H 134 22.97 -33.80 27.25
C GLN H 134 23.97 -32.71 26.89
N VAL H 135 25.03 -32.60 27.67
CA VAL H 135 26.13 -31.71 27.34
C VAL H 135 27.37 -32.52 27.02
N ILE H 136 28.03 -32.18 25.93
CA ILE H 136 29.30 -32.79 25.57
C ILE H 136 30.37 -31.70 25.51
N SER H 137 31.33 -31.76 26.44
CA SER H 137 32.40 -30.77 26.51
C SER H 137 33.60 -31.24 25.69
N ILE H 138 34.15 -30.35 24.87
CA ILE H 138 35.20 -30.71 23.94
C ILE H 138 36.57 -30.21 24.40
N ASP H 139 37.54 -31.11 24.42
CA ASP H 139 38.90 -30.76 24.79
C ASP H 139 39.76 -30.53 23.56
N TYR H 140 39.56 -29.37 22.91
CA TYR H 140 40.27 -29.03 21.69
C TYR H 140 41.72 -28.64 21.97
N ARG H 141 42.56 -28.68 20.94
CA ARG H 141 43.98 -28.33 21.10
C ARG H 141 44.14 -26.85 21.43
N LEU H 142 45.20 -26.53 22.16
CA LEU H 142 45.40 -25.17 22.66
C LEU H 142 46.72 -24.56 22.20
N ALA H 143 46.72 -23.23 22.11
CA ALA H 143 47.92 -22.45 21.82
C ALA H 143 48.72 -22.31 23.12
N PRO H 144 50.04 -22.04 23.01
CA PRO H 144 50.86 -21.81 21.82
C PRO H 144 51.32 -23.09 21.12
N GLU H 145 51.13 -24.23 21.77
CA GLU H 145 51.55 -25.51 21.20
C GLU H 145 50.86 -25.77 19.86
N HIS H 146 49.58 -25.39 19.78
CA HIS H 146 48.81 -25.54 18.55
C HIS H 146 48.05 -24.27 18.25
N PRO H 147 48.72 -23.30 17.60
CA PRO H 147 48.13 -22.00 17.31
C PRO H 147 47.06 -22.05 16.23
N PHE H 148 46.44 -20.90 15.95
CA PHE H 148 45.47 -20.75 14.86
C PHE H 148 46.02 -21.36 13.57
N PRO H 149 45.18 -22.10 12.82
CA PRO H 149 43.75 -22.33 13.07
C PRO H 149 43.43 -23.66 13.77
N ALA H 150 44.38 -24.25 14.48
CA ALA H 150 44.18 -25.57 15.08
C ALA H 150 43.02 -25.67 16.09
N PRO H 151 42.89 -24.70 17.02
CA PRO H 151 41.81 -24.89 18.02
C PRO H 151 40.41 -24.93 17.42
N ILE H 152 40.14 -24.11 16.42
CA ILE H 152 38.82 -24.07 15.82
C ILE H 152 38.61 -25.27 14.88
N ASP H 153 39.67 -25.67 14.20
CA ASP H 153 39.63 -26.87 13.36
C ASP H 153 39.13 -28.09 14.15
N ASP H 154 39.59 -28.22 15.38
CA ASP H 154 39.12 -29.29 16.26
C ASP H 154 37.65 -29.09 16.62
N GLY H 155 37.27 -27.85 16.87
CA GLY H 155 35.89 -27.51 17.21
C GLY H 155 34.92 -27.89 16.11
N ILE H 156 35.31 -27.59 14.87
CA ILE H 156 34.49 -27.94 13.71
C ILE H 156 34.45 -29.46 13.52
N ALA H 157 35.61 -30.09 13.62
CA ALA H 157 35.72 -31.54 13.49
C ALA H 157 34.92 -32.24 14.58
N ALA H 158 34.94 -31.67 15.78
CA ALA H 158 34.20 -32.23 16.90
C ALA H 158 32.70 -32.24 16.62
N PHE H 159 32.18 -31.13 16.10
CA PHE H 159 30.77 -31.07 15.75
C PHE H 159 30.43 -32.05 14.62
N ARG H 160 31.24 -32.04 13.58
CA ARG H 160 31.00 -32.89 12.41
C ARG H 160 31.00 -34.37 12.77
N HIS H 161 31.96 -34.77 13.61
CA HIS H 161 32.06 -36.17 14.02
C HIS H 161 30.85 -36.60 14.84
N ILE H 162 30.48 -35.78 15.82
CA ILE H 162 29.34 -36.08 16.67
C ILE H 162 28.04 -36.07 15.87
N ARG H 163 27.89 -35.09 14.98
CA ARG H 163 26.74 -35.01 14.09
C ARG H 163 26.57 -36.29 13.26
N ASP H 164 27.67 -36.78 12.71
CA ASP H 164 27.63 -37.96 11.85
C ASP H 164 27.64 -39.27 12.64
N ASN H 165 27.84 -39.17 13.96
CA ASN H 165 27.82 -40.34 14.83
C ASN H 165 26.93 -40.09 16.04
N ALA H 166 25.80 -39.44 15.81
CA ALA H 166 24.94 -38.96 16.88
C ALA H 166 24.52 -40.04 17.88
N GLU H 167 24.03 -41.17 17.36
CA GLU H 167 23.51 -42.23 18.21
C GLU H 167 24.58 -42.81 19.13
N SER H 168 25.80 -42.92 18.64
CA SER H 168 26.90 -43.42 19.45
C SER H 168 27.29 -42.41 20.53
N PHE H 169 26.88 -41.15 20.33
CA PHE H 169 27.08 -40.13 21.34
C PHE H 169 25.79 -39.87 22.11
N GLY H 170 24.81 -40.74 21.91
CA GLY H 170 23.52 -40.63 22.58
C GLY H 170 22.79 -39.34 22.29
N ALA H 171 23.00 -38.80 21.10
CA ALA H 171 22.44 -37.50 20.75
C ALA H 171 21.32 -37.61 19.71
N ASP H 172 20.29 -36.78 19.88
CA ASP H 172 19.26 -36.59 18.88
C ASP H 172 19.78 -35.65 17.80
N ALA H 173 20.09 -36.22 16.64
CA ALA H 173 20.72 -35.48 15.55
C ALA H 173 19.92 -34.26 15.09
N ALA H 174 18.60 -34.29 15.30
CA ALA H 174 17.75 -33.16 14.90
C ALA H 174 17.84 -32.01 15.89
N ARG H 175 18.36 -32.29 17.08
CA ARG H 175 18.49 -31.27 18.12
C ARG H 175 19.91 -31.21 18.67
N LEU H 176 20.86 -30.91 17.78
CA LEU H 176 22.26 -30.79 18.15
C LEU H 176 22.69 -29.34 18.20
N ALA H 177 23.05 -28.87 19.39
CA ALA H 177 23.46 -27.48 19.56
C ALA H 177 24.96 -27.37 19.77
N VAL H 178 25.50 -26.18 19.50
CA VAL H 178 26.88 -25.87 19.87
C VAL H 178 26.89 -24.64 20.75
N GLY H 179 27.91 -24.50 21.58
CA GLY H 179 27.98 -23.38 22.50
C GLY H 179 29.31 -23.29 23.20
N GLY H 180 29.52 -22.18 23.88
CA GLY H 180 30.77 -21.96 24.58
C GLY H 180 30.85 -20.58 25.18
N ASP H 181 31.83 -20.37 26.05
CA ASP H 181 32.03 -19.09 26.69
C ASP H 181 33.29 -18.43 26.17
N ALA H 182 33.19 -17.15 25.83
CA ALA H 182 34.32 -16.36 25.40
C ALA H 182 34.97 -16.96 24.15
N ALA H 183 36.22 -17.39 24.26
CA ALA H 183 36.90 -18.06 23.15
C ALA H 183 36.08 -19.24 22.64
N GLY H 184 35.46 -19.96 23.57
CA GLY H 184 34.59 -21.06 23.22
C GLY H 184 33.32 -20.58 22.54
N GLY H 185 32.88 -19.38 22.90
CA GLY H 185 31.73 -18.77 22.26
C GLY H 185 32.06 -18.40 20.83
N ALA H 186 33.27 -17.90 20.62
CA ALA H 186 33.78 -17.61 19.29
C ALA H 186 33.78 -18.88 18.43
N MET H 187 34.28 -19.97 19.03
CA MET H 187 34.37 -21.25 18.34
C MET H 187 32.99 -21.72 17.89
N ALA H 188 32.03 -21.66 18.80
CA ALA H 188 30.65 -22.07 18.50
C ALA H 188 30.08 -21.29 17.32
N ALA H 189 30.31 -19.98 17.31
CA ALA H 189 29.81 -19.12 16.24
C ALA H 189 30.47 -19.48 14.90
N VAL H 190 31.79 -19.69 14.94
CA VAL H 190 32.54 -20.02 13.74
C VAL H 190 32.11 -21.36 13.15
N VAL H 191 31.85 -22.33 14.02
CA VAL H 191 31.38 -23.64 13.59
C VAL H 191 30.09 -23.52 12.78
N CYS H 192 29.19 -22.65 13.25
CA CYS H 192 27.93 -22.44 12.55
C CYS H 192 28.14 -21.81 11.17
N GLN H 193 29.06 -20.86 11.08
CA GLN H 193 29.35 -20.21 9.80
C GLN H 193 30.02 -21.20 8.85
N ALA H 194 30.95 -21.99 9.37
CA ALA H 194 31.71 -22.93 8.55
C ALA H 194 30.79 -23.94 7.87
N CYS H 195 29.89 -24.54 8.65
CA CYS H 195 28.91 -25.49 8.12
C CYS H 195 28.00 -24.82 7.10
N ARG H 196 27.55 -23.61 7.42
CA ARG H 196 26.68 -22.85 6.53
C ARG H 196 27.38 -22.57 5.20
N ASP H 197 28.60 -22.07 5.27
CA ASP H 197 29.37 -21.73 4.08
C ASP H 197 29.72 -22.95 3.24
N ALA H 198 29.86 -24.10 3.88
CA ALA H 198 30.21 -25.33 3.18
C ALA H 198 28.99 -26.06 2.63
N GLY H 199 27.80 -25.55 2.94
CA GLY H 199 26.57 -26.17 2.50
C GLY H 199 26.23 -27.41 3.32
N GLU H 200 26.90 -27.58 4.44
CA GLU H 200 26.66 -28.71 5.32
C GLU H 200 25.49 -28.48 6.27
N THR H 201 24.97 -29.57 6.83
CA THR H 201 23.99 -29.47 7.89
C THR H 201 24.67 -29.00 9.16
N GLY H 202 24.26 -27.84 9.65
CA GLY H 202 24.89 -27.27 10.84
C GLY H 202 24.09 -27.50 12.10
N PRO H 203 24.53 -26.88 13.21
CA PRO H 203 23.85 -26.96 14.52
C PRO H 203 22.42 -26.46 14.44
N ALA H 204 21.56 -26.96 15.33
CA ALA H 204 20.18 -26.52 15.38
C ALA H 204 20.05 -25.30 16.28
N PHE H 205 21.11 -25.00 17.02
CA PHE H 205 21.08 -23.96 18.05
C PHE H 205 22.51 -23.57 18.43
N GLN H 206 22.72 -22.30 18.73
CA GLN H 206 24.04 -21.84 19.19
C GLN H 206 23.91 -21.02 20.48
N MET H 207 24.67 -21.42 21.50
CA MET H 207 24.68 -20.72 22.78
C MET H 207 25.98 -19.94 22.94
N LEU H 208 25.91 -18.64 22.69
CA LEU H 208 27.10 -17.80 22.71
C LEU H 208 27.21 -16.99 24.00
N ILE H 209 28.07 -17.46 24.91
CA ILE H 209 28.28 -16.80 26.19
C ILE H 209 29.47 -15.86 26.12
N TYR H 210 29.18 -14.56 26.22
CA TYR H 210 30.12 -13.46 25.93
C TYR H 210 31.26 -13.81 24.97
N PRO H 211 30.92 -14.10 23.71
CA PRO H 211 31.91 -14.51 22.71
C PRO H 211 32.79 -13.37 22.22
N ALA H 212 34.01 -13.69 21.80
CA ALA H 212 34.82 -12.77 21.03
C ALA H 212 34.41 -12.91 19.57
N THR H 213 34.05 -11.79 18.94
CA THR H 213 33.51 -11.87 17.58
C THR H 213 34.26 -10.98 16.59
N ASP H 214 35.11 -10.09 17.09
CA ASP H 214 35.82 -9.16 16.23
C ASP H 214 37.24 -8.91 16.72
N SER H 215 38.22 -9.42 15.97
CA SER H 215 39.62 -9.24 16.32
C SER H 215 40.26 -8.12 15.50
N SER H 216 39.45 -7.42 14.71
CA SER H 216 39.97 -6.44 13.75
C SER H 216 39.93 -5.00 14.29
N ARG H 217 39.07 -4.75 15.27
CA ARG H 217 38.89 -3.40 15.78
C ARG H 217 38.53 -3.39 17.26
N GLU H 218 38.91 -2.31 17.94
CA GLU H 218 38.62 -2.18 19.37
C GLU H 218 37.36 -1.37 19.60
N SER H 219 36.32 -2.03 20.11
CA SER H 219 35.05 -1.38 20.38
C SER H 219 35.17 -0.41 21.56
N ALA H 220 34.08 0.32 21.82
CA ALA H 220 34.06 1.25 22.93
C ALA H 220 34.20 0.54 24.28
N SER H 221 33.58 -0.63 24.40
CA SER H 221 33.68 -1.40 25.64
C SER H 221 35.08 -1.98 25.80
N ARG H 222 35.68 -2.39 24.69
CA ARG H 222 37.05 -2.90 24.70
C ARG H 222 38.03 -1.86 25.26
N VAL H 223 37.76 -0.60 24.98
CA VAL H 223 38.59 0.49 25.47
C VAL H 223 38.23 0.85 26.91
N ALA H 224 36.94 0.95 27.19
CA ALA H 224 36.46 1.38 28.49
C ALA H 224 36.81 0.38 29.60
N PHE H 225 36.75 -0.91 29.28
CA PHE H 225 36.99 -1.95 30.27
C PHE H 225 38.31 -2.66 30.02
N ALA H 226 39.27 -1.92 29.45
CA ALA H 226 40.56 -2.49 29.08
C ALA H 226 41.40 -2.89 30.29
N GLU H 227 41.07 -2.35 31.45
CA GLU H 227 41.86 -2.59 32.65
C GLU H 227 41.02 -2.58 33.93
N GLY H 228 41.29 -3.54 34.81
CA GLY H 228 40.69 -3.56 36.13
C GLY H 228 39.44 -4.43 36.28
N TYR H 229 39.03 -5.08 35.20
CA TYR H 229 37.83 -5.91 35.24
C TYR H 229 38.11 -7.35 34.85
N PHE H 230 39.01 -7.99 35.62
CA PHE H 230 39.41 -9.38 35.40
C PHE H 230 40.06 -9.67 34.05
N LEU H 231 39.27 -9.54 32.97
CA LEU H 231 39.81 -9.66 31.63
C LEU H 231 40.42 -8.34 31.17
N SER H 232 41.75 -8.25 31.26
CA SER H 232 42.45 -7.03 30.91
C SER H 232 43.06 -7.11 29.52
N LYS H 233 43.37 -5.94 28.95
CA LYS H 233 44.01 -5.84 27.64
C LYS H 233 45.36 -6.56 27.63
N ALA H 234 46.08 -6.47 28.74
CA ALA H 234 47.37 -7.14 28.88
C ALA H 234 47.23 -8.66 28.77
N LEU H 235 46.14 -9.18 29.33
CA LEU H 235 45.87 -10.62 29.27
C LEU H 235 45.44 -11.02 27.86
N MET H 236 44.62 -10.18 27.23
CA MET H 236 44.15 -10.44 25.86
C MET H 236 45.32 -10.49 24.89
N ASP H 237 46.27 -9.56 25.03
CA ASP H 237 47.46 -9.55 24.20
C ASP H 237 48.31 -10.79 24.47
N TRP H 238 48.32 -11.23 25.73
CA TRP H 238 49.06 -12.41 26.15
C TRP H 238 48.49 -13.67 25.47
N PHE H 239 47.16 -13.75 25.43
CA PHE H 239 46.48 -14.83 24.71
C PHE H 239 46.80 -14.76 23.22
N TRP H 240 46.82 -13.56 22.68
CA TRP H 240 46.92 -13.35 21.24
C TRP H 240 48.26 -13.81 20.67
N GLU H 241 49.34 -13.57 21.40
CA GLU H 241 50.68 -13.89 20.92
C GLU H 241 50.90 -15.39 20.82
N ALA H 242 50.17 -16.15 21.64
CA ALA H 242 50.25 -17.60 21.61
C ALA H 242 49.33 -18.14 20.53
N TYR H 243 48.16 -17.53 20.40
CA TYR H 243 47.11 -18.03 19.52
C TYR H 243 47.31 -17.66 18.05
N VAL H 244 47.65 -16.39 17.81
CA VAL H 244 47.69 -15.90 16.44
C VAL H 244 49.10 -15.67 15.93
N PRO H 245 49.46 -16.34 14.83
CA PRO H 245 50.78 -16.23 14.19
C PRO H 245 50.98 -14.87 13.53
N GLU H 246 52.20 -14.64 13.08
CA GLU H 246 52.58 -13.35 12.49
C GLU H 246 51.79 -13.01 11.23
N ASP H 247 51.45 -11.73 11.12
CA ASP H 247 50.81 -11.16 9.95
C ASP H 247 49.63 -12.02 9.48
N THR H 248 48.78 -12.40 10.42
CA THR H 248 47.53 -13.05 10.06
C THR H 248 46.50 -11.96 9.80
N ASP H 249 45.74 -12.10 8.71
CA ASP H 249 44.71 -11.14 8.39
C ASP H 249 43.65 -11.12 9.49
N LEU H 250 43.61 -10.02 10.24
CA LEU H 250 42.73 -9.90 11.40
C LEU H 250 41.25 -9.91 11.02
N THR H 251 40.97 -9.74 9.73
CA THR H 251 39.60 -9.75 9.25
C THR H 251 39.14 -11.16 8.88
N ASP H 252 40.00 -12.14 9.13
CA ASP H 252 39.66 -13.54 8.89
C ASP H 252 38.43 -13.93 9.72
N LEU H 253 37.43 -14.52 9.06
CA LEU H 253 36.15 -14.79 9.69
C LEU H 253 36.24 -15.82 10.82
N ARG H 254 37.31 -16.61 10.82
CA ARG H 254 37.54 -17.55 11.91
C ARG H 254 38.09 -16.82 13.13
N LEU H 255 38.63 -15.63 12.90
CA LEU H 255 39.09 -14.77 13.98
C LEU H 255 38.04 -13.69 14.28
N SER H 256 37.30 -13.29 13.25
CA SER H 256 36.31 -12.24 13.39
C SER H 256 35.00 -12.59 12.70
N PRO H 257 34.21 -13.51 13.29
CA PRO H 257 32.94 -13.94 12.70
C PRO H 257 31.92 -12.81 12.56
N LEU H 258 32.09 -11.73 13.33
CA LEU H 258 31.20 -10.58 13.24
C LEU H 258 31.27 -9.94 11.86
N LEU H 259 32.43 -10.06 11.20
CA LEU H 259 32.65 -9.41 9.91
C LEU H 259 32.05 -10.19 8.73
N ALA H 260 31.31 -11.26 9.03
CA ALA H 260 30.67 -12.06 7.98
C ALA H 260 29.68 -11.22 7.18
N THR H 261 29.68 -11.41 5.86
CA THR H 261 28.83 -10.63 4.97
C THR H 261 27.43 -11.22 4.87
N ASP H 262 27.27 -12.44 5.34
CA ASP H 262 25.99 -13.13 5.29
C ASP H 262 25.69 -13.79 6.64
N PHE H 263 24.54 -13.46 7.22
CA PHE H 263 24.14 -14.02 8.50
C PHE H 263 22.92 -14.92 8.38
N THR H 264 22.37 -15.02 7.17
CA THR H 264 21.22 -15.89 6.94
C THR H 264 21.65 -17.35 6.93
N GLY H 265 20.76 -18.23 7.35
CA GLY H 265 21.04 -19.65 7.35
C GLY H 265 21.73 -20.12 8.62
N LEU H 266 21.93 -19.20 9.56
CA LEU H 266 22.54 -19.54 10.84
C LEU H 266 21.45 -19.98 11.83
N PRO H 267 21.80 -20.89 12.74
CA PRO H 267 20.81 -21.44 13.68
C PRO H 267 20.33 -20.44 14.72
N PRO H 268 19.14 -20.67 15.29
CA PRO H 268 18.64 -19.87 16.41
C PRO H 268 19.70 -19.72 17.50
N ALA H 269 19.77 -18.55 18.11
CA ALA H 269 20.90 -18.23 18.98
C ALA H 269 20.48 -17.74 20.35
N PHE H 270 21.33 -18.01 21.34
CA PHE H 270 21.27 -17.34 22.63
C PHE H 270 22.59 -16.61 22.82
N VAL H 271 22.53 -15.30 22.94
CA VAL H 271 23.73 -14.50 23.07
C VAL H 271 23.70 -13.73 24.38
N LEU H 272 24.70 -13.95 25.23
CA LEU H 272 24.78 -13.29 26.52
C LEU H 272 26.02 -12.41 26.59
N THR H 273 25.87 -11.22 27.18
CA THR H 273 27.02 -10.37 27.44
C THR H 273 27.06 -9.96 28.91
N ALA H 274 28.23 -9.54 29.37
CA ALA H 274 28.39 -9.01 30.72
C ALA H 274 28.67 -7.52 30.66
N GLY H 275 28.11 -6.77 31.62
CA GLY H 275 28.15 -5.32 31.60
C GLY H 275 29.52 -4.66 31.58
N TYR H 276 30.50 -5.30 32.23
CA TYR H 276 31.85 -4.75 32.28
C TYR H 276 32.85 -5.59 31.49
N ASP H 277 32.32 -6.31 30.50
CA ASP H 277 33.14 -7.14 29.63
C ASP H 277 33.63 -6.31 28.43
N PRO H 278 34.95 -6.34 28.17
CA PRO H 278 35.48 -5.71 26.96
C PRO H 278 34.81 -6.21 25.68
N LEU H 279 34.37 -7.46 25.70
CA LEU H 279 33.76 -8.10 24.53
C LEU H 279 32.26 -7.81 24.41
N ARG H 280 31.73 -7.04 25.35
CA ARG H 280 30.30 -6.76 25.43
C ARG H 280 29.71 -6.24 24.12
N ASP H 281 30.26 -5.13 23.63
CA ASP H 281 29.74 -4.46 22.44
C ASP H 281 29.72 -5.37 21.21
N GLU H 282 30.81 -6.08 20.96
CA GLU H 282 30.90 -6.93 19.78
C GLU H 282 30.04 -8.17 19.93
N GLY H 283 29.80 -8.58 21.18
CA GLY H 283 28.88 -9.66 21.46
C GLY H 283 27.46 -9.25 21.11
N ARG H 284 27.07 -8.06 21.53
CA ARG H 284 25.73 -7.55 21.25
C ARG H 284 25.54 -7.26 19.75
N ALA H 285 26.60 -6.79 19.11
CA ALA H 285 26.56 -6.50 17.68
C ALA H 285 26.32 -7.78 16.87
N TYR H 286 26.92 -8.87 17.31
CA TYR H 286 26.73 -10.17 16.65
C TYR H 286 25.27 -10.59 16.75
N ALA H 287 24.69 -10.43 17.93
CA ALA H 287 23.28 -10.71 18.12
C ALA H 287 22.43 -9.80 17.24
N ASP H 288 22.83 -8.54 17.13
CA ASP H 288 22.14 -7.59 16.26
C ASP H 288 22.14 -8.06 14.81
N ARG H 289 23.31 -8.49 14.33
CA ARG H 289 23.43 -8.98 12.95
C ARG H 289 22.49 -10.16 12.71
N LEU H 290 22.46 -11.10 13.66
CA LEU H 290 21.54 -12.23 13.60
C LEU H 290 20.09 -11.78 13.55
N ILE H 291 19.74 -10.84 14.42
CA ILE H 291 18.37 -10.32 14.46
C ILE H 291 17.97 -9.68 13.13
N GLU H 292 18.85 -8.83 12.60
CA GLU H 292 18.58 -8.14 11.35
C GLU H 292 18.42 -9.13 10.19
N ALA H 293 19.13 -10.24 10.26
CA ALA H 293 19.11 -11.25 9.20
C ALA H 293 17.90 -12.17 9.32
N GLY H 294 17.10 -11.99 10.36
CA GLY H 294 15.88 -12.75 10.52
C GLY H 294 16.08 -14.09 11.20
N ILE H 295 17.11 -14.19 12.01
CA ILE H 295 17.36 -15.41 12.79
C ILE H 295 16.72 -15.27 14.16
N LYS H 296 16.07 -16.33 14.63
CA LYS H 296 15.52 -16.31 15.98
C LYS H 296 16.66 -16.12 16.96
N THR H 297 16.67 -14.99 17.64
CA THR H 297 17.81 -14.60 18.46
C THR H 297 17.37 -14.10 19.82
N THR H 298 17.94 -14.68 20.87
CA THR H 298 17.71 -14.22 22.23
C THR H 298 18.98 -13.55 22.75
N TYR H 299 18.89 -12.27 23.06
CA TYR H 299 20.02 -11.55 23.63
C TYR H 299 19.74 -11.13 25.07
N VAL H 300 20.74 -11.28 25.93
CA VAL H 300 20.63 -10.78 27.29
C VAL H 300 21.94 -10.17 27.74
N ASN H 301 21.86 -9.03 28.40
CA ASN H 301 23.03 -8.42 29.01
C ASN H 301 22.91 -8.49 30.53
N TYR H 302 23.96 -8.98 31.17
CA TYR H 302 24.03 -8.99 32.62
C TYR H 302 24.89 -7.82 33.08
N PRO H 303 24.24 -6.71 33.46
CA PRO H 303 24.98 -5.52 33.87
C PRO H 303 25.61 -5.71 35.24
N GLY H 304 26.72 -5.01 35.50
CA GLY H 304 27.33 -5.04 36.80
C GLY H 304 28.08 -6.31 37.15
N THR H 305 28.34 -7.14 36.15
CA THR H 305 29.20 -8.31 36.36
C THR H 305 30.31 -8.33 35.32
N ILE H 306 31.24 -9.27 35.47
CA ILE H 306 32.45 -9.27 34.65
C ILE H 306 32.54 -10.43 33.68
N HIS H 307 33.53 -10.33 32.78
CA HIS H 307 33.88 -11.44 31.90
C HIS H 307 34.28 -12.64 32.75
N GLY H 308 33.81 -13.82 32.38
CA GLY H 308 34.17 -15.04 33.09
C GLY H 308 33.23 -15.43 34.21
N PHE H 309 32.21 -14.61 34.45
CA PHE H 309 31.31 -14.86 35.58
C PHE H 309 30.43 -16.09 35.38
N PHE H 310 30.28 -16.52 34.14
CA PHE H 310 29.47 -17.68 33.78
C PHE H 310 30.01 -18.96 34.40
N SER H 311 31.30 -18.95 34.74
CA SER H 311 31.95 -20.14 35.31
C SER H 311 32.65 -19.83 36.64
N LEU H 312 32.61 -18.57 37.06
CA LEU H 312 33.15 -18.18 38.35
C LEU H 312 32.05 -18.24 39.41
N THR H 313 31.30 -19.33 39.41
CA THR H 313 30.06 -19.39 40.17
C THR H 313 30.23 -19.72 41.65
N ARG H 314 31.47 -19.91 42.09
CA ARG H 314 31.72 -20.02 43.52
C ARG H 314 31.67 -18.64 44.15
N PHE H 315 32.03 -17.62 43.38
CA PHE H 315 32.11 -16.27 43.89
C PHE H 315 30.97 -15.38 43.41
N LEU H 316 30.52 -15.61 42.18
CA LEU H 316 29.51 -14.77 41.57
C LEU H 316 28.21 -15.54 41.34
N SER H 317 27.21 -15.22 42.15
CA SER H 317 25.92 -15.91 42.05
C SER H 317 25.20 -15.53 40.76
N GLN H 318 25.55 -14.37 40.20
CA GLN H 318 25.02 -13.98 38.89
C GLN H 318 25.32 -15.04 37.83
N GLY H 319 26.47 -15.69 37.97
CA GLY H 319 26.86 -16.75 37.06
C GLY H 319 25.89 -17.92 37.08
N LEU H 320 25.40 -18.27 38.26
CA LEU H 320 24.44 -19.35 38.41
C LEU H 320 23.11 -18.98 37.75
N LYS H 321 22.72 -17.72 37.90
CA LYS H 321 21.53 -17.21 37.24
C LYS H 321 21.72 -17.24 35.72
N ALA H 322 22.92 -16.88 35.29
CA ALA H 322 23.28 -16.92 33.87
C ALA H 322 23.24 -18.35 33.34
N ASN H 323 23.79 -19.29 34.11
CA ASN H 323 23.73 -20.70 33.73
C ASN H 323 22.28 -21.13 33.50
N ASP H 324 21.42 -20.76 34.44
CA ASP H 324 20.03 -21.18 34.40
C ASP H 324 19.26 -20.57 33.22
N GLU H 325 19.46 -19.28 32.97
CA GLU H 325 18.78 -18.62 31.86
C GLU H 325 19.18 -19.25 30.52
N ALA H 326 20.48 -19.39 30.31
CA ALA H 326 21.00 -20.02 29.10
C ALA H 326 20.40 -21.40 28.91
N ALA H 327 20.43 -22.20 29.97
CA ALA H 327 19.91 -23.56 29.94
C ALA H 327 18.41 -23.59 29.70
N ALA H 328 17.70 -22.67 30.33
CA ALA H 328 16.25 -22.60 30.22
C ALA H 328 15.82 -22.21 28.82
N VAL H 329 16.57 -21.32 28.20
CA VAL H 329 16.26 -20.89 26.83
C VAL H 329 16.50 -22.01 25.85
N MET H 330 17.61 -22.73 26.00
CA MET H 330 17.91 -23.86 25.11
C MET H 330 16.90 -25.00 25.33
N GLY H 331 16.61 -25.28 26.59
CA GLY H 331 15.62 -26.29 26.94
C GLY H 331 14.26 -26.00 26.32
N ALA H 332 13.80 -24.76 26.46
CA ALA H 332 12.52 -24.34 25.90
C ALA H 332 12.53 -24.41 24.38
N HIS H 333 13.67 -24.09 23.77
CA HIS H 333 13.77 -24.16 22.32
C HIS H 333 13.71 -25.61 21.83
N PHE H 334 14.29 -26.52 22.59
CA PHE H 334 14.28 -27.93 22.21
C PHE H 334 13.06 -28.67 22.74
N GLY H 335 12.23 -27.97 23.52
CA GLY H 335 11.00 -28.54 24.02
C GLY H 335 11.18 -29.61 25.08
N THR H 336 12.21 -29.44 25.92
CA THR H 336 12.49 -30.43 26.96
C THR H 336 11.66 -30.19 28.22
#